data_6POV
#
_entry.id   6POV
#
_cell.length_a   59.824
_cell.length_b   152.959
_cell.length_c   108.988
_cell.angle_alpha   90.00
_cell.angle_beta   90.80
_cell.angle_gamma   90.00
#
_symmetry.space_group_name_H-M   'P 1 21 1'
#
loop_
_entity.id
_entity.type
_entity.pdbx_description
1 polymer 'Nitric oxide synthase, endothelial'
2 non-polymer 'PROTOPORPHYRIN IX CONTAINING FE'
3 non-polymer 5,6,7,8-TETRAHYDROBIOPTERIN
4 non-polymer 7-[3-(aminomethyl)phenyl]-4-methylquinolin-2-amine
5 non-polymer 2-[BIS-(2-HYDROXY-ETHYL)-AMINO]-2-HYDROXYMETHYL-PROPANE-1,3-DIOL
6 non-polymer 'ZINC ION'
7 non-polymer 'ACETATE ION'
8 non-polymer GLYCEROL
9 non-polymer 'GADOLINIUM ATOM'
10 water water
#
_entity_poly.entity_id   1
_entity_poly.type   'polypeptide(L)'
_entity_poly.pdbx_seq_one_letter_code
;APASLLPPAPEHSPPSSPLTQPPEGPKFPRVKNWEVGSITYDTLSAQAQQDGPCTPRRCLGSLVFPRKLQGRPSPGPPAP
EQLLSQARDFINQYYSSIKRSGSQAHEQRLQEVEAEVAATGTYQLRESELVFGAKQAWRNAPRCVGRIQWGKLQVFDARD
CRSAQEMFTYICNHIKYATNRGNLRSAITVFPQRCPGRGDFRIWNSQLVRYAGYRQQDGSVRGDPANVEITELCIQHGWT
PGNGRFDVLPLLLQAPDEPPELFLLPPELVLEVPLEHPTLEWFAALGLRWYALPAVSNMLLEIGGLEFPAAPFSGWYMST
EIGTRNLCDPHRYNILEDVAVCMDLDTRTTSSLWKDKAAVEINVAVLHSYQLAKVTIVDHHAATASFMKHLENEQKARGG
CPADWAWIVPPISGSLTPVFHQEMVNYFLSPAFRYQPDPW
;
_entity_poly.pdbx_strand_id   A,B,C,D
#
loop_
_chem_comp.id
_chem_comp.type
_chem_comp.name
_chem_comp.formula
ACT non-polymer 'ACETATE ION' 'C2 H3 O2 -1'
BTB non-polymer 2-[BIS-(2-HYDROXY-ETHYL)-AMINO]-2-HYDROXYMETHYL-PROPANE-1,3-DIOL 'C8 H19 N O5'
GD non-polymer 'GADOLINIUM ATOM' Gd
GOL non-polymer GLYCEROL 'C3 H8 O3'
H4B non-polymer 5,6,7,8-TETRAHYDROBIOPTERIN 'C9 H15 N5 O3'
HEM non-polymer 'PROTOPORPHYRIN IX CONTAINING FE' 'C34 H32 Fe N4 O4'
OUG non-polymer 7-[3-(aminomethyl)phenyl]-4-methylquinolin-2-amine 'C17 H17 N3'
ZN non-polymer 'ZINC ION' 'Zn 2'
#
# COMPACT_ATOMS: atom_id res chain seq x y z
N PHE A 28 -35.00 -41.56 -8.19
CA PHE A 28 -35.05 -40.83 -6.93
C PHE A 28 -33.68 -40.74 -6.27
N PRO A 29 -33.07 -39.56 -6.31
CA PRO A 29 -31.71 -39.38 -5.79
C PRO A 29 -31.63 -39.71 -4.30
N ARG A 30 -30.63 -40.50 -3.94
CA ARG A 30 -30.31 -40.81 -2.55
C ARG A 30 -29.36 -39.75 -2.02
N VAL A 31 -29.67 -39.20 -0.86
CA VAL A 31 -28.97 -38.05 -0.31
C VAL A 31 -28.57 -38.38 1.11
N LYS A 32 -27.29 -38.21 1.41
CA LYS A 32 -26.73 -38.63 2.68
C LYS A 32 -26.20 -37.43 3.46
N ASN A 33 -26.41 -37.45 4.78
CA ASN A 33 -25.75 -36.53 5.69
C ASN A 33 -24.55 -37.25 6.32
N TRP A 34 -23.34 -36.81 5.97
CA TRP A 34 -22.14 -37.52 6.37
C TRP A 34 -21.77 -37.31 7.83
N GLU A 35 -22.32 -36.28 8.47
CA GLU A 35 -22.08 -36.08 9.90
C GLU A 35 -22.93 -37.04 10.72
N VAL A 36 -24.21 -37.19 10.37
CA VAL A 36 -25.11 -38.02 11.15
C VAL A 36 -25.17 -39.46 10.64
N GLY A 37 -25.05 -39.65 9.33
CA GLY A 37 -25.24 -40.94 8.70
C GLY A 37 -26.63 -41.15 8.14
N SER A 38 -27.53 -40.20 8.33
CA SER A 38 -28.91 -40.35 7.89
C SER A 38 -29.00 -40.31 6.37
N ILE A 39 -30.03 -40.99 5.85
CA ILE A 39 -30.31 -41.09 4.43
C ILE A 39 -31.75 -40.65 4.19
N THR A 40 -31.95 -39.77 3.21
CA THR A 40 -33.29 -39.50 2.67
C THR A 40 -33.26 -39.66 1.16
N TYR A 41 -34.46 -39.74 0.58
CA TYR A 41 -34.63 -39.77 -0.87
C TYR A 41 -35.42 -38.53 -1.30
N ASP A 42 -34.91 -37.82 -2.30
CA ASP A 42 -35.54 -36.61 -2.81
C ASP A 42 -36.51 -37.01 -3.91
N THR A 43 -37.77 -37.23 -3.54
CA THR A 43 -38.79 -37.55 -4.52
C THR A 43 -39.38 -36.30 -5.16
N LEU A 44 -39.13 -35.12 -4.59
CA LEU A 44 -39.65 -33.87 -5.14
C LEU A 44 -38.92 -33.44 -6.41
N SER A 45 -37.63 -33.79 -6.55
CA SER A 45 -36.90 -33.42 -7.76
C SER A 45 -37.59 -33.94 -9.02
N ALA A 46 -38.31 -35.07 -8.90
CA ALA A 46 -39.02 -35.62 -10.05
C ALA A 46 -39.95 -34.60 -10.69
N GLN A 47 -40.49 -33.67 -9.90
CA GLN A 47 -41.45 -32.69 -10.38
C GLN A 47 -40.80 -31.39 -10.83
N ALA A 48 -39.49 -31.40 -11.09
CA ALA A 48 -38.81 -30.17 -11.47
C ALA A 48 -39.33 -29.71 -12.82
N GLN A 49 -39.87 -28.49 -12.85
CA GLN A 49 -40.44 -27.89 -14.05
C GLN A 49 -39.41 -27.78 -15.17
N GLN A 50 -38.57 -26.73 -15.09
CA GLN A 50 -37.68 -26.40 -16.19
C GLN A 50 -36.37 -27.17 -16.01
N ASP A 51 -35.38 -26.87 -16.86
CA ASP A 51 -34.14 -27.62 -16.93
C ASP A 51 -32.96 -26.74 -16.55
N GLY A 52 -32.08 -27.26 -15.71
CA GLY A 52 -30.87 -26.57 -15.32
C GLY A 52 -29.72 -26.82 -16.28
N PRO A 53 -28.51 -26.38 -15.89
CA PRO A 53 -27.39 -26.35 -16.84
C PRO A 53 -26.62 -27.66 -17.00
N CYS A 54 -26.84 -28.65 -16.15
CA CYS A 54 -25.95 -29.80 -16.05
C CYS A 54 -26.39 -30.89 -17.03
N THR A 55 -25.44 -31.71 -17.46
CA THR A 55 -25.73 -32.90 -18.26
C THR A 55 -24.93 -34.06 -17.71
N PRO A 56 -25.26 -35.30 -18.12
CA PRO A 56 -24.41 -36.45 -17.76
C PRO A 56 -22.96 -36.25 -18.16
N ARG A 57 -22.70 -35.42 -19.18
CA ARG A 57 -21.32 -35.20 -19.62
C ARG A 57 -20.56 -34.28 -18.68
N ARG A 58 -21.22 -33.26 -18.12
CA ARG A 58 -20.47 -32.36 -17.24
C ARG A 58 -21.43 -31.59 -16.36
N CYS A 59 -20.96 -31.31 -15.16
CA CYS A 59 -21.69 -30.57 -14.15
C CYS A 59 -21.29 -29.09 -14.18
N LEU A 60 -22.28 -28.21 -14.28
CA LEU A 60 -22.10 -26.75 -14.28
C LEU A 60 -22.79 -26.12 -13.06
N GLY A 61 -22.93 -26.86 -11.97
CA GLY A 61 -23.59 -26.36 -10.77
C GLY A 61 -22.89 -25.19 -10.09
N SER A 62 -21.65 -24.88 -10.44
CA SER A 62 -20.98 -23.73 -9.85
C SER A 62 -21.13 -22.44 -10.64
N LEU A 63 -21.75 -22.48 -11.82
CA LEU A 63 -21.91 -21.25 -12.59
C LEU A 63 -22.97 -20.37 -11.92
N VAL A 64 -22.69 -19.08 -11.80
CA VAL A 64 -23.62 -18.17 -11.14
C VAL A 64 -24.88 -17.99 -11.98
N PHE A 65 -24.73 -17.65 -13.26
CA PHE A 65 -25.85 -17.57 -14.18
C PHE A 65 -25.76 -18.69 -15.19
N PRO A 66 -26.70 -19.63 -15.26
CA PRO A 66 -26.84 -20.42 -16.50
C PRO A 66 -26.95 -19.48 -17.69
N ARG A 67 -26.43 -19.92 -18.84
CA ARG A 67 -26.17 -19.01 -19.96
C ARG A 67 -27.45 -18.34 -20.50
N LYS A 68 -28.58 -18.58 -19.84
CA LYS A 68 -29.91 -18.11 -20.24
C LYS A 68 -30.02 -16.58 -20.34
N LEU A 69 -30.74 -15.97 -19.39
CA LEU A 69 -31.09 -14.54 -19.42
C LEU A 69 -31.80 -14.16 -20.73
N ALA A 79 -48.07 -17.62 -27.37
CA ALA A 79 -48.72 -18.93 -27.30
C ALA A 79 -49.65 -18.99 -26.09
N PRO A 80 -50.96 -18.99 -26.35
CA PRO A 80 -51.92 -19.22 -25.26
C PRO A 80 -51.81 -20.60 -24.64
N GLU A 81 -51.46 -21.62 -25.43
CA GLU A 81 -51.33 -22.97 -24.88
C GLU A 81 -50.19 -23.06 -23.87
N GLN A 82 -49.12 -22.32 -24.12
CA GLN A 82 -48.02 -22.27 -23.14
C GLN A 82 -48.47 -21.66 -21.82
N LEU A 83 -49.24 -20.57 -21.91
CA LEU A 83 -49.66 -19.86 -20.70
C LEU A 83 -50.65 -20.69 -19.88
N LEU A 84 -51.65 -21.28 -20.56
CA LEU A 84 -52.68 -22.02 -19.85
C LEU A 84 -52.11 -23.21 -19.09
N SER A 85 -51.15 -23.91 -19.68
CA SER A 85 -50.64 -25.11 -19.03
C SER A 85 -49.88 -24.75 -17.77
N GLN A 86 -49.07 -23.69 -17.80
CA GLN A 86 -48.44 -23.19 -16.58
C GLN A 86 -49.49 -22.71 -15.58
N ALA A 87 -50.51 -21.99 -16.06
CA ALA A 87 -51.56 -21.52 -15.17
C ALA A 87 -52.31 -22.70 -14.54
N ARG A 88 -52.54 -23.76 -15.32
CA ARG A 88 -53.21 -24.94 -14.81
C ARG A 88 -52.44 -25.56 -13.66
N ASP A 89 -51.13 -25.78 -13.87
CA ASP A 89 -50.31 -26.44 -12.86
C ASP A 89 -50.30 -25.65 -11.55
N PHE A 90 -50.23 -24.33 -11.65
CA PHE A 90 -50.21 -23.51 -10.44
C PHE A 90 -51.55 -23.54 -9.71
N ILE A 91 -52.68 -23.48 -10.44
CA ILE A 91 -53.98 -23.51 -9.76
C ILE A 91 -54.14 -24.83 -9.02
N ASN A 92 -53.67 -25.92 -9.63
CA ASN A 92 -53.72 -27.22 -8.99
C ASN A 92 -52.81 -27.27 -7.78
N GLN A 93 -51.61 -26.70 -7.89
CA GLN A 93 -50.74 -26.51 -6.73
C GLN A 93 -51.51 -25.85 -5.59
N TYR A 94 -52.07 -24.67 -5.87
CA TYR A 94 -52.76 -23.88 -4.86
C TYR A 94 -53.88 -24.69 -4.19
N TYR A 95 -54.82 -25.22 -4.98
CA TYR A 95 -55.98 -25.87 -4.38
C TYR A 95 -55.58 -27.13 -3.63
N SER A 96 -54.57 -27.85 -4.11
CA SER A 96 -54.04 -28.98 -3.36
CA SER A 96 -54.03 -28.97 -3.36
C SER A 96 -53.47 -28.52 -2.02
N SER A 97 -52.76 -27.40 -2.01
CA SER A 97 -52.16 -26.84 -0.80
C SER A 97 -53.19 -26.31 0.20
N ILE A 98 -54.45 -26.17 -0.18
CA ILE A 98 -55.46 -25.79 0.80
C ILE A 98 -56.49 -26.88 0.99
N LYS A 99 -56.16 -28.10 0.54
CA LYS A 99 -56.99 -29.28 0.73
C LYS A 99 -58.36 -29.13 0.07
N ARG A 100 -58.38 -28.49 -1.10
CA ARG A 100 -59.60 -28.26 -1.86
C ARG A 100 -59.46 -28.68 -3.31
N SER A 101 -58.54 -29.59 -3.62
CA SER A 101 -58.36 -30.01 -5.00
C SER A 101 -59.55 -30.84 -5.45
N GLY A 102 -59.90 -30.71 -6.73
CA GLY A 102 -61.09 -31.35 -7.28
C GLY A 102 -62.41 -30.80 -6.78
N SER A 103 -62.39 -29.90 -5.80
CA SER A 103 -63.61 -29.35 -5.23
C SER A 103 -64.31 -28.45 -6.23
N GLN A 104 -65.48 -27.93 -5.82
CA GLN A 104 -66.23 -27.00 -6.65
C GLN A 104 -65.40 -25.74 -6.93
N ALA A 105 -64.83 -25.14 -5.88
CA ALA A 105 -64.04 -23.93 -6.06
C ALA A 105 -62.85 -24.17 -7.00
N HIS A 106 -62.29 -25.38 -7.00
CA HIS A 106 -61.17 -25.69 -7.89
C HIS A 106 -61.61 -25.62 -9.34
N GLU A 107 -62.66 -26.35 -9.69
CA GLU A 107 -63.07 -26.45 -11.10
C GLU A 107 -63.52 -25.10 -11.63
N GLN A 108 -64.00 -24.22 -10.76
CA GLN A 108 -64.49 -22.92 -11.22
C GLN A 108 -63.34 -21.99 -11.53
N ARG A 109 -62.33 -21.95 -10.67
CA ARG A 109 -61.16 -21.11 -10.94
C ARG A 109 -60.45 -21.55 -12.23
N LEU A 110 -60.40 -22.85 -12.49
CA LEU A 110 -59.82 -23.34 -13.74
C LEU A 110 -60.53 -22.73 -14.96
N GLN A 111 -61.85 -22.89 -15.02
CA GLN A 111 -62.60 -22.37 -16.15
C GLN A 111 -62.56 -20.85 -16.19
N GLU A 112 -62.47 -20.20 -15.03
CA GLU A 112 -62.34 -18.75 -15.01
C GLU A 112 -61.07 -18.31 -15.73
N VAL A 113 -59.95 -18.97 -15.45
CA VAL A 113 -58.68 -18.59 -16.08
C VAL A 113 -58.73 -18.83 -17.59
N GLU A 114 -59.21 -20.00 -18.02
CA GLU A 114 -59.37 -20.28 -19.44
C GLU A 114 -60.05 -19.12 -20.16
N ALA A 115 -61.16 -18.64 -19.60
CA ALA A 115 -61.93 -17.59 -20.25
C ALA A 115 -61.17 -16.27 -20.28
N GLU A 116 -60.43 -15.97 -19.20
CA GLU A 116 -59.72 -14.70 -19.09
C GLU A 116 -58.58 -14.61 -20.11
N VAL A 117 -57.87 -15.70 -20.37
CA VAL A 117 -56.80 -15.65 -21.37
C VAL A 117 -57.38 -15.62 -22.77
N ALA A 118 -58.50 -16.33 -23.00
CA ALA A 118 -59.15 -16.29 -24.31
C ALA A 118 -59.58 -14.87 -24.66
N ALA A 119 -60.08 -14.12 -23.68
CA ALA A 119 -60.49 -12.73 -23.91
C ALA A 119 -59.33 -11.73 -23.85
N THR A 120 -58.36 -11.94 -22.95
CA THR A 120 -57.33 -10.92 -22.69
C THR A 120 -55.95 -11.27 -23.22
N GLY A 121 -55.64 -12.56 -23.44
CA GLY A 121 -54.30 -12.99 -23.71
C GLY A 121 -53.51 -13.32 -22.46
N THR A 122 -53.99 -12.87 -21.30
CA THR A 122 -53.37 -13.14 -20.02
C THR A 122 -54.50 -13.38 -19.03
N TYR A 123 -54.17 -13.43 -17.73
CA TYR A 123 -55.18 -13.53 -16.70
C TYR A 123 -54.64 -12.91 -15.43
N GLN A 124 -55.55 -12.65 -14.48
CA GLN A 124 -55.22 -12.00 -13.22
C GLN A 124 -55.20 -13.00 -12.07
N LEU A 125 -54.26 -12.82 -11.16
CA LEU A 125 -54.19 -13.64 -9.96
C LEU A 125 -55.11 -13.09 -8.86
N ARG A 126 -55.84 -13.99 -8.19
CA ARG A 126 -56.50 -13.63 -6.94
C ARG A 126 -55.46 -13.25 -5.90
N GLU A 127 -55.84 -12.33 -5.00
CA GLU A 127 -54.89 -11.82 -4.01
C GLU A 127 -54.29 -12.95 -3.18
N SER A 128 -55.09 -13.97 -2.88
CA SER A 128 -54.58 -15.09 -2.10
C SER A 128 -53.62 -15.93 -2.94
N GLU A 129 -53.96 -16.18 -4.21
CA GLU A 129 -53.05 -16.85 -5.12
C GLU A 129 -51.72 -16.10 -5.21
N LEU A 130 -51.77 -14.76 -5.21
CA LEU A 130 -50.53 -13.98 -5.25
C LEU A 130 -49.71 -14.19 -3.98
N VAL A 131 -50.36 -14.18 -2.81
CA VAL A 131 -49.65 -14.46 -1.57
C VAL A 131 -49.00 -15.83 -1.62
N PHE A 132 -49.80 -16.84 -1.96
CA PHE A 132 -49.30 -18.21 -2.01
C PHE A 132 -48.12 -18.34 -2.98
N GLY A 133 -48.24 -17.75 -4.18
CA GLY A 133 -47.19 -17.86 -5.17
C GLY A 133 -45.89 -17.20 -4.73
N ALA A 134 -46.00 -16.01 -4.13
CA ALA A 134 -44.81 -15.32 -3.62
C ALA A 134 -44.08 -16.16 -2.59
N LYS A 135 -44.82 -16.73 -1.61
CA LYS A 135 -44.17 -17.54 -0.58
C LYS A 135 -43.54 -18.79 -1.16
N GLN A 136 -44.23 -19.41 -2.13
CA GLN A 136 -43.69 -20.60 -2.81
C GLN A 136 -42.40 -20.29 -3.52
N ALA A 137 -42.37 -19.18 -4.27
CA ALA A 137 -41.17 -18.78 -4.97
C ALA A 137 -39.98 -18.65 -4.02
N TRP A 138 -40.19 -18.03 -2.86
CA TRP A 138 -39.16 -18.03 -1.82
C TRP A 138 -38.82 -19.45 -1.38
N ARG A 139 -39.85 -20.23 -1.06
CA ARG A 139 -39.66 -21.60 -0.60
C ARG A 139 -38.86 -22.42 -1.62
N ASN A 140 -39.03 -22.13 -2.90
CA ASN A 140 -38.35 -22.90 -3.93
C ASN A 140 -37.00 -22.33 -4.32
N ALA A 141 -36.56 -21.24 -3.71
CA ALA A 141 -35.29 -20.62 -4.05
C ALA A 141 -34.12 -21.49 -3.60
N PRO A 142 -33.39 -22.13 -4.52
CA PRO A 142 -32.40 -23.13 -4.09
C PRO A 142 -31.23 -22.52 -3.35
N ARG A 143 -30.92 -21.27 -3.59
CA ARG A 143 -29.72 -20.65 -3.05
C ARG A 143 -29.95 -19.88 -1.74
N CYS A 144 -31.16 -19.88 -1.20
CA CYS A 144 -31.47 -19.12 0.01
C CYS A 144 -31.38 -20.02 1.23
N VAL A 145 -30.46 -19.68 2.16
CA VAL A 145 -30.32 -20.40 3.43
C VAL A 145 -31.34 -19.97 4.48
N GLY A 146 -32.13 -18.93 4.20
CA GLY A 146 -33.03 -18.39 5.20
C GLY A 146 -34.44 -18.91 5.10
N ARG A 147 -34.63 -20.02 4.38
CA ARG A 147 -35.99 -20.45 4.03
C ARG A 147 -36.79 -21.01 5.20
N ILE A 148 -36.19 -21.24 6.37
CA ILE A 148 -36.98 -21.64 7.53
C ILE A 148 -38.14 -20.66 7.77
N GLN A 149 -37.99 -19.42 7.31
CA GLN A 149 -38.92 -18.32 7.51
C GLN A 149 -39.99 -18.21 6.44
N TRP A 150 -40.01 -19.13 5.47
CA TRP A 150 -40.74 -18.89 4.22
C TRP A 150 -42.22 -18.63 4.42
N GLY A 151 -42.83 -19.23 5.45
CA GLY A 151 -44.24 -18.98 5.69
C GLY A 151 -44.58 -17.57 6.15
N LYS A 152 -43.61 -16.82 6.69
CA LYS A 152 -43.84 -15.49 7.27
C LYS A 152 -43.30 -14.45 6.30
N LEU A 153 -44.15 -14.01 5.37
CA LEU A 153 -43.77 -13.05 4.35
C LEU A 153 -44.92 -12.08 4.15
N GLN A 154 -44.63 -10.79 4.22
CA GLN A 154 -45.64 -9.76 4.04
C GLN A 154 -45.67 -9.41 2.55
N VAL A 155 -46.79 -9.72 1.90
CA VAL A 155 -46.96 -9.47 0.47
C VAL A 155 -47.71 -8.17 0.31
N PHE A 156 -47.10 -7.21 -0.39
CA PHE A 156 -47.72 -5.91 -0.64
C PHE A 156 -48.12 -5.85 -2.11
N ASP A 157 -49.43 -5.80 -2.36
CA ASP A 157 -49.99 -5.85 -3.70
C ASP A 157 -50.00 -4.45 -4.31
N ALA A 158 -49.08 -4.22 -5.25
CA ALA A 158 -48.96 -2.95 -5.96
C ALA A 158 -49.35 -3.07 -7.43
N ARG A 159 -50.21 -4.03 -7.76
CA ARG A 159 -50.51 -4.29 -9.17
C ARG A 159 -51.32 -3.19 -9.82
N ASP A 160 -51.78 -2.20 -9.05
CA ASP A 160 -52.53 -1.06 -9.59
C ASP A 160 -51.65 0.17 -9.75
N CYS A 161 -50.35 -0.01 -9.91
CA CYS A 161 -49.41 1.11 -9.97
C CYS A 161 -49.38 1.70 -11.37
N ARG A 162 -49.36 3.03 -11.44
CA ARG A 162 -49.48 3.75 -12.71
C ARG A 162 -48.20 4.48 -13.10
N SER A 163 -47.62 5.27 -12.20
CA SER A 163 -46.47 6.10 -12.52
C SER A 163 -45.26 5.68 -11.69
N ALA A 164 -44.09 6.21 -12.09
CA ALA A 164 -42.87 5.98 -11.33
C ALA A 164 -42.91 6.65 -9.96
N GLN A 165 -43.61 7.79 -9.85
CA GLN A 165 -43.78 8.41 -8.54
C GLN A 165 -44.59 7.51 -7.61
N GLU A 166 -45.59 6.82 -8.17
CA GLU A 166 -46.36 5.87 -7.36
C GLU A 166 -45.52 4.65 -7.01
N MET A 167 -44.69 4.20 -7.95
CA MET A 167 -43.69 3.17 -7.66
C MET A 167 -42.83 3.59 -6.47
N PHE A 168 -42.36 4.83 -6.47
CA PHE A 168 -41.51 5.31 -5.37
C PHE A 168 -42.26 5.33 -4.04
N THR A 169 -43.58 5.54 -4.07
CA THR A 169 -44.38 5.50 -2.84
C THR A 169 -44.51 4.07 -2.31
N TYR A 170 -44.92 3.13 -3.16
CA TYR A 170 -44.94 1.72 -2.77
C TYR A 170 -43.59 1.27 -2.22
N ILE A 171 -42.50 1.70 -2.83
CA ILE A 171 -41.18 1.27 -2.38
C ILE A 171 -40.89 1.81 -0.99
N CYS A 172 -41.10 3.11 -0.79
CA CYS A 172 -40.82 3.70 0.52
C CYS A 172 -41.68 3.10 1.62
N ASN A 173 -42.90 2.67 1.29
CA ASN A 173 -43.72 2.00 2.30
C ASN A 173 -43.16 0.63 2.64
N HIS A 174 -42.77 -0.14 1.61
CA HIS A 174 -42.06 -1.39 1.84
C HIS A 174 -40.89 -1.17 2.78
N ILE A 175 -40.03 -0.21 2.46
CA ILE A 175 -38.81 -0.04 3.25
C ILE A 175 -39.13 0.26 4.71
N LYS A 176 -40.10 1.16 4.98
CA LYS A 176 -40.45 1.48 6.36
C LYS A 176 -41.03 0.26 7.07
N TYR A 177 -41.97 -0.45 6.44
CA TYR A 177 -42.48 -1.67 7.05
C TYR A 177 -41.38 -2.70 7.28
N ALA A 178 -40.52 -2.93 6.27
CA ALA A 178 -39.54 -4.01 6.41
C ALA A 178 -38.49 -3.67 7.46
N THR A 179 -38.10 -2.40 7.52
CA THR A 179 -37.09 -2.00 8.49
C THR A 179 -37.66 -2.06 9.91
N ASN A 180 -38.75 -1.34 10.16
CA ASN A 180 -39.49 -1.46 11.42
C ASN A 180 -38.58 -1.11 12.60
N ARG A 181 -37.81 -0.04 12.44
CA ARG A 181 -36.93 0.48 13.49
C ARG A 181 -35.82 -0.50 13.86
N GLY A 182 -35.55 -1.48 13.00
CA GLY A 182 -34.50 -2.43 13.25
C GLY A 182 -34.97 -3.82 13.61
N ASN A 183 -36.26 -4.00 13.90
CA ASN A 183 -36.80 -5.34 14.10
C ASN A 183 -37.29 -5.83 12.74
N LEU A 184 -36.36 -6.37 11.96
CA LEU A 184 -36.62 -6.56 10.54
C LEU A 184 -37.75 -7.57 10.30
N ARG A 185 -38.54 -7.31 9.27
CA ARG A 185 -39.68 -8.14 8.88
C ARG A 185 -39.59 -8.43 7.39
N SER A 186 -39.80 -9.69 7.04
CA SER A 186 -39.72 -10.11 5.64
C SER A 186 -40.91 -9.58 4.86
N ALA A 187 -40.66 -9.24 3.59
CA ALA A 187 -41.70 -8.60 2.80
C ALA A 187 -41.33 -8.63 1.31
N ILE A 188 -42.35 -8.57 0.47
CA ILE A 188 -42.20 -8.38 -0.98
C ILE A 188 -43.33 -7.45 -1.42
N THR A 189 -43.02 -6.61 -2.41
CA THR A 189 -44.03 -5.79 -3.07
C THR A 189 -44.07 -6.14 -4.55
N VAL A 190 -45.26 -6.43 -5.07
CA VAL A 190 -45.45 -6.93 -6.42
C VAL A 190 -46.04 -5.81 -7.27
N PHE A 191 -45.29 -5.36 -8.28
CA PHE A 191 -45.75 -4.36 -9.24
C PHE A 191 -46.42 -5.04 -10.43
N PRO A 192 -47.05 -4.29 -11.34
CA PRO A 192 -47.89 -4.94 -12.36
C PRO A 192 -47.13 -5.95 -13.21
N GLN A 193 -47.82 -7.04 -13.54
CA GLN A 193 -47.27 -8.07 -14.40
C GLN A 193 -46.97 -7.52 -15.78
N ARG A 194 -45.85 -7.94 -16.36
CA ARG A 194 -45.61 -7.72 -17.77
C ARG A 194 -46.79 -8.24 -18.58
N CYS A 195 -47.16 -7.50 -19.62
CA CYS A 195 -48.14 -7.97 -20.58
C CYS A 195 -47.72 -7.50 -21.95
N PRO A 196 -48.13 -8.20 -23.01
CA PRO A 196 -47.73 -7.80 -24.36
C PRO A 196 -48.31 -6.45 -24.74
N GLY A 197 -47.54 -5.71 -25.55
CA GLY A 197 -47.97 -4.43 -26.06
C GLY A 197 -47.48 -3.23 -25.26
N ARG A 198 -46.93 -3.45 -24.07
CA ARG A 198 -46.44 -2.36 -23.23
C ARG A 198 -45.16 -2.79 -22.55
N GLY A 199 -44.31 -1.80 -22.27
CA GLY A 199 -43.07 -2.06 -21.55
C GLY A 199 -43.30 -2.37 -20.09
N ASP A 200 -42.32 -3.01 -19.48
CA ASP A 200 -42.46 -3.49 -18.11
C ASP A 200 -42.15 -2.39 -17.10
N PHE A 201 -42.64 -2.59 -15.88
CA PHE A 201 -42.08 -1.86 -14.75
C PHE A 201 -40.72 -2.44 -14.41
N ARG A 202 -39.75 -1.59 -14.12
CA ARG A 202 -38.41 -2.05 -13.75
C ARG A 202 -37.82 -1.15 -12.68
N ILE A 203 -37.19 -1.76 -11.70
CA ILE A 203 -36.27 -1.06 -10.82
C ILE A 203 -34.86 -1.30 -11.36
N TRP A 204 -34.21 -0.22 -11.79
CA TRP A 204 -32.90 -0.37 -12.41
C TRP A 204 -31.82 -0.75 -11.40
N ASN A 205 -31.95 -0.33 -10.15
CA ASN A 205 -30.98 -0.70 -9.14
C ASN A 205 -31.09 -2.18 -8.83
N SER A 206 -29.96 -2.81 -8.55
CA SER A 206 -29.97 -4.22 -8.19
C SER A 206 -30.52 -4.43 -6.78
N GLN A 207 -30.37 -3.43 -5.92
CA GLN A 207 -31.01 -3.40 -4.60
C GLN A 207 -31.54 -2.01 -4.33
N LEU A 208 -32.53 -1.92 -3.44
CA LEU A 208 -33.09 -0.63 -3.08
C LEU A 208 -32.07 0.24 -2.36
N VAL A 209 -31.16 -0.37 -1.60
CA VAL A 209 -30.10 0.34 -0.90
C VAL A 209 -28.77 -0.17 -1.43
N ARG A 210 -27.98 0.74 -1.99
CA ARG A 210 -26.70 0.44 -2.63
C ARG A 210 -25.79 1.66 -2.47
N TYR A 211 -24.54 1.43 -2.07
CA TYR A 211 -23.56 2.51 -1.98
C TYR A 211 -22.94 2.78 -3.35
N ALA A 212 -22.65 4.06 -3.62
CA ALA A 212 -22.11 4.42 -4.91
C ALA A 212 -20.69 3.88 -5.09
N GLY A 213 -20.31 3.73 -6.34
CA GLY A 213 -18.96 3.35 -6.69
C GLY A 213 -18.41 4.29 -7.73
N TYR A 214 -17.38 5.05 -7.35
CA TYR A 214 -16.87 6.15 -8.16
C TYR A 214 -15.60 5.70 -8.85
N ARG A 215 -15.65 5.57 -10.18
CA ARG A 215 -14.45 5.33 -10.97
C ARG A 215 -13.44 6.45 -10.74
N GLN A 216 -12.23 6.09 -10.36
CA GLN A 216 -11.22 7.08 -10.02
C GLN A 216 -10.20 7.22 -11.14
N GLN A 217 -9.46 8.33 -11.08
CA GLN A 217 -8.51 8.67 -12.12
C GLN A 217 -7.38 7.66 -12.20
N ASP A 218 -6.91 7.17 -11.05
CA ASP A 218 -5.81 6.21 -11.02
C ASP A 218 -6.31 4.79 -11.22
N GLY A 219 -7.43 4.63 -11.96
CA GLY A 219 -7.97 3.34 -12.29
C GLY A 219 -8.85 2.72 -11.21
N SER A 220 -8.56 3.05 -9.95
CA SER A 220 -9.21 2.39 -8.81
C SER A 220 -10.67 2.82 -8.70
N VAL A 221 -11.28 2.46 -7.57
CA VAL A 221 -12.69 2.78 -7.30
C VAL A 221 -12.81 3.23 -5.85
N ARG A 222 -13.51 4.35 -5.65
CA ARG A 222 -13.93 4.80 -4.33
C ARG A 222 -15.41 4.47 -4.18
N GLY A 223 -15.75 3.75 -3.11
CA GLY A 223 -17.08 3.21 -2.97
C GLY A 223 -17.16 1.72 -3.24
N ASP A 224 -18.33 1.25 -3.65
CA ASP A 224 -18.59 -0.16 -3.85
C ASP A 224 -18.35 -0.48 -5.33
N PRO A 225 -17.34 -1.29 -5.66
CA PRO A 225 -17.08 -1.59 -7.07
C PRO A 225 -18.25 -2.25 -7.77
N ALA A 226 -19.09 -2.98 -7.05
CA ALA A 226 -20.20 -3.66 -7.71
C ALA A 226 -21.15 -2.68 -8.38
N ASN A 227 -21.15 -1.43 -7.93
CA ASN A 227 -22.18 -0.47 -8.36
C ASN A 227 -21.63 0.63 -9.26
N VAL A 228 -20.49 0.40 -9.90
CA VAL A 228 -19.92 1.42 -10.78
C VAL A 228 -20.84 1.72 -11.95
N GLU A 229 -21.48 0.69 -12.50
CA GLU A 229 -22.34 0.90 -13.68
C GLU A 229 -23.61 1.65 -13.30
N ILE A 230 -24.30 1.21 -12.24
CA ILE A 230 -25.53 1.89 -11.85
C ILE A 230 -25.22 3.31 -11.34
N THR A 231 -24.07 3.51 -10.71
CA THR A 231 -23.72 4.84 -10.21
C THR A 231 -23.56 5.83 -11.36
N GLU A 232 -23.03 5.38 -12.49
CA GLU A 232 -22.88 6.25 -13.64
C GLU A 232 -24.19 6.46 -14.39
N LEU A 233 -25.08 5.46 -14.37
CA LEU A 233 -26.43 5.67 -14.89
C LEU A 233 -27.16 6.74 -14.11
N CYS A 234 -27.05 6.70 -12.78
CA CYS A 234 -27.67 7.74 -11.95
C CYS A 234 -27.12 9.11 -12.28
N ILE A 235 -25.80 9.21 -12.42
CA ILE A 235 -25.17 10.48 -12.77
C ILE A 235 -25.64 10.94 -14.15
N GLN A 236 -25.66 10.03 -15.12
CA GLN A 236 -26.16 10.35 -16.46
C GLN A 236 -27.56 10.96 -16.37
N HIS A 237 -28.46 10.30 -15.66
CA HIS A 237 -29.85 10.73 -15.60
C HIS A 237 -30.08 11.86 -14.61
N GLY A 238 -29.01 12.47 -14.10
CA GLY A 238 -29.16 13.73 -13.39
C GLY A 238 -28.53 13.79 -12.02
N TRP A 239 -28.25 12.64 -11.41
CA TRP A 239 -27.88 12.64 -10.00
C TRP A 239 -26.53 13.31 -9.81
N THR A 240 -26.47 14.19 -8.82
CA THR A 240 -25.21 14.84 -8.47
C THR A 240 -24.44 13.94 -7.51
N PRO A 241 -23.26 13.47 -7.89
CA PRO A 241 -22.58 12.45 -7.08
C PRO A 241 -21.92 13.01 -5.84
N GLY A 242 -21.90 12.19 -4.79
CA GLY A 242 -21.07 12.45 -3.64
C GLY A 242 -19.64 12.06 -3.92
N ASN A 243 -18.85 12.02 -2.83
CA ASN A 243 -17.46 11.57 -2.94
C ASN A 243 -17.04 10.67 -1.79
N GLY A 244 -17.98 10.13 -1.00
CA GLY A 244 -17.65 9.23 0.08
C GLY A 244 -17.55 7.78 -0.38
N ARG A 245 -17.19 6.92 0.56
CA ARG A 245 -17.18 5.48 0.35
C ARG A 245 -18.52 4.82 0.60
N PHE A 246 -19.50 5.55 1.11
CA PHE A 246 -20.80 4.97 1.47
C PHE A 246 -21.92 5.95 1.14
N ASP A 247 -21.88 6.55 -0.04
CA ASP A 247 -22.98 7.41 -0.49
C ASP A 247 -24.10 6.51 -1.00
N VAL A 248 -25.26 6.58 -0.34
CA VAL A 248 -26.41 5.78 -0.77
C VAL A 248 -26.88 6.30 -2.11
N LEU A 249 -27.08 5.38 -3.06
CA LEU A 249 -27.47 5.76 -4.41
C LEU A 249 -28.94 6.14 -4.46
N PRO A 250 -29.33 6.93 -5.45
CA PRO A 250 -30.76 7.13 -5.73
C PRO A 250 -31.33 5.94 -6.48
N LEU A 251 -32.65 5.91 -6.56
CA LEU A 251 -33.39 4.85 -7.25
C LEU A 251 -33.73 5.30 -8.66
N LEU A 252 -33.39 4.48 -9.65
CA LEU A 252 -33.74 4.72 -11.05
C LEU A 252 -34.93 3.82 -11.38
N LEU A 253 -36.13 4.40 -11.34
CA LEU A 253 -37.36 3.66 -11.54
C LEU A 253 -37.92 3.93 -12.92
N GLN A 254 -38.42 2.87 -13.56
CA GLN A 254 -38.86 2.92 -14.96
C GLN A 254 -40.30 2.43 -15.02
N ALA A 255 -41.22 3.35 -15.33
CA ALA A 255 -42.60 3.01 -15.62
C ALA A 255 -42.71 2.48 -17.05
N PRO A 256 -43.83 1.86 -17.41
CA PRO A 256 -43.97 1.31 -18.77
C PRO A 256 -43.76 2.36 -19.87
N ASP A 257 -42.91 2.01 -20.83
CA ASP A 257 -42.66 2.81 -22.03
C ASP A 257 -42.23 4.23 -21.69
N GLU A 258 -41.42 4.36 -20.65
CA GLU A 258 -40.88 5.63 -20.18
C GLU A 258 -39.39 5.51 -19.95
N PRO A 259 -38.68 6.62 -19.99
CA PRO A 259 -37.32 6.64 -19.44
C PRO A 259 -37.33 6.48 -17.94
N PRO A 260 -36.24 5.98 -17.36
CA PRO A 260 -36.18 5.90 -15.89
C PRO A 260 -36.16 7.28 -15.28
N GLU A 261 -36.71 7.38 -14.07
CA GLU A 261 -36.78 8.61 -13.30
C GLU A 261 -35.97 8.45 -12.03
N LEU A 262 -35.16 9.45 -11.71
CA LEU A 262 -34.40 9.43 -10.46
C LEU A 262 -35.29 9.79 -9.28
N PHE A 263 -35.09 9.07 -8.18
CA PHE A 263 -35.76 9.36 -6.93
C PHE A 263 -34.74 9.22 -5.80
N LEU A 264 -34.79 10.14 -4.84
CA LEU A 264 -33.85 10.14 -3.73
C LEU A 264 -34.53 9.53 -2.51
N LEU A 265 -33.88 8.55 -1.91
CA LEU A 265 -34.41 7.98 -0.68
C LEU A 265 -34.25 8.97 0.45
N PRO A 266 -35.31 9.29 1.19
CA PRO A 266 -35.17 10.14 2.37
C PRO A 266 -34.19 9.54 3.36
N PRO A 267 -33.26 10.35 3.89
CA PRO A 267 -32.20 9.76 4.75
C PRO A 267 -32.74 9.03 5.96
N GLU A 268 -33.77 9.58 6.63
CA GLU A 268 -34.35 8.91 7.78
C GLU A 268 -34.99 7.57 7.42
N LEU A 269 -35.14 7.27 6.14
CA LEU A 269 -35.71 5.99 5.74
C LEU A 269 -34.69 4.87 5.66
N VAL A 270 -33.41 5.18 5.52
CA VAL A 270 -32.38 4.20 5.20
C VAL A 270 -31.55 3.95 6.47
N LEU A 271 -31.92 2.92 7.22
CA LEU A 271 -31.25 2.62 8.48
C LEU A 271 -29.89 2.02 8.21
N GLU A 272 -28.83 2.65 8.76
CA GLU A 272 -27.45 2.22 8.57
C GLU A 272 -26.80 1.89 9.90
N VAL A 273 -25.81 0.99 9.87
CA VAL A 273 -25.13 0.58 11.09
C VAL A 273 -23.66 0.95 10.99
N PRO A 274 -23.17 1.86 11.83
CA PRO A 274 -21.71 2.11 11.87
C PRO A 274 -21.02 0.96 12.56
N LEU A 275 -19.88 0.53 12.04
CA LEU A 275 -19.27 -0.72 12.46
C LEU A 275 -18.17 -0.45 13.49
N GLU A 276 -18.27 -1.14 14.63
CA GLU A 276 -17.27 -1.07 15.68
C GLU A 276 -17.00 -2.47 16.17
N HIS A 277 -15.87 -2.63 16.83
CA HIS A 277 -15.46 -3.94 17.33
C HIS A 277 -15.59 -3.96 18.84
N PRO A 278 -16.02 -5.07 19.44
CA PRO A 278 -16.22 -5.07 20.89
C PRO A 278 -14.95 -4.85 21.70
N THR A 279 -13.76 -5.10 21.16
CA THR A 279 -12.53 -4.95 21.94
C THR A 279 -11.40 -4.21 21.23
N LEU A 280 -11.39 -4.15 19.90
CA LEU A 280 -10.42 -3.38 19.10
C LEU A 280 -10.96 -1.96 18.95
N GLU A 281 -10.47 -1.03 19.78
CA GLU A 281 -11.03 0.32 19.82
C GLU A 281 -10.77 1.11 18.54
N TRP A 282 -9.71 0.79 17.81
CA TRP A 282 -9.41 1.48 16.55
C TRP A 282 -10.33 1.08 15.39
N PHE A 283 -11.10 0.00 15.52
CA PHE A 283 -11.91 -0.46 14.38
C PHE A 283 -12.95 0.59 14.00
N ALA A 284 -13.61 1.20 15.00
CA ALA A 284 -14.60 2.22 14.72
C ALA A 284 -14.03 3.32 13.83
N ALA A 285 -12.75 3.64 14.00
CA ALA A 285 -12.16 4.76 13.25
C ALA A 285 -11.96 4.42 11.79
N LEU A 286 -12.08 3.15 11.42
CA LEU A 286 -11.97 2.85 10.00
C LEU A 286 -13.13 3.42 9.21
N GLY A 287 -14.21 3.87 9.88
CA GLY A 287 -15.35 4.50 9.23
C GLY A 287 -16.22 3.56 8.44
N LEU A 288 -16.14 2.26 8.71
CA LEU A 288 -16.99 1.31 7.98
C LEU A 288 -18.43 1.40 8.46
N ARG A 289 -19.35 1.23 7.51
CA ARG A 289 -20.76 1.12 7.83
C ARG A 289 -21.39 0.14 6.85
N TRP A 290 -22.58 -0.35 7.20
CA TRP A 290 -23.43 -1.01 6.24
C TRP A 290 -24.89 -0.69 6.58
N TYR A 291 -25.79 -1.09 5.69
CA TYR A 291 -27.21 -0.79 5.83
C TYR A 291 -27.96 -2.00 6.37
N ALA A 292 -29.14 -1.72 6.93
CA ALA A 292 -29.90 -2.73 7.66
C ALA A 292 -30.66 -3.68 6.73
N LEU A 293 -31.16 -3.19 5.60
CA LEU A 293 -32.18 -3.91 4.85
C LEU A 293 -31.63 -4.53 3.57
N PRO A 294 -31.49 -5.88 3.48
CA PRO A 294 -31.13 -6.49 2.19
C PRO A 294 -32.37 -6.62 1.30
N ALA A 295 -32.52 -5.75 0.30
CA ALA A 295 -33.75 -5.71 -0.49
C ALA A 295 -33.37 -5.78 -1.98
N VAL A 296 -33.55 -6.97 -2.55
CA VAL A 296 -33.18 -7.23 -3.95
C VAL A 296 -34.32 -6.78 -4.86
N SER A 297 -33.95 -6.05 -5.92
CA SER A 297 -34.93 -5.36 -6.73
C SER A 297 -34.82 -5.61 -8.23
N ASN A 298 -33.89 -6.45 -8.68
CA ASN A 298 -33.70 -6.68 -10.11
C ASN A 298 -34.03 -8.10 -10.54
N MET A 299 -34.65 -8.89 -9.69
CA MET A 299 -35.07 -10.24 -10.07
C MET A 299 -36.54 -10.27 -10.47
N LEU A 300 -36.87 -11.25 -11.30
CA LEU A 300 -38.20 -11.42 -11.88
C LEU A 300 -38.93 -12.57 -11.17
N LEU A 301 -40.19 -12.31 -10.83
CA LEU A 301 -41.03 -13.28 -10.13
C LEU A 301 -41.99 -13.91 -11.14
N GLU A 302 -42.06 -15.24 -11.14
CA GLU A 302 -42.88 -16.01 -12.06
C GLU A 302 -43.87 -16.83 -11.26
N ILE A 303 -45.16 -16.72 -11.59
CA ILE A 303 -46.24 -17.43 -10.91
C ILE A 303 -47.22 -17.93 -11.97
N GLY A 304 -47.29 -19.25 -12.16
CA GLY A 304 -48.28 -19.84 -13.03
C GLY A 304 -48.34 -19.23 -14.41
N GLY A 305 -47.17 -19.05 -15.04
CA GLY A 305 -47.07 -18.45 -16.35
C GLY A 305 -46.97 -16.94 -16.37
N LEU A 306 -47.20 -16.28 -15.24
CA LEU A 306 -47.18 -14.82 -15.18
C LEU A 306 -45.82 -14.33 -14.69
N GLU A 307 -45.42 -13.14 -15.16
CA GLU A 307 -44.07 -12.66 -14.89
C GLU A 307 -44.11 -11.22 -14.38
N PHE A 308 -43.55 -11.00 -13.21
CA PHE A 308 -43.50 -9.65 -12.65
C PHE A 308 -42.07 -9.17 -12.62
N PRO A 309 -41.64 -8.36 -13.60
CA PRO A 309 -40.23 -7.95 -13.66
C PRO A 309 -39.84 -6.98 -12.56
N ALA A 310 -40.79 -6.43 -11.81
CA ALA A 310 -40.53 -5.57 -10.67
C ALA A 310 -41.32 -6.12 -9.48
N ALA A 311 -40.61 -6.77 -8.56
CA ALA A 311 -41.23 -7.34 -7.35
C ALA A 311 -40.18 -7.43 -6.25
N PRO A 312 -39.73 -6.29 -5.73
CA PRO A 312 -38.61 -6.31 -4.78
C PRO A 312 -39.01 -6.98 -3.47
N PHE A 313 -38.07 -7.75 -2.91
CA PHE A 313 -38.26 -8.47 -1.65
C PHE A 313 -37.08 -8.25 -0.72
N SER A 314 -37.31 -8.48 0.57
CA SER A 314 -36.29 -8.22 1.57
C SER A 314 -36.46 -9.14 2.77
N GLY A 315 -35.35 -9.45 3.42
CA GLY A 315 -35.38 -10.17 4.69
C GLY A 315 -34.53 -9.45 5.71
N TRP A 316 -33.57 -10.16 6.30
CA TRP A 316 -32.50 -9.53 7.06
C TRP A 316 -31.20 -10.24 6.70
N TYR A 317 -30.08 -9.67 7.14
CA TYR A 317 -28.78 -10.18 6.70
C TYR A 317 -28.30 -11.36 7.54
N MET A 318 -27.58 -12.26 6.87
CA MET A 318 -26.62 -13.12 7.56
C MET A 318 -25.30 -12.36 7.62
N SER A 319 -24.61 -12.46 8.76
CA SER A 319 -23.45 -11.59 9.00
C SER A 319 -22.33 -11.80 7.97
N THR A 320 -22.13 -13.05 7.52
CA THR A 320 -21.04 -13.27 6.56
C THR A 320 -21.31 -12.59 5.23
N GLU A 321 -22.57 -12.30 4.88
CA GLU A 321 -22.82 -11.55 3.65
C GLU A 321 -22.15 -10.19 3.71
N ILE A 322 -22.28 -9.53 4.86
CA ILE A 322 -21.69 -8.22 5.07
C ILE A 322 -20.20 -8.32 5.31
N GLY A 323 -19.80 -9.09 6.32
CA GLY A 323 -18.42 -9.05 6.78
C GLY A 323 -17.45 -9.78 5.86
N THR A 324 -17.88 -10.88 5.29
CA THR A 324 -16.98 -11.66 4.44
C THR A 324 -17.07 -11.27 2.97
N ARG A 325 -18.28 -11.27 2.41
CA ARG A 325 -18.36 -11.02 0.97
C ARG A 325 -18.29 -9.52 0.66
N ASN A 326 -19.14 -8.70 1.31
CA ASN A 326 -19.23 -7.31 0.86
C ASN A 326 -18.00 -6.50 1.25
N LEU A 327 -17.42 -6.77 2.42
CA LEU A 327 -16.26 -6.00 2.84
C LEU A 327 -14.94 -6.67 2.50
N CYS A 328 -14.89 -8.00 2.43
CA CYS A 328 -13.61 -8.68 2.24
C CYS A 328 -13.37 -9.25 0.85
N ASP A 329 -14.36 -9.26 -0.03
CA ASP A 329 -14.10 -9.77 -1.37
C ASP A 329 -13.07 -8.87 -2.05
N PRO A 330 -12.17 -9.45 -2.86
CA PRO A 330 -11.17 -8.64 -3.57
C PRO A 330 -11.78 -7.63 -4.52
N HIS A 331 -12.95 -7.94 -5.07
CA HIS A 331 -13.60 -7.07 -6.02
C HIS A 331 -14.72 -6.26 -5.38
N ARG A 332 -14.80 -6.24 -4.05
CA ARG A 332 -15.72 -5.36 -3.34
C ARG A 332 -14.92 -4.34 -2.52
N TYR A 333 -15.28 -4.08 -1.26
CA TYR A 333 -14.53 -3.09 -0.47
C TYR A 333 -13.11 -3.53 -0.18
N ASN A 334 -12.86 -4.83 -0.03
CA ASN A 334 -11.49 -5.38 -0.05
C ASN A 334 -10.64 -4.88 1.12
N ILE A 335 -11.22 -4.88 2.32
CA ILE A 335 -10.63 -4.21 3.48
C ILE A 335 -9.72 -5.13 4.28
N LEU A 336 -9.58 -6.38 3.83
CA LEU A 336 -8.90 -7.39 4.64
C LEU A 336 -7.50 -6.95 5.07
N GLU A 337 -6.68 -6.50 4.12
CA GLU A 337 -5.32 -6.17 4.48
C GLU A 337 -5.29 -4.96 5.42
N ASP A 338 -6.19 -4.00 5.19
CA ASP A 338 -6.33 -2.85 6.08
C ASP A 338 -6.53 -3.30 7.53
N VAL A 339 -7.48 -4.19 7.77
CA VAL A 339 -7.73 -4.67 9.12
C VAL A 339 -6.55 -5.46 9.66
N ALA A 340 -5.94 -6.29 8.81
CA ALA A 340 -4.78 -7.09 9.23
C ALA A 340 -3.62 -6.21 9.68
N VAL A 341 -3.38 -5.12 8.96
CA VAL A 341 -2.34 -4.18 9.35
C VAL A 341 -2.65 -3.56 10.73
N CYS A 342 -3.91 -3.20 10.96
CA CYS A 342 -4.25 -2.62 12.26
C CYS A 342 -4.11 -3.64 13.38
N MET A 343 -4.26 -4.92 13.08
CA MET A 343 -4.10 -5.95 14.09
C MET A 343 -2.64 -6.31 14.31
N ASP A 344 -1.73 -5.70 13.55
CA ASP A 344 -0.31 -6.04 13.58
C ASP A 344 -0.10 -7.54 13.29
N LEU A 345 -0.78 -8.02 12.27
CA LEU A 345 -0.57 -9.40 11.83
C LEU A 345 0.58 -9.46 10.83
N ASP A 346 1.20 -10.62 10.72
CA ASP A 346 2.29 -10.78 9.77
C ASP A 346 1.70 -11.03 8.39
N THR A 347 1.63 -9.98 7.58
CA THR A 347 1.08 -10.13 6.24
C THR A 347 2.11 -10.65 5.25
N ARG A 348 3.35 -10.88 5.67
CA ARG A 348 4.41 -11.27 4.73
C ARG A 348 4.23 -12.71 4.25
N THR A 349 3.62 -13.56 5.06
CA THR A 349 3.49 -14.97 4.72
C THR A 349 2.05 -15.43 4.89
N THR A 350 1.60 -16.29 3.95
CA THR A 350 0.22 -16.76 4.00
C THR A 350 0.00 -17.72 5.15
N SER A 351 1.04 -18.37 5.64
CA SER A 351 0.85 -19.39 6.65
C SER A 351 0.69 -18.83 8.05
N SER A 352 0.76 -17.51 8.25
CA SER A 352 0.28 -16.98 9.52
C SER A 352 -1.23 -16.92 9.59
N LEU A 353 -1.93 -17.20 8.48
CA LEU A 353 -3.39 -17.16 8.40
C LEU A 353 -3.93 -15.79 8.82
N TRP A 354 -3.19 -14.73 8.46
CA TRP A 354 -3.63 -13.38 8.77
C TRP A 354 -4.93 -13.03 8.05
N LYS A 355 -5.14 -13.61 6.88
CA LYS A 355 -6.39 -13.35 6.18
C LYS A 355 -7.55 -13.91 6.98
N ASP A 356 -7.34 -15.09 7.59
CA ASP A 356 -8.38 -15.75 8.37
C ASP A 356 -8.63 -15.03 9.69
N LYS A 357 -7.57 -14.59 10.36
CA LYS A 357 -7.77 -13.90 11.64
C LYS A 357 -8.46 -12.57 11.42
N ALA A 358 -8.08 -11.83 10.38
CA ALA A 358 -8.71 -10.54 10.12
C ALA A 358 -10.18 -10.73 9.74
N ALA A 359 -10.49 -11.76 8.95
CA ALA A 359 -11.86 -12.01 8.53
C ALA A 359 -12.76 -12.32 9.71
N VAL A 360 -12.26 -13.09 10.66
CA VAL A 360 -13.10 -13.48 11.79
C VAL A 360 -13.43 -12.25 12.63
N GLU A 361 -12.45 -11.35 12.78
CA GLU A 361 -12.70 -10.14 13.58
C GLU A 361 -13.61 -9.17 12.85
N ILE A 362 -13.59 -9.17 11.51
CA ILE A 362 -14.55 -8.33 10.79
C ILE A 362 -15.97 -8.86 10.97
N ASN A 363 -16.16 -10.18 10.90
CA ASN A 363 -17.49 -10.72 11.19
C ASN A 363 -17.91 -10.50 12.62
N VAL A 364 -16.95 -10.53 13.55
CA VAL A 364 -17.29 -10.24 14.95
C VAL A 364 -17.77 -8.79 15.07
N ALA A 365 -17.08 -7.88 14.40
CA ALA A 365 -17.47 -6.48 14.42
C ALA A 365 -18.87 -6.29 13.84
N VAL A 366 -19.20 -7.03 12.77
CA VAL A 366 -20.52 -6.91 12.16
C VAL A 366 -21.59 -7.37 13.13
N LEU A 367 -21.41 -8.56 13.70
CA LEU A 367 -22.41 -9.08 14.62
C LEU A 367 -22.59 -8.13 15.81
N HIS A 368 -21.48 -7.69 16.40
CA HIS A 368 -21.52 -6.82 17.57
C HIS A 368 -22.23 -5.51 17.25
N SER A 369 -21.91 -4.91 16.11
CA SER A 369 -22.45 -3.61 15.74
C SER A 369 -23.95 -3.70 15.44
N TYR A 370 -24.39 -4.77 14.76
CA TYR A 370 -25.81 -4.92 14.50
C TYR A 370 -26.59 -5.14 15.80
N GLN A 371 -26.12 -6.06 16.64
CA GLN A 371 -26.77 -6.32 17.93
C GLN A 371 -26.81 -5.08 18.79
N LEU A 372 -25.71 -4.32 18.82
CA LEU A 372 -25.65 -3.09 19.61
C LEU A 372 -26.68 -2.08 19.14
N ALA A 373 -26.87 -1.97 17.82
CA ALA A 373 -27.87 -1.08 17.27
C ALA A 373 -29.27 -1.67 17.28
N LYS A 374 -29.43 -2.89 17.79
CA LYS A 374 -30.72 -3.57 17.82
C LYS A 374 -31.32 -3.70 16.42
N VAL A 375 -30.47 -4.07 15.46
CA VAL A 375 -30.89 -4.34 14.08
C VAL A 375 -30.77 -5.84 13.85
N THR A 376 -31.84 -6.45 13.33
CA THR A 376 -31.87 -7.91 13.12
C THR A 376 -30.72 -8.39 12.26
N ILE A 377 -30.02 -9.41 12.74
CA ILE A 377 -28.93 -10.05 12.01
C ILE A 377 -28.80 -11.48 12.55
N VAL A 378 -28.26 -12.38 11.73
CA VAL A 378 -28.10 -13.76 12.14
C VAL A 378 -26.70 -14.21 11.72
N ASP A 379 -26.05 -14.99 12.58
CA ASP A 379 -24.74 -15.47 12.24
C ASP A 379 -24.88 -16.75 11.41
N HIS A 380 -23.79 -17.11 10.71
CA HIS A 380 -23.86 -18.24 9.81
C HIS A 380 -24.03 -19.57 10.56
N HIS A 381 -23.57 -19.67 11.81
CA HIS A 381 -23.84 -20.89 12.55
C HIS A 381 -25.33 -21.04 12.83
N ALA A 382 -25.95 -20.00 13.39
CA ALA A 382 -27.38 -20.09 13.71
C ALA A 382 -28.19 -20.35 12.45
N ALA A 383 -27.83 -19.69 11.36
CA ALA A 383 -28.58 -19.78 10.11
C ALA A 383 -28.52 -21.18 9.52
N THR A 384 -27.31 -21.75 9.41
CA THR A 384 -27.18 -23.07 8.81
C THR A 384 -27.90 -24.13 9.63
N ALA A 385 -27.90 -23.99 10.95
CA ALA A 385 -28.67 -24.90 11.80
C ALA A 385 -30.17 -24.79 11.53
N SER A 386 -30.65 -23.57 11.27
CA SER A 386 -32.07 -23.40 10.96
CA SER A 386 -32.07 -23.40 10.96
C SER A 386 -32.40 -23.99 9.60
N PHE A 387 -31.44 -23.96 8.67
CA PHE A 387 -31.71 -24.53 7.35
C PHE A 387 -31.75 -26.05 7.42
N MET A 388 -30.90 -26.65 8.26
CA MET A 388 -31.01 -28.08 8.50
C MET A 388 -32.42 -28.43 8.97
N LYS A 389 -32.96 -27.64 9.90
CA LYS A 389 -34.32 -27.90 10.37
C LYS A 389 -35.32 -27.72 9.23
N HIS A 390 -35.12 -26.71 8.39
CA HIS A 390 -35.96 -26.55 7.21
C HIS A 390 -35.89 -27.77 6.30
N LEU A 391 -34.68 -28.29 6.05
CA LEU A 391 -34.52 -29.51 5.25
C LEU A 391 -35.37 -30.63 5.81
N GLU A 392 -35.29 -30.84 7.13
CA GLU A 392 -36.08 -31.89 7.77
C GLU A 392 -37.57 -31.63 7.58
N ASN A 393 -38.02 -30.39 7.84
CA ASN A 393 -39.42 -30.02 7.67
C ASN A 393 -39.90 -30.25 6.24
N GLU A 394 -39.10 -29.81 5.25
CA GLU A 394 -39.50 -30.00 3.87
C GLU A 394 -39.48 -31.47 3.46
N GLN A 395 -38.59 -32.26 4.06
CA GLN A 395 -38.57 -33.69 3.75
C GLN A 395 -39.91 -34.32 4.07
N LYS A 396 -40.58 -33.88 5.14
CA LYS A 396 -41.89 -34.42 5.48
C LYS A 396 -43.02 -33.73 4.71
N ALA A 397 -42.91 -32.42 4.47
CA ALA A 397 -43.99 -31.71 3.81
C ALA A 397 -44.08 -32.08 2.33
N ARG A 398 -42.94 -32.12 1.63
CA ARG A 398 -42.91 -32.25 0.18
C ARG A 398 -42.01 -33.36 -0.32
N GLY A 399 -41.27 -34.06 0.55
CA GLY A 399 -40.39 -35.11 0.12
C GLY A 399 -39.01 -34.68 -0.30
N GLY A 400 -38.64 -33.43 -0.08
CA GLY A 400 -37.32 -32.98 -0.45
C GLY A 400 -37.23 -31.47 -0.43
N CYS A 401 -36.14 -30.97 -0.99
CA CYS A 401 -35.93 -29.54 -0.97
C CYS A 401 -34.79 -29.16 -1.91
N PRO A 402 -35.08 -28.36 -2.93
CA PRO A 402 -34.00 -27.90 -3.83
C PRO A 402 -33.04 -26.98 -3.08
N ALA A 403 -31.75 -27.26 -3.23
CA ALA A 403 -30.71 -26.54 -2.51
C ALA A 403 -29.41 -26.59 -3.30
N ASP A 404 -28.76 -25.44 -3.39
CA ASP A 404 -27.52 -25.23 -4.12
C ASP A 404 -26.40 -25.16 -3.09
N TRP A 405 -25.73 -26.31 -2.89
CA TRP A 405 -24.72 -26.45 -1.85
C TRP A 405 -23.73 -25.30 -1.85
N ALA A 406 -23.27 -24.91 -3.05
CA ALA A 406 -22.27 -23.84 -3.17
C ALA A 406 -22.73 -22.55 -2.53
N TRP A 407 -24.05 -22.27 -2.56
CA TRP A 407 -24.55 -21.03 -1.97
C TRP A 407 -25.10 -21.23 -0.56
N ILE A 408 -25.50 -22.44 -0.20
CA ILE A 408 -25.96 -22.68 1.17
C ILE A 408 -24.78 -22.68 2.13
N VAL A 409 -23.65 -23.31 1.76
CA VAL A 409 -22.50 -23.36 2.67
C VAL A 409 -21.91 -21.95 2.84
N PRO A 410 -21.71 -21.46 4.06
CA PRO A 410 -21.19 -20.09 4.27
C PRO A 410 -19.80 -19.90 3.70
N PRO A 411 -19.41 -18.67 3.37
CA PRO A 411 -18.09 -18.42 2.77
C PRO A 411 -16.92 -18.33 3.75
N ILE A 412 -17.16 -18.44 5.05
CA ILE A 412 -16.10 -18.73 6.02
C ILE A 412 -16.58 -19.88 6.88
N SER A 413 -15.60 -20.64 7.40
CA SER A 413 -15.87 -21.73 8.35
C SER A 413 -16.86 -22.75 7.81
N GLY A 414 -16.82 -22.97 6.49
CA GLY A 414 -17.81 -23.83 5.84
C GLY A 414 -18.06 -25.13 6.57
N SER A 415 -16.99 -25.88 6.85
CA SER A 415 -17.14 -27.22 7.41
C SER A 415 -17.38 -27.22 8.91
N LEU A 416 -17.39 -26.04 9.53
CA LEU A 416 -17.82 -25.93 10.92
C LEU A 416 -19.34 -25.82 11.04
N THR A 417 -20.05 -25.65 9.93
CA THR A 417 -21.51 -25.60 9.91
C THR A 417 -22.08 -26.92 9.38
N PRO A 418 -23.26 -27.32 9.85
CA PRO A 418 -23.75 -28.68 9.54
C PRO A 418 -24.23 -28.86 8.09
N VAL A 419 -24.42 -27.78 7.34
CA VAL A 419 -24.79 -27.97 5.93
C VAL A 419 -23.63 -28.48 5.09
N PHE A 420 -22.39 -28.25 5.52
CA PHE A 420 -21.24 -28.71 4.74
C PHE A 420 -21.28 -30.21 4.48
N HIS A 421 -21.70 -30.99 5.47
CA HIS A 421 -21.73 -32.44 5.40
C HIS A 421 -23.04 -32.96 4.84
N GLN A 422 -23.97 -32.08 4.48
CA GLN A 422 -25.28 -32.46 3.97
C GLN A 422 -25.22 -32.51 2.44
N GLU A 423 -25.44 -33.69 1.87
CA GLU A 423 -25.58 -33.75 0.43
C GLU A 423 -26.87 -33.05 0.02
N MET A 424 -26.84 -32.38 -1.12
CA MET A 424 -27.95 -31.58 -1.57
C MET A 424 -28.26 -31.85 -3.05
N VAL A 425 -29.53 -31.70 -3.42
CA VAL A 425 -30.03 -31.81 -4.79
C VAL A 425 -30.59 -30.46 -5.22
N ASN A 426 -30.09 -29.94 -6.33
CA ASN A 426 -30.55 -28.67 -6.88
C ASN A 426 -31.42 -28.90 -8.11
N TYR A 427 -32.60 -28.26 -8.12
CA TYR A 427 -33.52 -28.27 -9.26
C TYR A 427 -34.43 -27.05 -9.18
N PHE A 428 -35.18 -26.80 -10.26
CA PHE A 428 -35.96 -25.58 -10.41
C PHE A 428 -37.45 -25.92 -10.36
N LEU A 429 -38.13 -25.45 -9.31
CA LEU A 429 -39.59 -25.51 -9.24
C LEU A 429 -40.19 -24.15 -9.55
N SER A 430 -41.46 -24.16 -9.96
CA SER A 430 -42.22 -22.92 -10.11
C SER A 430 -43.39 -22.93 -9.13
N PRO A 431 -43.80 -21.76 -8.60
CA PRO A 431 -43.29 -20.39 -8.74
C PRO A 431 -41.82 -20.19 -8.35
N ALA A 432 -41.20 -19.15 -8.91
CA ALA A 432 -39.77 -18.99 -8.77
C ALA A 432 -39.36 -17.52 -8.89
N PHE A 433 -38.23 -17.19 -8.29
CA PHE A 433 -37.48 -15.98 -8.62
C PHE A 433 -36.42 -16.31 -9.67
N ARG A 434 -36.35 -15.49 -10.73
CA ARG A 434 -35.39 -15.70 -11.80
C ARG A 434 -34.60 -14.43 -12.06
N TYR A 435 -33.35 -14.63 -12.47
CA TYR A 435 -32.56 -13.56 -13.03
C TYR A 435 -33.15 -13.09 -14.36
N GLN A 436 -32.91 -11.82 -14.70
CA GLN A 436 -33.48 -11.26 -15.92
C GLN A 436 -32.46 -10.31 -16.53
N PRO A 437 -32.56 -10.05 -17.83
CA PRO A 437 -31.62 -9.12 -18.45
C PRO A 437 -31.80 -7.74 -17.84
N ASP A 438 -30.71 -6.98 -17.81
CA ASP A 438 -30.78 -5.60 -17.37
C ASP A 438 -31.62 -4.78 -18.35
N PRO A 439 -32.31 -3.74 -17.85
CA PRO A 439 -33.21 -2.98 -18.72
C PRO A 439 -32.49 -2.12 -19.75
N TRP A 440 -31.17 -2.02 -19.69
CA TRP A 440 -30.42 -1.27 -20.70
C TRP A 440 -29.63 -2.21 -21.61
N LYS B 27 -21.76 -23.82 -27.90
CA LYS B 27 -21.67 -25.25 -27.64
C LYS B 27 -20.70 -25.54 -26.47
N PHE B 28 -19.86 -24.57 -26.17
CA PHE B 28 -18.95 -24.83 -25.08
C PHE B 28 -19.28 -23.99 -23.85
N PRO B 29 -19.19 -24.57 -22.66
CA PRO B 29 -19.52 -23.82 -21.43
C PRO B 29 -18.64 -22.57 -21.26
N ARG B 30 -19.29 -21.42 -21.15
CA ARG B 30 -18.59 -20.19 -20.79
C ARG B 30 -18.40 -20.14 -19.28
N VAL B 31 -17.17 -19.84 -18.86
CA VAL B 31 -16.73 -19.97 -17.47
C VAL B 31 -16.12 -18.64 -17.05
N LYS B 32 -16.54 -18.12 -15.91
CA LYS B 32 -16.21 -16.77 -15.48
C LYS B 32 -15.41 -16.79 -14.20
N ASN B 33 -14.43 -15.91 -14.09
CA ASN B 33 -13.81 -15.62 -12.82
C ASN B 33 -14.36 -14.27 -12.33
N TRP B 34 -14.96 -14.25 -11.14
CA TRP B 34 -15.65 -13.06 -10.68
C TRP B 34 -14.73 -12.08 -9.95
N GLU B 35 -13.56 -12.54 -9.51
CA GLU B 35 -12.60 -11.63 -8.90
C GLU B 35 -11.99 -10.70 -9.94
N VAL B 36 -11.61 -11.26 -11.08
CA VAL B 36 -10.82 -10.59 -12.11
C VAL B 36 -11.74 -10.13 -13.23
N GLY B 37 -12.84 -10.87 -13.43
CA GLY B 37 -13.81 -10.57 -14.46
C GLY B 37 -13.64 -11.33 -15.75
N SER B 38 -12.71 -12.28 -15.81
CA SER B 38 -12.31 -12.90 -17.06
C SER B 38 -13.20 -14.10 -17.40
N ILE B 39 -13.17 -14.46 -18.68
CA ILE B 39 -14.08 -15.43 -19.27
C ILE B 39 -13.31 -16.38 -20.17
N THR B 40 -13.43 -17.68 -19.92
CA THR B 40 -12.89 -18.71 -20.78
C THR B 40 -14.00 -19.67 -21.20
N TYR B 41 -13.68 -20.56 -22.12
CA TYR B 41 -14.59 -21.61 -22.58
C TYR B 41 -13.90 -22.96 -22.42
N ASP B 42 -14.55 -23.88 -21.72
CA ASP B 42 -14.00 -25.21 -21.47
C ASP B 42 -14.36 -26.11 -22.65
N THR B 43 -13.49 -26.14 -23.66
CA THR B 43 -13.70 -27.06 -24.76
C THR B 43 -13.32 -28.50 -24.40
N LEU B 44 -12.47 -28.69 -23.39
CA LEU B 44 -12.03 -30.04 -23.01
C LEU B 44 -13.19 -30.91 -22.57
N SER B 45 -14.18 -30.34 -21.89
CA SER B 45 -15.29 -31.12 -21.35
C SER B 45 -16.04 -31.88 -22.42
N ALA B 46 -16.04 -31.36 -23.66
CA ALA B 46 -16.69 -32.07 -24.76
C ALA B 46 -16.08 -33.44 -24.98
N GLN B 47 -14.84 -33.65 -24.57
CA GLN B 47 -14.18 -34.94 -24.67
C GLN B 47 -14.46 -35.86 -23.49
N ALA B 48 -15.37 -35.48 -22.59
CA ALA B 48 -15.61 -36.29 -21.41
C ALA B 48 -16.04 -37.70 -21.81
N GLN B 49 -15.34 -38.70 -21.29
CA GLN B 49 -15.41 -40.06 -21.77
C GLN B 49 -16.40 -40.93 -21.00
N GLN B 50 -16.76 -40.52 -19.78
CA GLN B 50 -17.74 -41.22 -18.97
C GLN B 50 -18.71 -40.20 -18.40
N ASP B 51 -19.90 -40.68 -18.05
CA ASP B 51 -20.99 -39.80 -17.65
C ASP B 51 -21.12 -39.75 -16.13
N GLY B 52 -21.37 -38.53 -15.62
CA GLY B 52 -21.54 -38.28 -14.21
C GLY B 52 -23.00 -38.32 -13.79
N PRO B 53 -23.30 -37.81 -12.59
CA PRO B 53 -24.63 -38.02 -11.99
C PRO B 53 -25.69 -36.99 -12.34
N CYS B 54 -25.33 -35.90 -13.00
CA CYS B 54 -26.27 -34.82 -13.18
C CYS B 54 -27.05 -34.98 -14.48
N THR B 55 -28.21 -34.35 -14.50
CA THR B 55 -29.10 -34.33 -15.63
C THR B 55 -29.67 -32.92 -15.76
N PRO B 56 -30.25 -32.59 -16.90
CA PRO B 56 -30.91 -31.28 -17.03
C PRO B 56 -31.97 -31.05 -15.96
N ARG B 57 -32.47 -32.11 -15.32
CA ARG B 57 -33.57 -31.93 -14.38
C ARG B 57 -33.11 -31.72 -12.95
N ARG B 58 -31.94 -32.24 -12.57
CA ARG B 58 -31.42 -32.01 -11.23
C ARG B 58 -29.92 -32.26 -11.18
N CYS B 59 -29.21 -31.36 -10.49
CA CYS B 59 -27.77 -31.43 -10.28
C CYS B 59 -27.47 -32.19 -8.98
N LEU B 60 -26.49 -33.09 -9.04
CA LEU B 60 -26.06 -33.89 -7.91
C LEU B 60 -24.58 -33.69 -7.66
N GLY B 61 -24.07 -32.52 -8.02
CA GLY B 61 -22.65 -32.26 -7.88
C GLY B 61 -22.10 -32.35 -6.47
N SER B 62 -22.95 -32.28 -5.45
CA SER B 62 -22.46 -32.33 -4.08
C SER B 62 -22.44 -33.73 -3.49
N LEU B 63 -22.92 -34.74 -4.22
CA LEU B 63 -22.86 -36.10 -3.72
C LEU B 63 -21.42 -36.58 -3.64
N VAL B 64 -21.09 -37.30 -2.57
CA VAL B 64 -19.70 -37.72 -2.38
C VAL B 64 -19.36 -38.89 -3.31
N PHE B 65 -20.14 -39.96 -3.23
CA PHE B 65 -20.02 -41.07 -4.18
C PHE B 65 -21.23 -41.05 -5.08
N PRO B 66 -21.11 -40.56 -6.32
CA PRO B 66 -22.25 -40.64 -7.23
C PRO B 66 -22.64 -42.06 -7.58
N ARG B 67 -21.70 -42.99 -7.48
CA ARG B 67 -21.80 -44.28 -8.15
C ARG B 67 -21.84 -45.46 -7.19
N ALA B 79 -16.59 -56.73 -24.32
CA ALA B 79 -15.30 -56.26 -23.83
C ALA B 79 -14.37 -55.82 -24.96
N PRO B 80 -14.01 -56.73 -25.89
CA PRO B 80 -12.84 -56.46 -26.75
C PRO B 80 -12.88 -55.12 -27.47
N GLU B 81 -14.04 -54.73 -28.01
CA GLU B 81 -14.08 -53.48 -28.77
C GLU B 81 -14.19 -52.26 -27.86
N GLN B 82 -14.77 -52.41 -26.67
CA GLN B 82 -14.76 -51.30 -25.73
C GLN B 82 -13.39 -51.11 -25.11
N LEU B 83 -12.66 -52.21 -24.86
CA LEU B 83 -11.29 -52.07 -24.39
C LEU B 83 -10.43 -51.40 -25.45
N LEU B 84 -10.67 -51.73 -26.71
CA LEU B 84 -9.81 -51.28 -27.79
C LEU B 84 -9.94 -49.78 -28.02
N SER B 85 -11.18 -49.28 -28.01
CA SER B 85 -11.38 -47.85 -28.21
C SER B 85 -10.81 -47.02 -27.06
N GLN B 86 -10.82 -47.56 -25.84
CA GLN B 86 -10.15 -46.88 -24.73
C GLN B 86 -8.63 -46.95 -24.88
N ALA B 87 -8.11 -48.13 -25.26
CA ALA B 87 -6.67 -48.27 -25.50
C ALA B 87 -6.23 -47.33 -26.61
N ARG B 88 -6.95 -47.34 -27.73
CA ARG B 88 -6.61 -46.44 -28.83
C ARG B 88 -6.58 -44.99 -28.36
N ASP B 89 -7.52 -44.59 -27.50
CA ASP B 89 -7.56 -43.19 -27.10
C ASP B 89 -6.38 -42.86 -26.20
N PHE B 90 -6.00 -43.80 -25.34
CA PHE B 90 -4.85 -43.59 -24.48
C PHE B 90 -3.56 -43.49 -25.30
N ILE B 91 -3.32 -44.46 -26.21
CA ILE B 91 -2.14 -44.41 -27.07
C ILE B 91 -2.09 -43.09 -27.82
N ASN B 92 -3.25 -42.60 -28.29
CA ASN B 92 -3.28 -41.30 -28.93
C ASN B 92 -2.86 -40.20 -27.95
N GLN B 93 -3.25 -40.32 -26.69
CA GLN B 93 -2.88 -39.30 -25.72
C GLN B 93 -1.37 -39.30 -25.51
N TYR B 94 -0.79 -40.49 -25.31
CA TYR B 94 0.66 -40.62 -25.14
C TYR B 94 1.42 -39.99 -26.30
N TYR B 95 1.06 -40.33 -27.53
CA TYR B 95 1.87 -39.87 -28.64
C TYR B 95 1.72 -38.37 -28.87
N SER B 96 0.59 -37.80 -28.49
CA SER B 96 0.46 -36.35 -28.53
CA SER B 96 0.44 -36.35 -28.51
C SER B 96 1.32 -35.69 -27.46
N SER B 97 1.39 -36.27 -26.26
CA SER B 97 2.20 -35.68 -25.20
C SER B 97 3.64 -35.48 -25.62
N ILE B 98 4.19 -36.41 -26.41
CA ILE B 98 5.57 -36.31 -26.86
C ILE B 98 5.68 -35.76 -28.27
N LYS B 99 4.59 -35.22 -28.82
CA LYS B 99 4.58 -34.53 -30.11
C LYS B 99 5.09 -35.45 -31.23
N ARG B 100 4.65 -36.70 -31.22
CA ARG B 100 4.93 -37.67 -32.27
C ARG B 100 3.64 -38.27 -32.80
N SER B 101 2.58 -37.47 -32.92
CA SER B 101 1.30 -37.97 -33.38
CA SER B 101 1.30 -37.98 -33.38
C SER B 101 1.34 -38.28 -34.87
N GLY B 102 0.88 -39.47 -35.24
CA GLY B 102 0.87 -39.90 -36.62
C GLY B 102 2.16 -40.50 -37.12
N SER B 103 3.21 -40.50 -36.30
CA SER B 103 4.49 -41.08 -36.69
C SER B 103 4.34 -42.59 -36.93
N GLN B 104 5.41 -43.18 -37.49
CA GLN B 104 5.45 -44.65 -37.63
C GLN B 104 5.32 -45.32 -36.27
N ALA B 105 5.97 -44.78 -35.25
CA ALA B 105 5.93 -45.43 -33.95
C ALA B 105 4.53 -45.40 -33.39
N HIS B 106 3.77 -44.34 -33.66
CA HIS B 106 2.39 -44.23 -33.19
C HIS B 106 1.51 -45.27 -33.84
N GLU B 107 1.50 -45.30 -35.18
CA GLU B 107 0.78 -46.33 -35.93
C GLU B 107 1.18 -47.73 -35.47
N GLN B 108 2.47 -48.01 -35.34
CA GLN B 108 2.87 -49.37 -35.01
C GLN B 108 2.41 -49.75 -33.61
N ARG B 109 2.45 -48.81 -32.67
CA ARG B 109 2.01 -49.13 -31.31
C ARG B 109 0.52 -49.42 -31.28
N LEU B 110 -0.26 -48.67 -32.06
CA LEU B 110 -1.70 -48.94 -32.18
C LEU B 110 -1.93 -50.35 -32.71
N GLN B 111 -1.21 -50.71 -33.79
CA GLN B 111 -1.34 -52.04 -34.35
C GLN B 111 -0.91 -53.10 -33.36
N GLU B 112 0.18 -52.84 -32.65
CA GLU B 112 0.64 -53.78 -31.64
C GLU B 112 -0.42 -54.06 -30.59
N VAL B 113 -1.09 -53.00 -30.08
CA VAL B 113 -2.10 -53.20 -29.06
C VAL B 113 -3.31 -53.93 -29.62
N GLU B 114 -3.73 -53.58 -30.83
CA GLU B 114 -4.84 -54.27 -31.48
C GLU B 114 -4.56 -55.77 -31.58
N ALA B 115 -3.32 -56.14 -31.87
CA ALA B 115 -3.01 -57.56 -32.04
C ALA B 115 -2.97 -58.26 -30.69
N GLU B 116 -2.52 -57.58 -29.63
CA GLU B 116 -2.47 -58.24 -28.34
C GLU B 116 -3.86 -58.45 -27.76
N VAL B 117 -4.75 -57.46 -27.91
CA VAL B 117 -6.12 -57.59 -27.44
C VAL B 117 -6.85 -58.71 -28.19
N ALA B 118 -6.57 -58.86 -29.49
CA ALA B 118 -7.21 -59.92 -30.26
C ALA B 118 -6.75 -61.31 -29.84
N ALA B 119 -5.52 -61.44 -29.33
CA ALA B 119 -4.96 -62.75 -29.02
C ALA B 119 -5.17 -63.15 -27.57
N THR B 120 -5.12 -62.19 -26.66
CA THR B 120 -5.18 -62.48 -25.23
C THR B 120 -6.41 -61.92 -24.55
N GLY B 121 -7.14 -61.02 -25.22
CA GLY B 121 -8.19 -60.27 -24.58
C GLY B 121 -7.73 -59.06 -23.80
N THR B 122 -6.43 -58.84 -23.68
CA THR B 122 -5.91 -57.72 -22.89
C THR B 122 -4.60 -57.24 -23.54
N TYR B 123 -3.94 -56.28 -22.88
CA TYR B 123 -2.61 -55.89 -23.34
C TYR B 123 -1.82 -55.36 -22.16
N GLN B 124 -0.53 -55.15 -22.39
CA GLN B 124 0.34 -54.56 -21.37
C GLN B 124 0.80 -53.18 -21.82
N LEU B 125 0.87 -52.27 -20.86
CA LEU B 125 1.44 -50.95 -21.09
C LEU B 125 2.96 -51.03 -21.18
N ARG B 126 3.53 -50.26 -22.09
CA ARG B 126 4.97 -50.02 -22.03
C ARG B 126 5.29 -49.22 -20.76
N GLU B 127 6.54 -49.33 -20.30
CA GLU B 127 6.96 -48.60 -19.11
C GLU B 127 6.65 -47.10 -19.22
N SER B 128 7.03 -46.49 -20.34
CA SER B 128 6.82 -45.06 -20.55
CA SER B 128 6.81 -45.06 -20.53
C SER B 128 5.34 -44.71 -20.57
N GLU B 129 4.49 -45.59 -21.10
CA GLU B 129 3.05 -45.32 -21.12
C GLU B 129 2.48 -45.35 -19.71
N LEU B 130 3.02 -46.23 -18.86
CA LEU B 130 2.54 -46.30 -17.48
C LEU B 130 2.86 -45.03 -16.70
N VAL B 131 4.10 -44.54 -16.82
CA VAL B 131 4.48 -43.29 -16.18
C VAL B 131 3.58 -42.16 -16.66
N PHE B 132 3.41 -42.05 -17.97
CA PHE B 132 2.54 -41.02 -18.52
C PHE B 132 1.11 -41.17 -18.01
N GLY B 133 0.62 -42.42 -17.96
CA GLY B 133 -0.77 -42.64 -17.55
C GLY B 133 -1.02 -42.28 -16.10
N ALA B 134 -0.06 -42.60 -15.22
CA ALA B 134 -0.25 -42.26 -13.82
C ALA B 134 -0.33 -40.74 -13.65
N LYS B 135 0.57 -40.02 -14.34
CA LYS B 135 0.56 -38.56 -14.28
C LYS B 135 -0.73 -37.98 -14.83
N GLN B 136 -1.25 -38.59 -15.90
CA GLN B 136 -2.47 -38.08 -16.51
C GLN B 136 -3.66 -38.29 -15.59
N ALA B 137 -3.67 -39.42 -14.87
CA ALA B 137 -4.74 -39.67 -13.93
C ALA B 137 -4.77 -38.58 -12.84
N TRP B 138 -3.61 -38.28 -12.25
CA TRP B 138 -3.53 -37.17 -11.29
C TRP B 138 -4.01 -35.88 -11.92
N ARG B 139 -3.46 -35.53 -13.08
CA ARG B 139 -3.84 -34.31 -13.77
C ARG B 139 -5.34 -34.21 -13.98
N ASN B 140 -6.02 -35.35 -14.18
CA ASN B 140 -7.46 -35.39 -14.47
C ASN B 140 -8.33 -35.45 -13.20
N ALA B 141 -7.75 -35.57 -12.02
CA ALA B 141 -8.57 -35.76 -10.83
C ALA B 141 -9.27 -34.45 -10.42
N PRO B 142 -10.60 -34.33 -10.59
CA PRO B 142 -11.24 -33.00 -10.46
C PRO B 142 -11.24 -32.45 -9.05
N ARG B 143 -11.16 -33.30 -8.05
CA ARG B 143 -11.24 -32.91 -6.66
C ARG B 143 -9.90 -32.62 -6.01
N CYS B 144 -8.78 -32.65 -6.77
CA CYS B 144 -7.44 -32.44 -6.21
C CYS B 144 -7.00 -31.01 -6.49
N VAL B 145 -6.64 -30.27 -5.43
CA VAL B 145 -6.18 -28.88 -5.57
C VAL B 145 -4.67 -28.80 -5.75
N GLY B 146 -3.96 -29.91 -5.64
CA GLY B 146 -2.51 -29.86 -5.79
C GLY B 146 -1.98 -30.21 -7.16
N ARG B 147 -2.79 -30.05 -8.22
CA ARG B 147 -2.38 -30.58 -9.51
C ARG B 147 -1.33 -29.71 -10.20
N ILE B 148 -0.99 -28.54 -9.66
CA ILE B 148 0.14 -27.81 -10.24
C ILE B 148 1.37 -28.73 -10.30
N GLN B 149 1.43 -29.72 -9.44
CA GLN B 149 2.57 -30.61 -9.31
C GLN B 149 2.53 -31.83 -10.25
N TRP B 150 1.53 -31.90 -11.14
CA TRP B 150 1.15 -33.18 -11.75
C TRP B 150 2.28 -33.79 -12.56
N GLY B 151 3.13 -32.96 -13.17
CA GLY B 151 4.25 -33.49 -13.94
C GLY B 151 5.44 -33.99 -13.13
N LYS B 152 5.50 -33.68 -11.84
CA LYS B 152 6.59 -34.11 -10.98
C LYS B 152 6.03 -35.19 -10.07
N LEU B 153 6.03 -36.41 -10.59
CA LEU B 153 5.46 -37.55 -9.87
C LEU B 153 6.40 -38.72 -10.14
N GLN B 154 6.87 -39.35 -9.07
CA GLN B 154 7.75 -40.51 -9.16
C GLN B 154 6.90 -41.78 -9.29
N VAL B 155 7.04 -42.49 -10.41
CA VAL B 155 6.24 -43.70 -10.65
C VAL B 155 7.10 -44.92 -10.37
N PHE B 156 6.71 -45.72 -9.38
CA PHE B 156 7.36 -47.00 -9.16
C PHE B 156 6.55 -48.11 -9.84
N ASP B 157 7.22 -48.86 -10.72
CA ASP B 157 6.61 -49.96 -11.46
C ASP B 157 6.73 -51.22 -10.61
N ALA B 158 5.63 -51.66 -10.02
CA ALA B 158 5.60 -52.91 -9.27
C ALA B 158 4.78 -54.00 -9.97
N ARG B 159 4.72 -53.96 -11.31
CA ARG B 159 3.82 -54.88 -11.98
C ARG B 159 4.30 -56.33 -11.97
N ASP B 160 5.52 -56.60 -11.51
CA ASP B 160 5.94 -58.00 -11.40
C ASP B 160 5.90 -58.50 -9.95
N CYS B 161 5.22 -57.77 -9.08
CA CYS B 161 5.00 -58.22 -7.71
C CYS B 161 4.24 -59.54 -7.72
N ARG B 162 4.56 -60.42 -6.78
CA ARG B 162 3.95 -61.73 -6.84
C ARG B 162 3.52 -62.28 -5.47
N SER B 163 3.60 -61.48 -4.42
CA SER B 163 3.20 -61.98 -3.11
C SER B 163 2.85 -60.79 -2.24
N ALA B 164 2.14 -61.08 -1.16
CA ALA B 164 1.81 -60.04 -0.20
C ALA B 164 3.05 -59.52 0.49
N GLN B 165 4.06 -60.39 0.67
CA GLN B 165 5.31 -59.98 1.28
C GLN B 165 6.08 -59.03 0.36
N GLU B 166 6.11 -59.33 -0.94
CA GLU B 166 6.76 -58.40 -1.86
C GLU B 166 6.00 -57.10 -1.96
N MET B 167 4.67 -57.18 -1.80
CA MET B 167 3.86 -55.98 -1.72
C MET B 167 4.34 -55.07 -0.60
N PHE B 168 4.59 -55.65 0.58
CA PHE B 168 4.99 -54.89 1.75
C PHE B 168 6.33 -54.21 1.53
N THR B 169 7.26 -54.91 0.87
CA THR B 169 8.56 -54.32 0.53
C THR B 169 8.38 -53.13 -0.40
N TYR B 170 7.53 -53.28 -1.42
CA TYR B 170 7.26 -52.15 -2.30
C TYR B 170 6.68 -50.95 -1.55
N ILE B 171 5.82 -51.21 -0.56
CA ILE B 171 5.15 -50.11 0.15
C ILE B 171 6.15 -49.41 1.06
N CYS B 172 7.02 -50.18 1.72
CA CYS B 172 8.02 -49.59 2.61
C CYS B 172 8.99 -48.73 1.81
N ASN B 173 9.39 -49.18 0.62
CA ASN B 173 10.25 -48.36 -0.22
C ASN B 173 9.52 -47.10 -0.69
N HIS B 174 8.22 -47.21 -0.97
CA HIS B 174 7.44 -46.03 -1.28
C HIS B 174 7.47 -45.04 -0.12
N ILE B 175 7.12 -45.50 1.09
CA ILE B 175 7.04 -44.61 2.24
C ILE B 175 8.39 -43.97 2.51
N LYS B 176 9.48 -44.74 2.30
CA LYS B 176 10.81 -44.19 2.49
C LYS B 176 11.08 -43.09 1.48
N TYR B 177 10.86 -43.38 0.20
CA TYR B 177 11.16 -42.40 -0.84
C TYR B 177 10.32 -41.12 -0.65
N ALA B 178 9.02 -41.29 -0.39
CA ALA B 178 8.11 -40.14 -0.38
C ALA B 178 8.32 -39.28 0.85
N THR B 179 8.56 -39.92 2.00
CA THR B 179 8.75 -39.16 3.23
C THR B 179 10.04 -38.36 3.16
N ASN B 180 11.13 -39.01 2.74
CA ASN B 180 12.41 -38.35 2.50
C ASN B 180 12.79 -37.45 3.68
N ARG B 181 12.67 -38.01 4.89
CA ARG B 181 13.08 -37.38 6.14
C ARG B 181 12.41 -36.03 6.38
N GLY B 182 11.18 -35.88 5.90
CA GLY B 182 10.42 -34.67 6.05
C GLY B 182 10.29 -33.86 4.78
N ASN B 183 11.14 -34.08 3.78
CA ASN B 183 11.06 -33.30 2.54
C ASN B 183 10.28 -34.09 1.48
N LEU B 184 8.97 -33.87 1.44
CA LEU B 184 8.08 -34.85 0.82
C LEU B 184 8.15 -34.82 -0.70
N ARG B 185 8.12 -36.00 -1.31
CA ARG B 185 8.15 -36.16 -2.76
C ARG B 185 6.95 -36.97 -3.18
N SER B 186 6.23 -36.49 -4.19
CA SER B 186 5.05 -37.21 -4.66
C SER B 186 5.45 -38.52 -5.33
N ALA B 187 4.63 -39.55 -5.16
CA ALA B 187 4.98 -40.85 -5.69
C ALA B 187 3.74 -41.71 -5.82
N ILE B 188 3.82 -42.70 -6.69
CA ILE B 188 2.80 -43.73 -6.83
C ILE B 188 3.49 -45.06 -7.12
N THR B 189 2.99 -46.14 -6.52
CA THR B 189 3.48 -47.48 -6.78
C THR B 189 2.32 -48.26 -7.42
N VAL B 190 2.55 -48.85 -8.60
CA VAL B 190 1.50 -49.51 -9.37
C VAL B 190 1.79 -51.00 -9.33
N PHE B 191 0.93 -51.73 -8.62
CA PHE B 191 0.96 -53.18 -8.55
C PHE B 191 0.29 -53.80 -9.78
N PRO B 192 0.33 -55.12 -9.96
CA PRO B 192 -0.16 -55.71 -11.22
C PRO B 192 -1.63 -55.39 -11.54
N GLN B 193 -1.89 -55.24 -12.84
CA GLN B 193 -3.25 -54.94 -13.30
C GLN B 193 -4.20 -56.11 -13.08
N ARG B 194 -5.48 -55.78 -12.98
CA ARG B 194 -6.54 -56.78 -12.95
C ARG B 194 -6.46 -57.62 -14.22
N CYS B 195 -6.66 -58.92 -14.05
N CYS B 195 -6.63 -58.93 -14.06
CA CYS B 195 -6.50 -59.89 -15.14
CA CYS B 195 -6.61 -59.80 -15.22
C CYS B 195 -7.51 -61.00 -14.95
C CYS B 195 -7.52 -60.98 -14.97
N PRO B 196 -8.03 -61.59 -16.04
CA PRO B 196 -9.01 -62.68 -15.87
C PRO B 196 -8.37 -63.95 -15.32
N GLY B 197 -9.10 -64.65 -14.46
CA GLY B 197 -8.62 -65.87 -13.85
C GLY B 197 -7.68 -65.70 -12.69
N ARG B 198 -7.53 -64.48 -12.17
CA ARG B 198 -6.67 -64.21 -11.02
C ARG B 198 -7.40 -63.18 -10.16
N GLY B 199 -7.30 -63.31 -8.85
CA GLY B 199 -7.78 -62.25 -7.99
C GLY B 199 -6.97 -60.97 -8.18
N ASP B 200 -7.45 -59.90 -7.57
CA ASP B 200 -6.73 -58.62 -7.57
C ASP B 200 -5.76 -58.54 -6.40
N PHE B 201 -4.67 -57.81 -6.60
CA PHE B 201 -3.99 -57.19 -5.47
C PHE B 201 -4.88 -56.09 -4.87
N ARG B 202 -4.97 -56.05 -3.55
CA ARG B 202 -5.66 -54.95 -2.88
C ARG B 202 -4.89 -54.55 -1.63
N ILE B 203 -4.93 -53.25 -1.32
CA ILE B 203 -4.56 -52.74 -0.03
C ILE B 203 -5.83 -52.44 0.75
N TRP B 204 -6.08 -53.18 1.82
CA TRP B 204 -7.36 -53.03 2.53
C TRP B 204 -7.45 -51.67 3.24
N ASN B 205 -6.33 -51.10 3.65
CA ASN B 205 -6.33 -49.80 4.30
C ASN B 205 -6.64 -48.70 3.29
N SER B 206 -7.35 -47.66 3.75
CA SER B 206 -7.68 -46.52 2.89
C SER B 206 -6.48 -45.58 2.72
N GLN B 207 -5.55 -45.59 3.67
CA GLN B 207 -4.31 -44.84 3.55
C GLN B 207 -3.19 -45.68 4.14
N LEU B 208 -1.96 -45.46 3.65
CA LEU B 208 -0.85 -46.26 4.16
C LEU B 208 -0.59 -46.00 5.62
N VAL B 209 -0.81 -44.78 6.09
CA VAL B 209 -0.67 -44.44 7.50
C VAL B 209 -2.00 -43.94 8.00
N ARG B 210 -2.56 -44.62 9.01
CA ARG B 210 -3.81 -44.23 9.64
C ARG B 210 -3.75 -44.54 11.13
N TYR B 211 -4.53 -43.81 11.92
CA TYR B 211 -4.57 -44.05 13.35
C TYR B 211 -5.75 -44.94 13.71
N ALA B 212 -5.53 -45.86 14.64
CA ALA B 212 -6.60 -46.76 15.04
C ALA B 212 -7.75 -45.98 15.67
N GLY B 213 -8.97 -46.47 15.44
CA GLY B 213 -10.13 -45.97 16.13
C GLY B 213 -10.85 -47.11 16.80
N TYR B 214 -10.79 -47.16 18.13
CA TYR B 214 -11.33 -48.26 18.91
C TYR B 214 -12.77 -47.97 19.34
N ARG B 215 -13.71 -48.78 18.87
CA ARG B 215 -15.11 -48.59 19.20
C ARG B 215 -15.33 -48.90 20.68
N GLN B 216 -15.97 -47.97 21.39
CA GLN B 216 -16.22 -48.14 22.80
C GLN B 216 -17.61 -48.73 23.06
N GLN B 217 -17.87 -49.05 24.33
CA GLN B 217 -19.17 -49.61 24.68
C GLN B 217 -20.26 -48.55 24.72
N ASP B 218 -19.90 -47.31 25.06
CA ASP B 218 -20.85 -46.20 25.01
C ASP B 218 -21.34 -45.88 23.60
N GLY B 219 -20.81 -46.55 22.56
CA GLY B 219 -20.97 -46.04 21.22
C GLY B 219 -19.96 -44.98 20.83
N SER B 220 -19.06 -44.61 21.74
CA SER B 220 -18.00 -43.64 21.46
C SER B 220 -16.81 -44.34 20.82
N VAL B 221 -15.75 -43.58 20.58
CA VAL B 221 -14.53 -44.08 19.95
C VAL B 221 -13.33 -43.40 20.60
N ARG B 222 -12.28 -44.19 20.85
CA ARG B 222 -10.97 -43.65 21.20
C ARG B 222 -10.06 -43.80 19.99
N GLY B 223 -9.50 -42.70 19.52
CA GLY B 223 -8.72 -42.65 18.29
C GLY B 223 -9.51 -42.03 17.15
N ASP B 224 -9.21 -42.42 15.92
CA ASP B 224 -9.84 -41.79 14.76
C ASP B 224 -11.12 -42.53 14.41
N PRO B 225 -12.29 -41.90 14.46
CA PRO B 225 -13.55 -42.61 14.14
C PRO B 225 -13.63 -43.04 12.69
N ALA B 226 -12.97 -42.34 11.78
CA ALA B 226 -13.03 -42.74 10.39
C ALA B 226 -12.45 -44.13 10.16
N ASN B 227 -11.72 -44.67 11.15
CA ASN B 227 -10.95 -45.90 10.99
C ASN B 227 -11.48 -47.04 11.86
N VAL B 228 -12.73 -46.94 12.30
CA VAL B 228 -13.29 -47.97 13.18
C VAL B 228 -13.35 -49.32 12.46
N GLU B 229 -13.86 -49.32 11.24
CA GLU B 229 -14.06 -50.60 10.54
C GLU B 229 -12.72 -51.27 10.26
N ILE B 230 -11.75 -50.51 9.75
CA ILE B 230 -10.46 -51.10 9.42
C ILE B 230 -9.75 -51.57 10.69
N THR B 231 -9.90 -50.81 11.79
CA THR B 231 -9.37 -51.24 13.08
C THR B 231 -9.96 -52.58 13.51
N GLU B 232 -11.28 -52.72 13.38
CA GLU B 232 -11.93 -53.98 13.72
C GLU B 232 -11.43 -55.10 12.82
N LEU B 233 -11.17 -54.80 11.56
CA LEU B 233 -10.64 -55.84 10.66
C LEU B 233 -9.20 -56.20 10.97
N CYS B 234 -8.38 -55.23 11.38
CA CYS B 234 -7.01 -55.56 11.79
C CYS B 234 -7.01 -56.47 13.01
N ILE B 235 -7.89 -56.20 13.97
CA ILE B 235 -7.93 -57.02 15.19
C ILE B 235 -8.37 -58.45 14.86
N GLN B 236 -9.47 -58.59 14.09
CA GLN B 236 -9.92 -59.91 13.65
C GLN B 236 -8.81 -60.70 12.99
N HIS B 237 -7.90 -60.01 12.30
CA HIS B 237 -6.84 -60.69 11.56
C HIS B 237 -5.55 -60.81 12.36
N GLY B 238 -5.62 -60.68 13.68
CA GLY B 238 -4.50 -61.02 14.55
C GLY B 238 -3.72 -59.87 15.15
N TRP B 239 -4.11 -58.63 14.92
CA TRP B 239 -3.38 -57.49 15.46
C TRP B 239 -3.70 -57.30 16.94
N THR B 240 -2.66 -57.26 17.76
CA THR B 240 -2.84 -56.90 19.17
C THR B 240 -3.04 -55.39 19.27
N PRO B 241 -4.24 -54.92 19.61
CA PRO B 241 -4.51 -53.47 19.55
C PRO B 241 -3.81 -52.73 20.67
N GLY B 242 -3.78 -51.41 20.53
CA GLY B 242 -3.39 -50.51 21.59
C GLY B 242 -4.60 -49.88 22.25
N ASN B 243 -4.33 -48.82 23.04
CA ASN B 243 -5.42 -48.04 23.61
C ASN B 243 -5.08 -46.55 23.64
N GLY B 244 -4.33 -46.07 22.66
CA GLY B 244 -4.06 -44.66 22.50
C GLY B 244 -4.95 -44.03 21.45
N ARG B 245 -4.85 -42.70 21.35
CA ARG B 245 -5.59 -41.93 20.36
C ARG B 245 -4.87 -41.83 19.02
N PHE B 246 -3.57 -42.10 18.98
CA PHE B 246 -2.77 -41.98 17.78
C PHE B 246 -1.94 -43.25 17.54
N ASP B 247 -2.60 -44.40 17.63
CA ASP B 247 -1.96 -45.68 17.38
C ASP B 247 -1.96 -45.96 15.87
N VAL B 248 -0.78 -46.16 15.30
CA VAL B 248 -0.68 -46.37 13.86
C VAL B 248 -1.11 -47.79 13.51
N LEU B 249 -2.04 -47.91 12.57
CA LEU B 249 -2.57 -49.21 12.17
C LEU B 249 -1.55 -50.00 11.35
N PRO B 250 -1.60 -51.33 11.43
CA PRO B 250 -0.81 -52.17 10.51
C PRO B 250 -1.42 -52.16 9.11
N LEU B 251 -0.69 -52.74 8.17
CA LEU B 251 -1.19 -52.89 6.82
C LEU B 251 -1.85 -54.27 6.64
N LEU B 252 -3.05 -54.26 6.06
CA LEU B 252 -3.71 -55.49 5.63
C LEU B 252 -3.55 -55.57 4.11
N LEU B 253 -2.71 -56.49 3.65
CA LEU B 253 -2.36 -56.61 2.24
C LEU B 253 -2.92 -57.91 1.66
N GLN B 254 -3.49 -57.81 0.47
CA GLN B 254 -4.17 -58.92 -0.18
C GLN B 254 -3.49 -59.18 -1.51
N ALA B 255 -2.87 -60.32 -1.62
CA ALA B 255 -2.35 -60.84 -2.87
C ALA B 255 -3.42 -61.68 -3.53
N PRO B 256 -3.28 -61.96 -4.83
CA PRO B 256 -4.37 -62.63 -5.56
C PRO B 256 -4.81 -63.95 -4.96
N ASP B 257 -6.11 -64.06 -4.70
CA ASP B 257 -6.79 -65.29 -4.30
C ASP B 257 -6.34 -65.78 -2.93
N GLU B 258 -5.93 -64.86 -2.08
CA GLU B 258 -5.51 -65.15 -0.72
C GLU B 258 -6.21 -64.20 0.24
N PRO B 259 -6.49 -64.65 1.46
CA PRO B 259 -6.95 -63.71 2.50
C PRO B 259 -5.90 -62.66 2.79
N PRO B 260 -6.29 -61.52 3.34
CA PRO B 260 -5.31 -60.45 3.58
C PRO B 260 -4.31 -60.84 4.66
N GLU B 261 -3.12 -60.27 4.56
CA GLU B 261 -2.01 -60.60 5.46
C GLU B 261 -1.60 -59.34 6.21
N LEU B 262 -1.30 -59.50 7.50
CA LEU B 262 -1.03 -58.38 8.38
C LEU B 262 0.47 -58.09 8.41
N PHE B 263 0.83 -56.86 8.10
CA PHE B 263 2.21 -56.38 8.17
C PHE B 263 2.25 -55.13 9.05
N LEU B 264 3.22 -55.05 9.97
CA LEU B 264 3.40 -53.88 10.82
C LEU B 264 4.41 -52.92 10.21
N LEU B 265 4.07 -51.65 10.20
CA LEU B 265 4.99 -50.64 9.67
C LEU B 265 6.11 -50.39 10.68
N PRO B 266 7.37 -50.42 10.26
CA PRO B 266 8.48 -50.10 11.18
C PRO B 266 8.38 -48.67 11.66
N PRO B 267 8.33 -48.47 12.98
CA PRO B 267 8.09 -47.12 13.52
C PRO B 267 9.00 -46.04 12.97
N GLU B 268 10.25 -46.37 12.63
CA GLU B 268 11.15 -45.36 12.10
C GLU B 268 10.81 -44.95 10.69
N LEU B 269 9.82 -45.59 10.08
CA LEU B 269 9.39 -45.25 8.73
C LEU B 269 8.22 -44.29 8.71
N VAL B 270 7.49 -44.18 9.82
CA VAL B 270 6.28 -43.34 9.92
C VAL B 270 6.67 -42.04 10.61
N LEU B 271 6.89 -40.99 9.83
CA LEU B 271 7.24 -39.69 10.40
C LEU B 271 5.98 -38.99 10.92
N GLU B 272 6.05 -38.50 12.17
CA GLU B 272 4.93 -37.85 12.84
C GLU B 272 5.35 -36.49 13.39
N VAL B 273 4.38 -35.58 13.46
CA VAL B 273 4.61 -34.23 13.94
C VAL B 273 3.78 -34.04 15.21
N PRO B 274 4.41 -33.84 16.37
CA PRO B 274 3.66 -33.40 17.55
C PRO B 274 3.19 -31.97 17.36
N LEU B 275 1.94 -31.70 17.73
CA LEU B 275 1.33 -30.42 17.50
C LEU B 275 1.55 -29.51 18.70
N GLU B 276 2.05 -28.31 18.43
CA GLU B 276 2.16 -27.25 19.42
C GLU B 276 1.81 -25.93 18.77
N HIS B 277 1.52 -24.95 19.60
CA HIS B 277 1.07 -23.68 19.05
C HIS B 277 2.12 -22.61 19.33
N PRO B 278 2.34 -21.68 18.40
CA PRO B 278 3.46 -20.73 18.57
C PRO B 278 3.33 -19.82 19.77
N THR B 279 2.11 -19.44 20.15
CA THR B 279 1.96 -18.58 21.31
C THR B 279 0.93 -19.12 22.30
N LEU B 280 0.45 -20.36 22.17
CA LEU B 280 -0.47 -20.91 23.17
C LEU B 280 0.17 -22.16 23.74
N GLU B 281 0.91 -21.97 24.84
CA GLU B 281 1.81 -23.00 25.33
C GLU B 281 1.07 -24.19 25.90
N TRP B 282 -0.17 -24.01 26.36
CA TRP B 282 -0.95 -25.15 26.83
C TRP B 282 -1.38 -26.08 25.71
N PHE B 283 -1.34 -25.61 24.46
CA PHE B 283 -1.77 -26.45 23.36
C PHE B 283 -0.98 -27.76 23.33
N ALA B 284 0.33 -27.69 23.60
CA ALA B 284 1.14 -28.91 23.49
C ALA B 284 0.67 -29.98 24.47
N ALA B 285 0.06 -29.56 25.58
CA ALA B 285 -0.42 -30.53 26.58
C ALA B 285 -1.65 -31.28 26.12
N LEU B 286 -2.34 -30.82 25.05
CA LEU B 286 -3.40 -31.63 24.45
C LEU B 286 -2.86 -32.97 24.00
N GLY B 287 -1.57 -33.06 23.69
CA GLY B 287 -0.99 -34.33 23.28
C GLY B 287 -1.38 -34.72 21.88
N LEU B 288 -1.48 -33.76 20.98
CA LEU B 288 -1.91 -34.00 19.62
C LEU B 288 -0.70 -34.22 18.72
N ARG B 289 -0.93 -34.97 17.65
CA ARG B 289 0.08 -35.31 16.66
C ARG B 289 -0.64 -35.69 15.40
N TRP B 290 0.07 -35.61 14.28
CA TRP B 290 -0.43 -36.17 13.03
C TRP B 290 0.77 -36.72 12.27
N TYR B 291 0.51 -37.48 11.20
CA TYR B 291 1.60 -38.11 10.48
C TYR B 291 1.98 -37.25 9.27
N ALA B 292 3.20 -37.46 8.80
CA ALA B 292 3.75 -36.59 7.76
C ALA B 292 3.14 -36.85 6.39
N LEU B 293 2.73 -38.08 6.11
CA LEU B 293 2.56 -38.52 4.71
C LEU B 293 1.11 -38.92 4.42
N PRO B 294 0.42 -38.18 3.56
CA PRO B 294 -0.92 -38.60 3.14
C PRO B 294 -0.82 -39.53 1.94
N ALA B 295 -1.15 -40.80 2.12
CA ALA B 295 -0.90 -41.83 1.10
C ALA B 295 -2.15 -42.67 0.91
N VAL B 296 -2.95 -42.31 -0.09
CA VAL B 296 -4.21 -43.00 -0.35
C VAL B 296 -3.91 -44.32 -1.06
N SER B 297 -4.46 -45.40 -0.52
CA SER B 297 -4.13 -46.73 -0.99
C SER B 297 -5.33 -47.53 -1.48
N ASN B 298 -6.54 -46.96 -1.49
CA ASN B 298 -7.72 -47.76 -1.81
C ASN B 298 -8.41 -47.33 -3.10
N MET B 299 -7.83 -46.44 -3.88
CA MET B 299 -8.46 -46.13 -5.16
C MET B 299 -7.92 -47.04 -6.28
N LEU B 300 -8.65 -47.06 -7.40
CA LEU B 300 -8.28 -47.83 -8.57
C LEU B 300 -7.75 -46.89 -9.65
N LEU B 301 -6.61 -47.22 -10.22
CA LEU B 301 -6.07 -46.45 -11.33
C LEU B 301 -6.45 -47.12 -12.66
N GLU B 302 -7.07 -46.36 -13.55
CA GLU B 302 -7.52 -46.85 -14.86
CA GLU B 302 -7.54 -46.84 -14.85
C GLU B 302 -6.74 -46.14 -15.94
N ILE B 303 -6.05 -46.92 -16.78
CA ILE B 303 -5.25 -46.38 -17.87
C ILE B 303 -5.53 -47.18 -19.14
N GLY B 304 -6.02 -46.51 -20.17
CA GLY B 304 -6.28 -47.16 -21.44
C GLY B 304 -7.12 -48.43 -21.35
N GLY B 305 -8.13 -48.42 -20.48
CA GLY B 305 -8.96 -49.58 -20.27
C GLY B 305 -8.43 -50.59 -19.28
N LEU B 306 -7.13 -50.58 -18.99
CA LEU B 306 -6.59 -51.45 -17.97
C LEU B 306 -6.90 -50.89 -16.59
N GLU B 307 -7.08 -51.78 -15.63
CA GLU B 307 -7.44 -51.37 -14.28
C GLU B 307 -6.39 -51.87 -13.31
N PHE B 308 -6.01 -51.00 -12.37
CA PHE B 308 -4.99 -51.32 -11.36
C PHE B 308 -5.62 -51.12 -10.00
N PRO B 309 -6.17 -52.18 -9.39
CA PRO B 309 -6.89 -52.02 -8.12
C PRO B 309 -5.99 -51.66 -6.97
N ALA B 310 -4.68 -51.78 -7.13
CA ALA B 310 -3.73 -51.48 -6.07
C ALA B 310 -2.68 -50.56 -6.67
N ALA B 311 -2.72 -49.28 -6.28
CA ALA B 311 -1.78 -48.29 -6.78
C ALA B 311 -1.68 -47.11 -5.83
N PRO B 312 -1.15 -47.33 -4.63
CA PRO B 312 -1.10 -46.24 -3.63
C PRO B 312 -0.32 -45.05 -4.15
N PHE B 313 -0.80 -43.85 -3.82
CA PHE B 313 -0.15 -42.62 -4.24
C PHE B 313 -0.13 -41.63 -3.07
N SER B 314 0.81 -40.70 -3.12
CA SER B 314 1.00 -39.85 -1.96
C SER B 314 1.62 -38.54 -2.41
N GLY B 315 1.26 -37.47 -1.71
CA GLY B 315 1.90 -36.19 -1.93
C GLY B 315 2.29 -35.61 -0.59
N TRP B 316 1.83 -34.39 -0.29
CA TRP B 316 1.96 -33.80 1.01
C TRP B 316 0.66 -33.08 1.40
N TYR B 317 0.54 -32.79 2.69
CA TYR B 317 -0.72 -32.32 3.23
C TYR B 317 -0.92 -30.83 2.96
N MET B 318 -2.16 -30.46 2.63
CA MET B 318 -2.67 -29.13 2.87
C MET B 318 -3.20 -29.03 4.30
N SER B 319 -2.74 -28.00 5.04
CA SER B 319 -2.97 -27.92 6.49
C SER B 319 -4.44 -28.01 6.88
N THR B 320 -5.37 -27.50 6.07
CA THR B 320 -6.76 -27.60 6.48
C THR B 320 -7.27 -29.03 6.53
N GLU B 321 -6.62 -29.98 5.86
CA GLU B 321 -7.10 -31.36 5.98
C GLU B 321 -6.88 -31.88 7.39
N ILE B 322 -5.72 -31.54 7.98
CA ILE B 322 -5.42 -31.95 9.34
C ILE B 322 -6.18 -31.09 10.35
N GLY B 323 -6.01 -29.77 10.27
CA GLY B 323 -6.55 -28.86 11.25
C GLY B 323 -8.06 -28.81 11.29
N THR B 324 -8.67 -28.52 10.14
CA THR B 324 -10.11 -28.34 10.10
C THR B 324 -10.85 -29.67 10.02
N ARG B 325 -10.48 -30.53 9.06
CA ARG B 325 -11.23 -31.76 8.87
C ARG B 325 -10.85 -32.83 9.88
N ASN B 326 -9.58 -33.26 9.90
CA ASN B 326 -9.27 -34.42 10.74
C ASN B 326 -9.42 -34.10 12.22
N LEU B 327 -9.11 -32.86 12.64
CA LEU B 327 -9.15 -32.55 14.06
C LEU B 327 -10.44 -31.86 14.51
N CYS B 328 -11.13 -31.10 13.65
CA CYS B 328 -12.32 -30.38 14.06
C CYS B 328 -13.63 -30.96 13.56
N ASP B 329 -13.62 -31.88 12.61
CA ASP B 329 -14.90 -32.46 12.20
C ASP B 329 -15.56 -33.11 13.41
N PRO B 330 -16.86 -32.93 13.60
CA PRO B 330 -17.51 -33.48 14.80
C PRO B 330 -17.41 -34.99 14.88
N HIS B 331 -17.36 -35.66 13.73
CA HIS B 331 -17.27 -37.11 13.63
C HIS B 331 -15.83 -37.60 13.50
N ARG B 332 -14.86 -36.70 13.53
CA ARG B 332 -13.47 -37.08 13.58
C ARG B 332 -12.96 -36.86 15.04
N TYR B 333 -11.80 -36.26 15.26
CA TYR B 333 -11.31 -36.11 16.63
C TYR B 333 -12.11 -35.07 17.41
N ASN B 334 -12.69 -34.07 16.73
CA ASN B 334 -13.70 -33.22 17.33
C ASN B 334 -13.17 -32.49 18.57
N ILE B 335 -12.09 -31.71 18.37
CA ILE B 335 -11.41 -31.02 19.47
C ILE B 335 -11.83 -29.56 19.60
N LEU B 336 -12.74 -29.09 18.74
CA LEU B 336 -12.98 -27.65 18.61
C LEU B 336 -13.49 -27.04 19.92
N GLU B 337 -14.49 -27.66 20.55
CA GLU B 337 -15.06 -27.06 21.75
C GLU B 337 -14.03 -27.01 22.87
N ASP B 338 -13.14 -27.99 22.91
CA ASP B 338 -12.14 -28.07 23.97
C ASP B 338 -11.07 -27.01 23.81
N VAL B 339 -10.65 -26.76 22.57
CA VAL B 339 -9.66 -25.72 22.34
C VAL B 339 -10.24 -24.35 22.69
N ALA B 340 -11.50 -24.10 22.28
CA ALA B 340 -12.17 -22.83 22.58
C ALA B 340 -12.26 -22.57 24.07
N VAL B 341 -12.52 -23.62 24.86
CA VAL B 341 -12.68 -23.43 26.30
C VAL B 341 -11.33 -23.07 26.92
N CYS B 342 -10.25 -23.69 26.46
CA CYS B 342 -8.91 -23.33 26.92
C CYS B 342 -8.54 -21.92 26.52
N MET B 343 -8.91 -21.51 25.29
CA MET B 343 -8.72 -20.13 24.86
C MET B 343 -9.63 -19.17 25.61
N ASP B 344 -10.54 -19.70 26.43
CA ASP B 344 -11.50 -18.92 27.22
C ASP B 344 -12.40 -18.06 26.33
N LEU B 345 -12.91 -18.67 25.26
CA LEU B 345 -13.94 -18.07 24.43
C LEU B 345 -15.31 -18.36 25.03
N ASP B 346 -16.28 -17.51 24.71
CA ASP B 346 -17.64 -17.71 25.19
C ASP B 346 -18.33 -18.71 24.28
N THR B 347 -18.28 -19.98 24.66
CA THR B 347 -18.88 -21.05 23.86
C THR B 347 -20.38 -21.15 24.03
N ARG B 348 -21.00 -20.27 24.83
CA ARG B 348 -22.42 -20.33 25.10
C ARG B 348 -23.27 -19.67 24.03
N THR B 349 -22.69 -18.85 23.16
CA THR B 349 -23.42 -18.27 22.05
C THR B 349 -22.62 -18.43 20.77
N THR B 350 -23.32 -18.79 19.69
CA THR B 350 -22.67 -18.91 18.39
C THR B 350 -22.17 -17.56 17.90
N SER B 351 -22.82 -16.47 18.32
CA SER B 351 -22.49 -15.14 17.83
C SER B 351 -21.11 -14.65 18.29
N SER B 352 -20.48 -15.29 19.27
CA SER B 352 -19.10 -14.98 19.58
C SER B 352 -18.12 -15.47 18.53
N LEU B 353 -18.56 -16.34 17.61
CA LEU B 353 -17.68 -16.93 16.61
C LEU B 353 -16.53 -17.68 17.25
N TRP B 354 -16.77 -18.28 18.42
CA TRP B 354 -15.72 -19.07 19.04
C TRP B 354 -15.27 -20.22 18.15
N LYS B 355 -16.22 -20.85 17.44
CA LYS B 355 -15.86 -21.96 16.57
C LYS B 355 -14.85 -21.50 15.52
N ASP B 356 -15.15 -20.39 14.84
CA ASP B 356 -14.24 -19.87 13.84
C ASP B 356 -12.89 -19.50 14.45
N LYS B 357 -12.90 -18.94 15.67
CA LYS B 357 -11.65 -18.54 16.32
C LYS B 357 -10.81 -19.74 16.72
N ALA B 358 -11.43 -20.76 17.33
CA ALA B 358 -10.66 -21.93 17.72
C ALA B 358 -10.13 -22.65 16.50
N ALA B 359 -10.92 -22.72 15.44
CA ALA B 359 -10.48 -23.44 14.25
C ALA B 359 -9.28 -22.76 13.62
N VAL B 360 -9.32 -21.43 13.52
CA VAL B 360 -8.17 -20.71 12.98
C VAL B 360 -6.91 -21.08 13.75
N GLU B 361 -6.98 -21.02 15.08
CA GLU B 361 -5.78 -21.29 15.88
C GLU B 361 -5.33 -22.74 15.77
N ILE B 362 -6.24 -23.67 15.50
CA ILE B 362 -5.82 -25.07 15.36
C ILE B 362 -5.03 -25.22 14.08
N ASN B 363 -5.47 -24.54 13.02
CA ASN B 363 -4.75 -24.51 11.75
C ASN B 363 -3.37 -23.84 11.90
N VAL B 364 -3.31 -22.71 12.65
CA VAL B 364 -2.01 -22.08 12.93
C VAL B 364 -1.07 -23.09 13.57
N ALA B 365 -1.54 -23.82 14.58
CA ALA B 365 -0.66 -24.78 15.24
C ALA B 365 -0.17 -25.87 14.26
N VAL B 366 -1.07 -26.40 13.42
CA VAL B 366 -0.67 -27.42 12.45
C VAL B 366 0.46 -26.90 11.59
N LEU B 367 0.27 -25.72 11.01
CA LEU B 367 1.27 -25.13 10.13
C LEU B 367 2.57 -24.89 10.89
N HIS B 368 2.44 -24.31 12.09
CA HIS B 368 3.64 -24.03 12.86
C HIS B 368 4.39 -25.32 13.19
N SER B 369 3.67 -26.37 13.57
CA SER B 369 4.33 -27.59 13.99
C SER B 369 5.03 -28.30 12.82
N TYR B 370 4.37 -28.35 11.66
CA TYR B 370 5.04 -28.96 10.50
C TYR B 370 6.29 -28.19 10.09
N GLN B 371 6.20 -26.85 9.99
CA GLN B 371 7.38 -26.07 9.64
C GLN B 371 8.47 -26.24 10.69
N LEU B 372 8.07 -26.30 11.97
CA LEU B 372 9.05 -26.51 13.03
C LEU B 372 9.73 -27.86 12.92
N ALA B 373 8.95 -28.90 12.59
CA ALA B 373 9.49 -30.24 12.41
C ALA B 373 10.17 -30.44 11.07
N LYS B 374 10.16 -29.44 10.19
CA LYS B 374 10.77 -29.50 8.86
C LYS B 374 10.14 -30.63 8.03
N VAL B 375 8.80 -30.64 8.03
CA VAL B 375 7.98 -31.54 7.22
C VAL B 375 7.15 -30.69 6.28
N THR B 376 7.27 -30.96 4.98
CA THR B 376 6.52 -30.24 3.97
C THR B 376 5.04 -30.17 4.31
N ILE B 377 4.48 -28.98 4.13
CA ILE B 377 3.04 -28.76 4.25
C ILE B 377 2.74 -27.49 3.47
N VAL B 378 1.51 -27.35 2.99
CA VAL B 378 1.10 -26.14 2.29
C VAL B 378 -0.22 -25.66 2.90
N ASP B 379 -0.33 -24.34 3.08
CA ASP B 379 -1.55 -23.79 3.63
C ASP B 379 -2.56 -23.58 2.50
N HIS B 380 -3.83 -23.35 2.88
CA HIS B 380 -4.87 -23.35 1.86
C HIS B 380 -4.84 -22.11 0.97
N HIS B 381 -4.15 -21.04 1.41
CA HIS B 381 -4.01 -19.87 0.54
C HIS B 381 -2.95 -20.11 -0.53
N ALA B 382 -1.82 -20.69 -0.12
CA ALA B 382 -0.80 -20.99 -1.10
C ALA B 382 -1.28 -22.07 -2.06
N ALA B 383 -1.95 -23.11 -1.54
CA ALA B 383 -2.47 -24.19 -2.39
C ALA B 383 -3.47 -23.68 -3.42
N THR B 384 -4.44 -22.86 -3.00
CA THR B 384 -5.43 -22.39 -3.96
C THR B 384 -4.83 -21.39 -4.95
N ALA B 385 -3.86 -20.60 -4.52
CA ALA B 385 -3.13 -19.74 -5.46
C ALA B 385 -2.44 -20.58 -6.55
N SER B 386 -1.78 -21.67 -6.17
CA SER B 386 -1.10 -22.46 -7.18
C SER B 386 -2.09 -23.18 -8.09
N PHE B 387 -3.25 -23.56 -7.55
CA PHE B 387 -4.29 -24.17 -8.38
C PHE B 387 -4.79 -23.21 -9.45
N MET B 388 -4.95 -21.93 -9.10
CA MET B 388 -5.32 -20.94 -10.12
C MET B 388 -4.29 -20.89 -11.24
N LYS B 389 -3.00 -20.97 -10.88
CA LYS B 389 -1.96 -21.07 -11.90
C LYS B 389 -2.14 -22.33 -12.76
N HIS B 390 -2.50 -23.46 -12.14
CA HIS B 390 -2.76 -24.69 -12.89
C HIS B 390 -3.89 -24.51 -13.90
N LEU B 391 -5.01 -23.90 -13.46
CA LEU B 391 -6.15 -23.69 -14.35
C LEU B 391 -5.73 -22.94 -15.60
N GLU B 392 -4.91 -21.91 -15.43
CA GLU B 392 -4.46 -21.12 -16.56
C GLU B 392 -3.51 -21.92 -17.46
N ASN B 393 -2.65 -22.75 -16.86
CA ASN B 393 -1.80 -23.63 -17.67
C ASN B 393 -2.65 -24.63 -18.45
N GLU B 394 -3.56 -25.30 -17.76
CA GLU B 394 -4.40 -26.30 -18.41
C GLU B 394 -5.27 -25.67 -19.50
N GLN B 395 -5.73 -24.43 -19.30
CA GLN B 395 -6.53 -23.80 -20.35
C GLN B 395 -5.72 -23.64 -21.63
N LYS B 396 -4.46 -23.22 -21.51
CA LYS B 396 -3.61 -23.10 -22.70
C LYS B 396 -3.24 -24.47 -23.26
N ALA B 397 -3.00 -25.44 -22.38
CA ALA B 397 -2.51 -26.75 -22.81
C ALA B 397 -3.61 -27.60 -23.44
N ARG B 398 -4.78 -27.69 -22.80
CA ARG B 398 -5.86 -28.52 -23.30
C ARG B 398 -7.18 -27.80 -23.49
N GLY B 399 -7.30 -26.52 -23.11
CA GLY B 399 -8.56 -25.84 -23.29
C GLY B 399 -9.56 -26.15 -22.20
N GLY B 400 -9.09 -26.48 -21.01
CA GLY B 400 -10.00 -26.76 -19.92
C GLY B 400 -9.33 -27.60 -18.87
N CYS B 401 -10.09 -27.87 -17.82
CA CYS B 401 -9.59 -28.54 -16.63
C CYS B 401 -10.78 -28.96 -15.79
N PRO B 402 -11.01 -30.27 -15.62
CA PRO B 402 -12.10 -30.74 -14.77
C PRO B 402 -11.81 -30.39 -13.32
N ALA B 403 -12.75 -29.70 -12.68
CA ALA B 403 -12.61 -29.27 -11.30
C ALA B 403 -13.95 -29.35 -10.60
N ASP B 404 -13.95 -29.95 -9.42
CA ASP B 404 -15.12 -30.06 -8.55
C ASP B 404 -15.05 -28.93 -7.53
N TRP B 405 -15.83 -27.86 -7.77
CA TRP B 405 -15.80 -26.66 -6.96
C TRP B 405 -15.94 -26.94 -5.47
N ALA B 406 -16.87 -27.82 -5.09
CA ALA B 406 -17.09 -28.04 -3.66
C ALA B 406 -15.92 -28.72 -2.97
N TRP B 407 -14.98 -29.30 -3.71
CA TRP B 407 -13.83 -29.92 -3.09
C TRP B 407 -12.56 -29.08 -3.27
N ILE B 408 -12.51 -28.23 -4.28
CA ILE B 408 -11.36 -27.36 -4.46
C ILE B 408 -11.40 -26.21 -3.44
N VAL B 409 -12.59 -25.70 -3.11
CA VAL B 409 -12.68 -24.63 -2.11
C VAL B 409 -12.38 -25.21 -0.73
N PRO B 410 -11.46 -24.62 0.02
CA PRO B 410 -11.07 -25.18 1.31
C PRO B 410 -12.24 -25.15 2.29
N PRO B 411 -12.18 -25.97 3.34
CA PRO B 411 -13.30 -26.06 4.28
C PRO B 411 -13.36 -24.94 5.32
N ILE B 412 -12.35 -24.07 5.42
CA ILE B 412 -12.47 -22.79 6.08
C ILE B 412 -12.03 -21.71 5.11
N SER B 413 -12.60 -20.52 5.28
CA SER B 413 -12.12 -19.28 4.65
C SER B 413 -12.28 -19.29 3.13
N GLY B 414 -13.28 -20.00 2.63
CA GLY B 414 -13.36 -20.29 1.19
C GLY B 414 -13.34 -19.06 0.30
N SER B 415 -14.15 -18.05 0.64
CA SER B 415 -14.18 -16.84 -0.19
C SER B 415 -12.94 -15.98 -0.01
N LEU B 416 -12.13 -16.26 1.00
CA LEU B 416 -10.85 -15.58 1.09
C LEU B 416 -9.84 -16.12 0.07
N THR B 417 -10.15 -17.25 -0.55
CA THR B 417 -9.21 -17.77 -1.52
C THR B 417 -9.74 -17.56 -2.93
N PRO B 418 -8.85 -17.51 -3.93
CA PRO B 418 -9.29 -17.13 -5.28
C PRO B 418 -10.15 -18.16 -5.97
N VAL B 419 -10.04 -19.45 -5.61
CA VAL B 419 -10.84 -20.47 -6.28
C VAL B 419 -12.32 -20.29 -5.98
N PHE B 420 -12.67 -19.59 -4.88
CA PHE B 420 -14.08 -19.39 -4.55
C PHE B 420 -14.80 -18.69 -5.67
N HIS B 421 -14.15 -17.71 -6.27
CA HIS B 421 -14.75 -16.84 -7.27
C HIS B 421 -14.53 -17.35 -8.70
N GLN B 422 -13.90 -18.53 -8.86
CA GLN B 422 -13.68 -19.15 -10.16
C GLN B 422 -14.79 -20.16 -10.44
N GLU B 423 -15.59 -19.91 -11.46
CA GLU B 423 -16.53 -20.94 -11.91
C GLU B 423 -15.74 -22.14 -12.44
N MET B 424 -16.25 -23.34 -12.18
CA MET B 424 -15.56 -24.57 -12.59
C MET B 424 -16.54 -25.53 -13.26
N VAL B 425 -16.01 -26.31 -14.21
CA VAL B 425 -16.76 -27.36 -14.91
C VAL B 425 -16.21 -28.72 -14.47
N ASN B 426 -17.10 -29.58 -13.98
CA ASN B 426 -16.75 -30.90 -13.47
C ASN B 426 -17.08 -31.98 -14.53
N TYR B 427 -16.14 -32.89 -14.80
CA TYR B 427 -16.36 -33.98 -15.75
C TYR B 427 -15.24 -35.02 -15.63
N PHE B 428 -15.49 -36.20 -16.22
CA PHE B 428 -14.60 -37.34 -16.04
C PHE B 428 -13.78 -37.59 -17.31
N LEU B 429 -12.47 -37.47 -17.19
CA LEU B 429 -11.54 -37.90 -18.24
C LEU B 429 -10.82 -39.15 -17.81
N SER B 430 -10.33 -39.91 -18.79
CA SER B 430 -9.43 -41.03 -18.55
C SER B 430 -8.07 -40.77 -19.18
N PRO B 431 -6.98 -41.27 -18.58
CA PRO B 431 -6.82 -42.06 -17.36
C PRO B 431 -7.37 -41.38 -16.10
N ALA B 432 -7.64 -42.18 -15.08
CA ALA B 432 -8.39 -41.67 -13.95
C ALA B 432 -8.12 -42.50 -12.71
N PHE B 433 -8.19 -41.83 -11.56
CA PHE B 433 -8.33 -42.50 -10.27
C PHE B 433 -9.80 -42.61 -9.95
N ARG B 434 -10.22 -43.80 -9.51
CA ARG B 434 -11.63 -44.10 -9.30
C ARG B 434 -11.79 -44.75 -7.93
N TYR B 435 -12.94 -44.47 -7.32
CA TYR B 435 -13.37 -45.19 -6.13
C TYR B 435 -13.76 -46.60 -6.49
N GLN B 436 -13.66 -47.49 -5.52
CA GLN B 436 -13.91 -48.90 -5.77
C GLN B 436 -14.43 -49.53 -4.48
N PRO B 437 -15.16 -50.65 -4.57
CA PRO B 437 -15.71 -51.26 -3.36
C PRO B 437 -14.62 -51.72 -2.41
N ASP B 438 -14.93 -51.71 -1.12
CA ASP B 438 -14.02 -52.27 -0.13
C ASP B 438 -13.92 -53.77 -0.37
N PRO B 439 -12.72 -54.34 -0.37
CA PRO B 439 -12.58 -55.74 -0.81
C PRO B 439 -13.33 -56.73 0.06
N TRP B 440 -13.73 -56.34 1.27
CA TRP B 440 -14.44 -57.24 2.17
C TRP B 440 -15.96 -57.05 2.10
N PHE C 28 33.01 33.11 19.95
CA PHE C 28 32.85 31.71 19.57
C PHE C 28 31.38 31.31 19.38
N PRO C 29 30.99 31.04 18.13
CA PRO C 29 29.56 30.85 17.83
C PRO C 29 28.98 29.63 18.53
N ARG C 30 27.78 29.80 19.07
CA ARG C 30 27.03 28.74 19.72
C ARG C 30 26.19 28.02 18.68
N VAL C 31 26.40 26.72 18.54
CA VAL C 31 25.77 25.89 17.52
C VAL C 31 24.91 24.87 18.23
N LYS C 32 23.64 24.79 17.83
CA LYS C 32 22.66 23.93 18.48
C LYS C 32 22.19 22.86 17.52
N ASN C 33 21.99 21.65 18.04
CA ASN C 33 21.27 20.60 17.33
C ASN C 33 19.84 20.51 17.88
N TRP C 34 18.85 20.80 17.02
CA TRP C 34 17.46 20.91 17.45
C TRP C 34 16.75 19.58 17.56
N GLU C 35 17.31 18.51 17.01
CA GLU C 35 16.70 17.20 17.13
C GLU C 35 16.95 16.62 18.51
N VAL C 36 18.08 16.98 19.10
CA VAL C 36 18.58 16.37 20.32
C VAL C 36 18.63 17.39 21.46
N GLY C 37 18.96 18.64 21.16
CA GLY C 37 19.15 19.67 22.15
C GLY C 37 20.59 19.95 22.49
N SER C 38 21.53 19.21 21.90
CA SER C 38 22.93 19.38 22.23
C SER C 38 23.45 20.73 21.74
N ILE C 39 24.40 21.29 22.48
CA ILE C 39 25.04 22.56 22.17
C ILE C 39 26.54 22.33 22.08
N THR C 40 27.17 22.91 21.05
CA THR C 40 28.62 22.97 20.93
C THR C 40 29.03 24.39 20.56
N TYR C 41 30.34 24.65 20.60
CA TYR C 41 30.91 25.93 20.21
C TYR C 41 31.98 25.71 19.15
N ASP C 42 31.92 26.51 18.09
CA ASP C 42 32.88 26.42 16.99
C ASP C 42 34.02 27.39 17.29
N THR C 43 35.06 26.87 17.96
CA THR C 43 36.27 27.65 18.19
C THR C 43 37.20 27.65 16.99
N LEU C 44 36.97 26.74 16.04
CA LEU C 44 37.80 26.67 14.84
C LEU C 44 37.52 27.84 13.89
N SER C 45 36.29 28.36 13.91
CA SER C 45 35.93 29.48 13.06
C SER C 45 36.85 30.67 13.26
N ALA C 46 37.40 30.82 14.48
CA ALA C 46 38.27 31.95 14.79
C ALA C 46 39.57 31.93 13.98
N GLN C 47 39.92 30.78 13.39
CA GLN C 47 41.16 30.63 12.64
C GLN C 47 40.95 30.73 11.14
N ALA C 48 39.91 31.44 10.71
CA ALA C 48 39.54 31.52 9.29
C ALA C 48 40.32 32.63 8.61
N GLN C 49 40.88 32.31 7.43
CA GLN C 49 41.64 33.31 6.68
C GLN C 49 40.75 34.02 5.67
N GLN C 50 40.71 33.50 4.44
CA GLN C 50 39.98 34.17 3.35
C GLN C 50 38.54 34.47 3.77
N ASP C 51 38.13 35.71 3.55
CA ASP C 51 36.83 36.16 4.01
C ASP C 51 35.73 35.80 3.01
N GLY C 52 34.56 35.49 3.55
CA GLY C 52 33.44 35.10 2.75
C GLY C 52 32.51 36.25 2.37
N PRO C 53 31.37 35.89 1.80
CA PRO C 53 30.54 36.90 1.12
C PRO C 53 29.63 37.70 2.04
N CYS C 54 29.41 37.23 3.27
CA CYS C 54 28.39 37.77 4.15
C CYS C 54 28.92 38.97 4.91
N THR C 55 28.01 39.87 5.29
CA THR C 55 28.26 41.00 6.16
C THR C 55 27.16 41.11 7.20
N PRO C 56 27.35 41.87 8.28
CA PRO C 56 26.26 42.11 9.23
C PRO C 56 24.97 42.64 8.59
N ARG C 57 25.07 43.30 7.43
CA ARG C 57 23.90 43.93 6.81
C ARG C 57 23.05 42.94 6.03
N ARG C 58 23.65 41.92 5.43
CA ARG C 58 22.87 40.95 4.68
C ARG C 58 23.69 39.67 4.54
N CYS C 59 22.99 38.58 4.30
CA CYS C 59 23.59 37.26 4.21
C CYS C 59 23.49 36.76 2.78
N LEU C 60 24.63 36.32 2.23
CA LEU C 60 24.70 35.77 0.89
C LEU C 60 25.05 34.29 0.91
N GLY C 61 24.71 33.60 2.00
CA GLY C 61 25.12 32.22 2.15
C GLY C 61 24.58 31.30 1.06
N SER C 62 23.51 31.71 0.38
CA SER C 62 22.84 30.86 -0.59
C SER C 62 23.40 31.01 -2.00
N LEU C 63 24.34 31.93 -2.23
CA LEU C 63 24.90 32.17 -3.56
C LEU C 63 25.90 31.06 -3.94
N VAL C 64 25.81 30.57 -5.17
CA VAL C 64 26.64 29.44 -5.58
C VAL C 64 28.10 29.85 -5.70
N PHE C 65 28.37 30.95 -6.39
CA PHE C 65 29.69 31.56 -6.44
C PHE C 65 29.61 32.96 -5.85
N PRO C 66 30.31 33.25 -4.76
CA PRO C 66 30.53 34.66 -4.41
C PRO C 66 31.26 35.38 -5.54
N ARG C 67 31.19 36.71 -5.51
CA ARG C 67 31.68 37.52 -6.64
C ARG C 67 33.16 37.34 -6.96
N LYS C 68 33.78 36.27 -6.47
CA LYS C 68 35.23 36.08 -6.56
C LYS C 68 35.70 35.72 -7.97
N LEU C 69 36.12 34.46 -8.14
CA LEU C 69 36.76 33.97 -9.38
C LEU C 69 37.94 34.86 -9.79
N ALA C 79 56.36 40.27 -6.97
CA ALA C 79 56.90 39.33 -5.98
C ALA C 79 56.26 39.59 -4.61
N PRO C 80 55.89 38.51 -3.90
CA PRO C 80 55.24 38.69 -2.60
C PRO C 80 55.89 37.96 -1.42
N GLU C 81 55.76 38.53 -0.22
CA GLU C 81 55.90 37.78 1.02
C GLU C 81 54.57 37.24 1.51
N GLN C 82 53.49 37.49 0.77
CA GLN C 82 52.25 36.81 1.06
C GLN C 82 52.37 35.32 0.77
N LEU C 83 53.29 34.93 -0.12
CA LEU C 83 53.54 33.51 -0.33
C LEU C 83 54.21 32.89 0.89
N LEU C 84 55.13 33.62 1.52
CA LEU C 84 55.83 33.11 2.70
C LEU C 84 54.90 33.00 3.90
N SER C 85 53.96 33.94 4.07
CA SER C 85 53.04 33.84 5.20
C SER C 85 52.19 32.58 5.10
N GLN C 86 51.76 32.21 3.88
CA GLN C 86 50.89 31.05 3.72
C GLN C 86 51.65 29.73 3.77
N ALA C 87 52.94 29.73 3.39
CA ALA C 87 53.72 28.51 3.50
C ALA C 87 54.11 28.22 4.95
N ARG C 88 54.49 29.25 5.70
CA ARG C 88 54.81 29.07 7.11
C ARG C 88 53.66 28.42 7.86
N ASP C 89 52.46 29.02 7.76
CA ASP C 89 51.32 28.50 8.51
C ASP C 89 51.03 27.06 8.12
N PHE C 90 51.09 26.75 6.83
CA PHE C 90 50.84 25.40 6.38
C PHE C 90 51.86 24.42 6.96
N ILE C 91 53.13 24.81 7.00
CA ILE C 91 54.14 23.90 7.55
C ILE C 91 53.90 23.68 9.03
N ASN C 92 53.57 24.74 9.76
CA ASN C 92 53.19 24.62 11.16
C ASN C 92 52.03 23.65 11.32
N GLN C 93 51.01 23.76 10.45
CA GLN C 93 49.92 22.80 10.45
C GLN C 93 50.44 21.37 10.26
N TYR C 94 51.36 21.18 9.32
CA TYR C 94 51.84 19.83 9.03
C TYR C 94 52.57 19.23 10.23
N TYR C 95 53.52 19.97 10.81
CA TYR C 95 54.27 19.40 11.92
C TYR C 95 53.43 19.29 13.19
N SER C 96 52.32 20.04 13.27
CA SER C 96 51.40 19.86 14.38
CA SER C 96 51.40 19.86 14.39
C SER C 96 50.67 18.53 14.30
N SER C 97 50.22 18.16 13.09
CA SER C 97 49.46 16.93 12.89
C SER C 97 50.31 15.67 13.06
N ILE C 98 51.64 15.79 13.07
CA ILE C 98 52.50 14.64 13.32
C ILE C 98 53.15 14.72 14.70
N LYS C 99 52.67 15.61 15.57
CA LYS C 99 53.06 15.68 16.98
C LYS C 99 54.56 15.97 17.13
N ARG C 100 55.09 16.83 16.27
CA ARG C 100 56.51 17.19 16.30
C ARG C 100 56.69 18.69 16.09
N SER C 101 55.82 19.49 16.70
CA SER C 101 55.99 20.94 16.70
C SER C 101 57.14 21.32 17.61
N GLY C 102 58.04 22.17 17.13
CA GLY C 102 59.23 22.51 17.88
C GLY C 102 60.34 21.48 17.77
N SER C 103 60.21 20.50 16.90
CA SER C 103 61.30 19.57 16.63
C SER C 103 62.38 20.26 15.81
N GLN C 104 63.55 19.62 15.73
CA GLN C 104 64.59 20.14 14.85
C GLN C 104 64.17 20.01 13.39
N ALA C 105 63.51 18.88 13.05
CA ALA C 105 63.02 18.68 11.69
C ALA C 105 62.01 19.75 11.27
N HIS C 106 61.28 20.31 12.25
CA HIS C 106 60.29 21.35 11.97
C HIS C 106 60.96 22.69 11.67
N GLU C 107 61.90 23.09 12.51
CA GLU C 107 62.63 24.33 12.26
C GLU C 107 63.51 24.21 11.02
N GLN C 108 64.05 23.02 10.77
CA GLN C 108 64.80 22.77 9.55
C GLN C 108 63.95 23.06 8.32
N ARG C 109 62.74 22.51 8.28
CA ARG C 109 61.86 22.68 7.13
C ARG C 109 61.36 24.12 7.01
N LEU C 110 61.26 24.85 8.13
CA LEU C 110 60.95 26.27 8.02
C LEU C 110 62.08 27.04 7.33
N GLN C 111 63.33 26.71 7.64
CA GLN C 111 64.44 27.40 7.01
C GLN C 111 64.51 27.10 5.52
N GLU C 112 64.27 25.84 5.13
CA GLU C 112 64.41 25.44 3.74
C GLU C 112 63.43 26.18 2.83
N VAL C 113 62.15 26.27 3.24
CA VAL C 113 61.17 26.98 2.43
C VAL C 113 61.54 28.46 2.30
N GLU C 114 62.01 29.07 3.38
CA GLU C 114 62.52 30.44 3.30
C GLU C 114 63.57 30.58 2.20
N ALA C 115 64.49 29.61 2.12
CA ALA C 115 65.59 29.70 1.17
C ALA C 115 65.13 29.46 -0.26
N GLU C 116 64.18 28.54 -0.46
CA GLU C 116 63.68 28.28 -1.82
C GLU C 116 62.97 29.51 -2.38
N VAL C 117 62.12 30.13 -1.57
CA VAL C 117 61.44 31.35 -2.02
C VAL C 117 62.44 32.49 -2.21
N ALA C 118 63.35 32.67 -1.24
CA ALA C 118 64.40 33.68 -1.41
C ALA C 118 65.16 33.45 -2.71
N ALA C 119 65.36 32.20 -3.10
CA ALA C 119 66.14 31.86 -4.29
C ALA C 119 65.32 31.85 -5.57
N THR C 120 64.10 31.28 -5.53
CA THR C 120 63.34 31.03 -6.75
C THR C 120 61.98 31.71 -6.79
N GLY C 121 61.57 32.38 -5.72
CA GLY C 121 60.27 33.04 -5.72
C GLY C 121 59.14 32.11 -5.33
N THR C 122 59.27 30.82 -5.64
CA THR C 122 58.29 29.82 -5.26
C THR C 122 58.98 28.77 -4.38
N TYR C 123 58.27 27.68 -4.12
CA TYR C 123 58.88 26.54 -3.43
C TYR C 123 58.17 25.26 -3.84
N GLN C 124 58.79 24.13 -3.48
CA GLN C 124 58.26 22.82 -3.78
C GLN C 124 57.82 22.14 -2.49
N LEU C 125 56.72 21.40 -2.57
CA LEU C 125 56.21 20.65 -1.44
C LEU C 125 56.86 19.26 -1.39
N ARG C 126 57.33 18.86 -0.21
CA ARG C 126 57.63 17.46 0.05
C ARG C 126 56.41 16.60 -0.24
N GLU C 127 56.67 15.35 -0.67
CA GLU C 127 55.58 14.46 -1.07
C GLU C 127 54.57 14.29 0.07
N SER C 128 55.07 14.15 1.31
CA SER C 128 54.16 13.95 2.44
C SER C 128 53.32 15.20 2.70
N GLU C 129 53.93 16.39 2.57
CA GLU C 129 53.18 17.62 2.71
C GLU C 129 52.11 17.74 1.64
N LEU C 130 52.46 17.40 0.40
CA LEU C 130 51.48 17.42 -0.68
C LEU C 130 50.32 16.49 -0.37
N VAL C 131 50.61 15.31 0.16
CA VAL C 131 49.55 14.39 0.56
C VAL C 131 48.76 14.96 1.74
N PHE C 132 49.46 15.52 2.73
CA PHE C 132 48.78 16.15 3.85
C PHE C 132 47.86 17.27 3.40
N GLY C 133 48.34 18.10 2.46
CA GLY C 133 47.52 19.21 1.99
C GLY C 133 46.30 18.75 1.21
N ALA C 134 46.44 17.69 0.43
CA ALA C 134 45.31 17.18 -0.35
C ALA C 134 44.19 16.74 0.59
N LYS C 135 44.54 16.03 1.66
CA LYS C 135 43.52 15.58 2.60
C LYS C 135 42.98 16.72 3.45
N GLN C 136 43.77 17.77 3.67
CA GLN C 136 43.28 18.90 4.45
C GLN C 136 42.24 19.68 3.65
N ALA C 137 42.53 19.94 2.38
CA ALA C 137 41.57 20.65 1.54
C ALA C 137 40.23 19.91 1.52
N TRP C 138 40.26 18.59 1.39
CA TRP C 138 39.02 17.82 1.44
C TRP C 138 38.29 18.02 2.78
N ARG C 139 39.02 17.81 3.88
CA ARG C 139 38.50 17.99 5.23
C ARG C 139 37.84 19.36 5.42
N ASN C 140 38.37 20.37 4.73
CA ASN C 140 37.93 21.75 4.86
C ASN C 140 36.84 22.15 3.89
N ALA C 141 36.47 21.28 2.94
CA ALA C 141 35.47 21.61 1.93
C ALA C 141 34.09 21.76 2.56
N PRO C 142 33.59 22.99 2.75
CA PRO C 142 32.37 23.15 3.55
C PRO C 142 31.15 22.53 2.91
N ARG C 143 31.15 22.35 1.58
CA ARG C 143 29.98 21.86 0.88
C ARG C 143 29.96 20.35 0.73
N CYS C 144 31.02 19.67 1.14
CA CYS C 144 31.14 18.22 0.96
C CYS C 144 30.52 17.48 2.14
N VAL C 145 29.51 16.65 1.85
CA VAL C 145 28.88 15.78 2.85
C VAL C 145 29.62 14.46 3.04
N GLY C 146 30.60 14.15 2.19
CA GLY C 146 31.29 12.87 2.28
C GLY C 146 32.56 12.87 3.11
N ARG C 147 32.75 13.87 3.97
CA ARG C 147 34.06 14.10 4.56
C ARG C 147 34.41 13.13 5.69
N ILE C 148 33.48 12.29 6.14
CA ILE C 148 33.89 11.22 7.06
C ILE C 148 35.02 10.38 6.46
N GLN C 149 35.15 10.39 5.13
CA GLN C 149 36.18 9.62 4.44
C GLN C 149 37.50 10.37 4.29
N TRP C 150 37.61 11.61 4.78
CA TRP C 150 38.71 12.46 4.34
C TRP C 150 40.09 11.87 4.63
N GLY C 151 40.20 10.92 5.56
CA GLY C 151 41.50 10.37 5.86
C GLY C 151 41.98 9.31 4.87
N LYS C 152 41.05 8.71 4.14
CA LYS C 152 41.34 7.67 3.16
C LYS C 152 41.29 8.33 1.79
N LEU C 153 42.45 8.70 1.26
CA LEU C 153 42.54 9.45 0.02
C LEU C 153 43.85 9.10 -0.67
N GLN C 154 43.76 8.73 -1.94
CA GLN C 154 44.92 8.31 -2.70
C GLN C 154 45.40 9.50 -3.52
N VAL C 155 46.65 9.91 -3.32
CA VAL C 155 47.19 11.12 -3.90
C VAL C 155 48.26 10.71 -4.92
N PHE C 156 47.91 10.74 -6.21
CA PHE C 156 48.91 10.54 -7.27
C PHE C 156 49.63 11.84 -7.56
N ASP C 157 50.95 11.79 -7.57
CA ASP C 157 51.79 12.97 -7.70
C ASP C 157 52.22 13.09 -9.15
N ALA C 158 51.58 14.02 -9.87
CA ALA C 158 51.83 14.21 -11.29
C ALA C 158 52.57 15.51 -11.57
N ARG C 159 53.33 16.02 -10.59
CA ARG C 159 54.04 17.29 -10.75
C ARG C 159 55.18 17.20 -11.75
N ASP C 160 55.53 16.00 -12.20
CA ASP C 160 56.49 15.80 -13.28
C ASP C 160 55.93 16.11 -14.66
N CYS C 161 54.61 16.30 -14.77
CA CYS C 161 53.96 16.30 -16.08
C CYS C 161 54.59 17.34 -17.02
N ARG C 162 54.58 17.01 -18.30
CA ARG C 162 55.32 17.76 -19.31
C ARG C 162 54.46 18.18 -20.50
N SER C 163 53.52 17.33 -20.94
CA SER C 163 52.72 17.62 -22.13
C SER C 163 51.26 17.24 -21.87
N ALA C 164 50.45 17.37 -22.93
CA ALA C 164 49.04 17.01 -22.85
C ALA C 164 48.82 15.50 -23.06
N GLN C 165 49.70 14.83 -23.80
CA GLN C 165 49.61 13.38 -23.92
C GLN C 165 49.99 12.71 -22.61
N GLU C 166 50.99 13.25 -21.91
CA GLU C 166 51.36 12.74 -20.60
C GLU C 166 50.24 12.97 -19.59
N MET C 167 49.68 14.18 -19.58
CA MET C 167 48.51 14.46 -18.76
C MET C 167 47.41 13.43 -19.01
N PHE C 168 47.13 13.14 -20.28
CA PHE C 168 46.07 12.19 -20.62
C PHE C 168 46.29 10.82 -19.99
N THR C 169 47.55 10.38 -19.85
CA THR C 169 47.81 9.05 -19.28
C THR C 169 47.71 9.08 -17.75
N TYR C 170 48.10 10.18 -17.10
CA TYR C 170 47.84 10.32 -15.67
C TYR C 170 46.34 10.23 -15.37
N ILE C 171 45.53 10.86 -16.22
CA ILE C 171 44.09 10.89 -16.01
C ILE C 171 43.52 9.49 -16.15
N CYS C 172 44.05 8.71 -17.11
CA CYS C 172 43.55 7.36 -17.35
C CYS C 172 43.96 6.40 -16.25
N ASN C 173 45.11 6.63 -15.61
CA ASN C 173 45.48 5.80 -14.47
C ASN C 173 44.56 6.08 -13.29
N HIS C 174 44.38 7.36 -12.94
CA HIS C 174 43.43 7.76 -11.91
C HIS C 174 42.06 7.13 -12.14
N ILE C 175 41.51 7.33 -13.35
CA ILE C 175 40.20 6.78 -13.67
C ILE C 175 40.19 5.28 -13.43
N LYS C 176 41.21 4.58 -13.95
CA LYS C 176 41.33 3.14 -13.70
C LYS C 176 41.44 2.84 -12.22
N TYR C 177 42.33 3.54 -11.51
CA TYR C 177 42.49 3.30 -10.09
C TYR C 177 41.21 3.64 -9.32
N ALA C 178 40.63 4.82 -9.58
CA ALA C 178 39.43 5.21 -8.86
C ALA C 178 38.26 4.28 -9.18
N THR C 179 38.05 3.98 -10.45
CA THR C 179 36.90 3.17 -10.84
C THR C 179 37.02 1.76 -10.26
N ASN C 180 38.09 1.05 -10.62
CA ASN C 180 38.49 -0.19 -9.96
C ASN C 180 37.36 -1.22 -10.03
N ARG C 181 36.88 -1.45 -11.27
CA ARG C 181 35.84 -2.45 -11.53
C ARG C 181 34.56 -2.16 -10.75
N GLY C 182 34.39 -0.92 -10.28
CA GLY C 182 33.17 -0.53 -9.61
C GLY C 182 33.23 -0.49 -8.09
N ASN C 183 34.37 -0.82 -7.48
CA ASN C 183 34.54 -0.70 -6.04
C ASN C 183 35.36 0.56 -5.80
N LEU C 184 34.67 1.70 -5.70
CA LEU C 184 35.31 2.99 -5.90
C LEU C 184 36.25 3.37 -4.75
N ARG C 185 37.32 4.09 -5.12
CA ARG C 185 38.33 4.53 -4.17
C ARG C 185 38.62 6.01 -4.43
N SER C 186 38.53 6.83 -3.38
CA SER C 186 38.74 8.26 -3.53
C SER C 186 40.16 8.52 -3.96
N ALA C 187 40.34 9.49 -4.86
CA ALA C 187 41.65 9.73 -5.42
C ALA C 187 41.71 11.13 -5.99
N ILE C 188 42.91 11.71 -5.99
CA ILE C 188 43.21 13.00 -6.60
C ILE C 188 44.58 12.87 -7.27
N THR C 189 44.70 13.46 -8.47
CA THR C 189 45.96 13.56 -9.19
C THR C 189 46.36 15.02 -9.27
N VAL C 190 47.59 15.34 -8.87
CA VAL C 190 48.06 16.73 -8.70
C VAL C 190 49.09 17.02 -9.80
N PHE C 191 48.72 17.89 -10.73
CA PHE C 191 49.57 18.30 -11.84
C PHE C 191 50.43 19.48 -11.42
N PRO C 192 51.44 19.85 -12.23
CA PRO C 192 52.41 20.86 -11.78
C PRO C 192 51.74 22.16 -11.34
N GLN C 193 52.26 22.72 -10.26
CA GLN C 193 51.73 23.96 -9.72
C GLN C 193 51.95 25.11 -10.70
N ARG C 194 51.15 26.16 -10.52
CA ARG C 194 51.30 27.35 -11.33
C ARG C 194 52.61 28.06 -11.00
N CYS C 195 53.26 28.59 -12.01
CA CYS C 195 54.49 29.36 -11.83
C CYS C 195 54.43 30.59 -12.73
N PRO C 196 55.09 31.67 -12.33
CA PRO C 196 55.12 32.87 -13.19
C PRO C 196 55.89 32.61 -14.47
N GLY C 197 55.54 33.40 -15.50
CA GLY C 197 56.19 33.32 -16.79
C GLY C 197 55.74 32.19 -17.68
N ARG C 198 55.12 31.14 -17.13
CA ARG C 198 54.63 30.00 -17.88
C ARG C 198 53.13 29.86 -17.66
N GLY C 199 52.47 29.21 -18.62
CA GLY C 199 51.03 29.01 -18.54
C GLY C 199 50.59 28.09 -17.43
N ASP C 200 49.41 27.49 -17.59
CA ASP C 200 48.89 26.54 -16.62
C ASP C 200 48.48 25.25 -17.31
N PHE C 201 48.66 24.14 -16.60
CA PHE C 201 47.87 22.96 -16.90
C PHE C 201 46.42 23.27 -16.55
N ARG C 202 45.51 22.96 -17.48
CA ARG C 202 44.08 23.19 -17.28
C ARG C 202 43.32 22.08 -17.97
N ILE C 203 42.36 21.50 -17.27
CA ILE C 203 41.41 20.57 -17.87
C ILE C 203 40.15 21.35 -18.19
N TRP C 204 39.75 21.37 -19.46
CA TRP C 204 38.64 22.21 -19.89
C TRP C 204 37.28 21.61 -19.53
N ASN C 205 37.20 20.30 -19.34
CA ASN C 205 35.96 19.70 -18.88
C ASN C 205 35.76 20.02 -17.41
N SER C 206 34.49 20.12 -16.99
CA SER C 206 34.19 20.32 -15.59
C SER C 206 34.39 19.03 -14.79
N GLN C 207 34.02 17.91 -15.39
CA GLN C 207 34.28 16.58 -14.85
C GLN C 207 35.02 15.74 -15.89
N LEU C 208 35.63 14.65 -15.41
CA LEU C 208 36.33 13.78 -16.36
C LEU C 208 35.35 12.99 -17.21
N VAL C 209 34.16 12.68 -16.67
CA VAL C 209 33.11 12.05 -17.43
C VAL C 209 31.96 13.03 -17.50
N ARG C 210 31.62 13.47 -18.71
CA ARG C 210 30.48 14.33 -18.95
C ARG C 210 29.74 13.85 -20.18
N TYR C 211 28.42 14.05 -20.20
CA TYR C 211 27.63 13.70 -21.36
C TYR C 211 27.45 14.91 -22.27
N ALA C 212 27.27 14.64 -23.56
CA ALA C 212 27.18 15.69 -24.54
C ALA C 212 25.86 16.45 -24.45
N GLY C 213 25.89 17.71 -24.88
CA GLY C 213 24.69 18.54 -24.94
C GLY C 213 24.55 19.18 -26.31
N TYR C 214 23.53 18.75 -27.05
CA TYR C 214 23.36 19.11 -28.45
C TYR C 214 22.17 20.04 -28.58
N ARG C 215 22.42 21.28 -28.97
CA ARG C 215 21.36 22.23 -29.25
C ARG C 215 20.65 21.84 -30.55
N GLN C 216 19.33 21.98 -30.58
CA GLN C 216 18.55 21.54 -31.72
C GLN C 216 18.04 22.72 -32.53
N GLN C 217 17.47 22.40 -33.70
CA GLN C 217 16.91 23.41 -34.59
C GLN C 217 15.82 24.23 -33.89
N ASP C 218 15.22 23.68 -32.83
CA ASP C 218 14.16 24.33 -32.08
C ASP C 218 14.62 24.79 -30.70
N GLY C 219 15.93 24.94 -30.49
CA GLY C 219 16.45 25.45 -29.24
C GLY C 219 16.53 24.47 -28.09
N SER C 220 15.75 23.40 -28.10
CA SER C 220 15.86 22.40 -27.04
C SER C 220 17.16 21.62 -27.18
N VAL C 221 17.48 20.85 -26.15
CA VAL C 221 18.74 20.11 -26.08
C VAL C 221 18.44 18.62 -26.03
N ARG C 222 19.15 17.85 -26.86
CA ARG C 222 19.28 16.41 -26.70
C ARG C 222 20.60 16.13 -26.00
N GLY C 223 20.55 15.33 -24.95
CA GLY C 223 21.69 15.19 -24.07
C GLY C 223 21.62 16.04 -22.81
N ASP C 224 22.77 16.36 -22.23
CA ASP C 224 22.84 17.06 -20.96
C ASP C 224 22.96 18.56 -21.18
N PRO C 225 21.97 19.37 -20.79
CA PRO C 225 22.07 20.82 -21.02
C PRO C 225 23.21 21.48 -20.27
N ALA C 226 23.64 20.92 -19.14
CA ALA C 226 24.75 21.47 -18.38
C ALA C 226 26.06 21.51 -19.17
N ASN C 227 26.15 20.77 -20.27
CA ASN C 227 27.40 20.60 -21.00
C ASN C 227 27.30 21.08 -22.45
N VAL C 228 26.35 21.97 -22.75
CA VAL C 228 26.22 22.48 -24.11
C VAL C 228 27.46 23.28 -24.49
N GLU C 229 28.05 23.99 -23.54
CA GLU C 229 29.19 24.86 -23.85
C GLU C 229 30.42 24.04 -24.20
N ILE C 230 30.78 23.08 -23.35
CA ILE C 230 31.96 22.27 -23.62
C ILE C 230 31.75 21.44 -24.89
N THR C 231 30.53 20.92 -25.08
CA THR C 231 30.23 20.16 -26.30
C THR C 231 30.50 20.99 -27.56
N GLU C 232 30.22 22.30 -27.50
CA GLU C 232 30.52 23.16 -28.64
C GLU C 232 32.03 23.32 -28.80
N LEU C 233 32.76 23.37 -27.69
CA LEU C 233 34.22 23.44 -27.76
C LEU C 233 34.81 22.15 -28.31
N CYS C 234 34.30 21.00 -27.83
CA CYS C 234 34.80 19.71 -28.31
C CYS C 234 34.61 19.56 -29.81
N ILE C 235 33.41 19.86 -30.30
CA ILE C 235 33.17 19.84 -31.74
C ILE C 235 34.07 20.85 -32.44
N GLN C 236 34.19 22.06 -31.88
CA GLN C 236 34.99 23.10 -32.49
C GLN C 236 36.44 22.68 -32.68
N HIS C 237 36.97 21.89 -31.74
CA HIS C 237 38.34 21.44 -31.80
C HIS C 237 38.50 20.08 -32.49
N GLY C 238 37.46 19.62 -33.19
CA GLY C 238 37.60 18.48 -34.09
C GLY C 238 36.75 17.26 -33.78
N TRP C 239 35.97 17.24 -32.71
CA TRP C 239 35.23 16.03 -32.35
C TRP C 239 34.10 15.77 -33.34
N THR C 240 33.88 14.48 -33.63
CA THR C 240 32.77 14.00 -34.45
C THR C 240 31.58 13.69 -33.54
N PRO C 241 30.60 14.59 -33.46
CA PRO C 241 29.53 14.43 -32.47
C PRO C 241 28.61 13.27 -32.82
N GLY C 242 28.18 12.56 -31.78
CA GLY C 242 27.09 11.62 -31.91
C GLY C 242 25.78 12.38 -31.98
N ASN C 243 24.69 11.66 -31.76
CA ASN C 243 23.39 12.27 -31.51
C ASN C 243 22.64 11.41 -30.50
N GLY C 244 23.20 11.30 -29.31
CA GLY C 244 22.58 10.58 -28.22
C GLY C 244 22.48 11.40 -26.96
N ARG C 245 21.47 11.07 -26.15
CA ARG C 245 21.31 11.67 -24.85
C ARG C 245 22.43 11.30 -23.88
N PHE C 246 23.28 10.35 -24.24
CA PHE C 246 24.31 9.83 -23.33
C PHE C 246 25.61 9.56 -24.08
N ASP C 247 26.09 10.55 -24.84
CA ASP C 247 27.40 10.44 -25.48
C ASP C 247 28.45 11.00 -24.54
N VAL C 248 29.40 10.15 -24.14
CA VAL C 248 30.50 10.58 -23.28
C VAL C 248 31.38 11.56 -24.04
N LEU C 249 31.55 12.75 -23.48
CA LEU C 249 32.34 13.76 -24.13
C LEU C 249 33.80 13.32 -24.19
N PRO C 250 34.56 13.84 -25.15
CA PRO C 250 36.02 13.69 -25.09
C PRO C 250 36.63 14.72 -24.15
N LEU C 251 37.88 14.47 -23.77
CA LEU C 251 38.58 15.40 -22.91
C LEU C 251 39.21 16.51 -23.75
N LEU C 252 39.32 17.69 -23.16
CA LEU C 252 40.04 18.81 -23.74
C LEU C 252 41.13 19.18 -22.74
N LEU C 253 42.35 18.74 -23.01
CA LEU C 253 43.46 18.89 -22.09
C LEU C 253 44.42 19.96 -22.61
N GLN C 254 44.73 20.93 -21.76
CA GLN C 254 45.53 22.10 -22.12
C GLN C 254 46.90 21.96 -21.46
N ALA C 255 47.92 21.71 -22.25
CA ALA C 255 49.27 21.83 -21.75
C ALA C 255 49.66 23.30 -21.68
N PRO C 256 50.63 23.66 -20.84
CA PRO C 256 51.03 25.07 -20.72
C PRO C 256 51.32 25.72 -22.07
N ASP C 257 50.62 26.82 -22.32
CA ASP C 257 50.79 27.66 -23.51
C ASP C 257 50.29 26.99 -24.78
N GLU C 258 50.38 25.66 -24.86
CA GLU C 258 49.82 24.94 -25.99
C GLU C 258 48.30 25.09 -26.01
N PRO C 259 47.69 25.10 -27.20
CA PRO C 259 46.23 25.02 -27.28
C PRO C 259 45.74 23.69 -26.73
N PRO C 260 44.46 23.57 -26.44
CA PRO C 260 43.95 22.27 -25.95
C PRO C 260 44.05 21.20 -27.03
N GLU C 261 44.25 19.96 -26.59
CA GLU C 261 44.21 18.79 -27.46
C GLU C 261 43.03 17.91 -27.07
N LEU C 262 42.30 17.43 -28.07
CA LEU C 262 41.20 16.50 -27.83
C LEU C 262 41.71 15.10 -27.58
N PHE C 263 41.00 14.37 -26.71
CA PHE C 263 41.32 12.97 -26.42
C PHE C 263 40.04 12.20 -26.19
N LEU C 264 39.88 11.07 -26.88
CA LEU C 264 38.70 10.23 -26.68
C LEU C 264 38.99 9.19 -25.60
N LEU C 265 38.13 9.12 -24.59
CA LEU C 265 38.33 8.19 -23.48
C LEU C 265 38.07 6.77 -23.96
N PRO C 266 38.94 5.82 -23.64
CA PRO C 266 38.68 4.43 -24.01
C PRO C 266 37.36 3.96 -23.41
N PRO C 267 36.46 3.42 -24.23
CA PRO C 267 35.15 2.97 -23.72
C PRO C 267 35.24 2.05 -22.51
N GLU C 268 36.20 1.12 -22.52
CA GLU C 268 36.41 0.22 -21.40
C GLU C 268 36.80 0.94 -20.12
N LEU C 269 37.25 2.19 -20.22
CA LEU C 269 37.69 2.95 -19.04
C LEU C 269 36.56 3.69 -18.36
N VAL C 270 35.45 3.92 -19.07
CA VAL C 270 34.35 4.73 -18.56
C VAL C 270 33.23 3.76 -18.15
N LEU C 271 33.19 3.45 -16.87
CA LEU C 271 32.19 2.52 -16.37
C LEU C 271 30.85 3.24 -16.20
N GLU C 272 29.78 2.65 -16.73
CA GLU C 272 28.46 3.25 -16.74
C GLU C 272 27.45 2.23 -16.24
N VAL C 273 26.34 2.74 -15.74
CA VAL C 273 25.29 1.94 -15.10
C VAL C 273 23.98 2.21 -15.85
N PRO C 274 23.40 1.22 -16.51
CA PRO C 274 22.05 1.40 -17.07
C PRO C 274 21.03 1.34 -15.94
N LEU C 275 20.00 2.18 -16.05
CA LEU C 275 19.06 2.35 -14.95
C LEU C 275 17.81 1.49 -15.17
N GLU C 276 17.49 0.70 -14.16
CA GLU C 276 16.27 -0.11 -14.15
CA GLU C 276 16.30 -0.14 -14.14
C GLU C 276 15.61 0.03 -12.79
N HIS C 277 14.32 -0.28 -12.74
CA HIS C 277 13.64 -0.17 -11.45
C HIS C 277 13.30 -1.56 -10.93
N PRO C 278 13.41 -1.80 -9.62
CA PRO C 278 13.16 -3.17 -9.10
C PRO C 278 11.77 -3.68 -9.38
N THR C 279 10.78 -2.81 -9.58
CA THR C 279 9.42 -3.27 -9.79
C THR C 279 8.71 -2.62 -10.97
N LEU C 280 9.14 -1.47 -11.45
CA LEU C 280 8.55 -0.82 -12.61
C LEU C 280 9.27 -1.33 -13.84
N GLU C 281 8.68 -2.36 -14.48
CA GLU C 281 9.34 -3.08 -15.56
C GLU C 281 9.68 -2.16 -16.73
N TRP C 282 8.91 -1.09 -16.92
CA TRP C 282 9.12 -0.19 -18.06
C TRP C 282 10.28 0.79 -17.85
N PHE C 283 10.73 0.99 -16.61
CA PHE C 283 11.76 2.00 -16.36
C PHE C 283 13.00 1.80 -17.22
N ALA C 284 13.47 0.55 -17.33
CA ALA C 284 14.61 0.24 -18.18
C ALA C 284 14.39 0.71 -19.61
N ALA C 285 13.15 0.60 -20.10
CA ALA C 285 12.85 0.99 -21.46
C ALA C 285 12.97 2.49 -21.68
N LEU C 286 13.09 3.27 -20.62
CA LEU C 286 13.42 4.68 -20.78
C LEU C 286 14.85 4.91 -21.23
N GLY C 287 15.66 3.85 -21.31
CA GLY C 287 17.05 3.96 -21.73
C GLY C 287 17.89 4.97 -20.97
N LEU C 288 17.63 5.15 -19.67
CA LEU C 288 18.46 6.06 -18.91
C LEU C 288 19.71 5.35 -18.42
N ARG C 289 20.79 6.10 -18.26
CA ARG C 289 22.04 5.61 -17.72
C ARG C 289 22.78 6.76 -17.05
N TRP C 290 23.64 6.44 -16.08
CA TRP C 290 24.60 7.41 -15.57
C TRP C 290 25.95 6.71 -15.38
N TYR C 291 27.01 7.50 -15.30
CA TYR C 291 28.34 6.95 -15.16
C TYR C 291 28.68 6.71 -13.68
N ALA C 292 29.78 5.99 -13.45
CA ALA C 292 30.15 5.55 -12.11
C ALA C 292 31.03 6.56 -11.36
N LEU C 293 31.93 7.26 -12.04
CA LEU C 293 32.94 8.05 -11.36
C LEU C 293 32.55 9.52 -11.35
N PRO C 294 32.27 10.12 -10.18
CA PRO C 294 32.16 11.58 -10.11
C PRO C 294 33.55 12.17 -9.92
N ALA C 295 34.10 12.77 -10.97
CA ALA C 295 35.50 13.18 -11.00
C ALA C 295 35.59 14.61 -11.49
N VAL C 296 35.83 15.55 -10.55
CA VAL C 296 35.76 16.99 -10.81
C VAL C 296 37.12 17.51 -11.24
N SER C 297 37.16 18.17 -12.41
CA SER C 297 38.43 18.51 -13.06
C SER C 297 38.57 19.99 -13.38
N ASN C 298 37.79 20.88 -12.75
CA ASN C 298 37.91 22.31 -13.03
C ASN C 298 38.16 23.16 -11.79
N MET C 299 38.35 22.55 -10.63
CA MET C 299 38.64 23.31 -9.43
C MET C 299 40.15 23.42 -9.21
N LEU C 300 40.51 24.39 -8.38
CA LEU C 300 41.90 24.76 -8.15
C LEU C 300 42.25 24.41 -6.72
N LEU C 301 43.33 23.64 -6.56
CA LEU C 301 43.81 23.23 -5.25
C LEU C 301 44.84 24.25 -4.76
N GLU C 302 44.66 24.73 -3.54
CA GLU C 302 45.57 25.69 -2.94
C GLU C 302 46.16 25.08 -1.68
N ILE C 303 47.46 24.83 -1.70
CA ILE C 303 48.18 24.32 -0.53
C ILE C 303 49.33 25.29 -0.21
N GLY C 304 49.42 25.71 1.04
CA GLY C 304 50.49 26.55 1.53
C GLY C 304 50.90 27.68 0.60
N GLY C 305 49.92 28.33 -0.01
CA GLY C 305 50.19 29.41 -0.93
C GLY C 305 50.49 29.01 -2.35
N LEU C 306 50.63 27.71 -2.64
CA LEU C 306 50.78 27.28 -4.01
C LEU C 306 49.42 26.96 -4.60
N GLU C 307 49.33 27.07 -5.92
CA GLU C 307 48.06 26.95 -6.62
C GLU C 307 48.21 25.94 -7.74
N PHE C 308 47.40 24.88 -7.70
CA PHE C 308 47.43 23.81 -8.69
C PHE C 308 46.17 23.87 -9.54
N PRO C 309 46.20 24.55 -10.70
CA PRO C 309 44.96 24.75 -11.46
C PRO C 309 44.37 23.48 -12.05
N ALA C 310 45.15 22.39 -12.11
CA ALA C 310 44.65 21.08 -12.53
C ALA C 310 45.01 20.09 -11.44
N ALA C 311 43.99 19.63 -10.70
CA ALA C 311 44.16 18.67 -9.60
C ALA C 311 42.88 17.85 -9.46
N PRO C 312 42.54 17.04 -10.46
CA PRO C 312 41.24 16.35 -10.46
C PRO C 312 41.10 15.39 -9.29
N PHE C 313 39.98 15.48 -8.58
CA PHE C 313 39.67 14.58 -7.48
C PHE C 313 38.37 13.84 -7.77
N SER C 314 38.28 12.62 -7.26
CA SER C 314 37.11 11.77 -7.48
C SER C 314 36.75 11.03 -6.20
N GLY C 315 35.47 10.74 -6.05
CA GLY C 315 34.99 9.96 -4.93
C GLY C 315 34.00 8.94 -5.42
N TRP C 316 32.84 8.85 -4.76
CA TRP C 316 31.73 8.10 -5.31
C TRP C 316 30.47 8.93 -5.07
N TYR C 317 29.43 8.60 -5.84
CA TYR C 317 28.19 9.38 -5.88
C TYR C 317 27.33 9.11 -4.65
N MET C 318 26.68 10.17 -4.18
CA MET C 318 25.45 10.07 -3.41
C MET C 318 24.30 10.01 -4.43
N SER C 319 23.32 9.16 -4.15
CA SER C 319 22.33 8.83 -5.17
C SER C 319 21.44 10.02 -5.55
N THR C 320 21.16 10.93 -4.61
CA THR C 320 20.33 12.08 -4.96
C THR C 320 21.00 12.97 -6.00
N GLU C 321 22.34 12.99 -6.03
CA GLU C 321 23.03 13.75 -7.06
C GLU C 321 22.60 13.30 -8.46
N ILE C 322 22.52 11.99 -8.67
CA ILE C 322 22.14 11.46 -9.97
C ILE C 322 20.64 11.54 -10.15
N GLY C 323 19.90 10.90 -9.26
CA GLY C 323 18.46 10.81 -9.43
C GLY C 323 17.79 12.15 -9.31
N THR C 324 18.13 12.93 -8.28
CA THR C 324 17.34 14.14 -8.10
C THR C 324 17.88 15.31 -8.91
N ARG C 325 19.17 15.63 -8.77
CA ARG C 325 19.67 16.82 -9.48
C ARG C 325 19.91 16.53 -10.96
N ASN C 326 20.66 15.46 -11.30
CA ASN C 326 21.08 15.30 -12.69
C ASN C 326 19.92 14.93 -13.60
N LEU C 327 19.04 14.05 -13.15
CA LEU C 327 17.95 13.57 -13.99
C LEU C 327 16.70 14.40 -13.86
N CYS C 328 16.46 15.02 -12.69
CA CYS C 328 15.17 15.68 -12.44
C CYS C 328 15.21 17.20 -12.47
N ASP C 329 16.38 17.84 -12.33
CA ASP C 329 16.39 19.30 -12.37
C ASP C 329 15.76 19.79 -13.67
N PRO C 330 14.96 20.86 -13.64
CA PRO C 330 14.31 21.32 -14.88
C PRO C 330 15.30 21.73 -15.94
N HIS C 331 16.53 22.08 -15.57
CA HIS C 331 17.51 22.52 -16.56
C HIS C 331 18.56 21.44 -16.82
N ARG C 332 18.33 20.25 -16.33
CA ARG C 332 19.17 19.07 -16.62
C ARG C 332 18.37 18.13 -17.49
N TYR C 333 18.31 16.82 -17.19
CA TYR C 333 17.61 15.90 -18.07
C TYR C 333 16.10 16.03 -17.97
N ASN C 334 15.58 16.57 -16.86
CA ASN C 334 14.17 16.97 -16.76
C ASN C 334 13.20 15.82 -17.07
N ILE C 335 13.48 14.65 -16.48
CA ILE C 335 12.69 13.45 -16.80
C ILE C 335 11.48 13.28 -15.90
N LEU C 336 11.28 14.19 -14.93
CA LEU C 336 10.29 13.94 -13.88
C LEU C 336 8.90 13.68 -14.46
N GLU C 337 8.48 14.50 -15.44
CA GLU C 337 7.15 14.33 -15.97
C GLU C 337 7.03 13.07 -16.82
N ASP C 338 8.13 12.62 -17.42
CA ASP C 338 8.04 11.42 -18.24
C ASP C 338 7.86 10.18 -17.37
N VAL C 339 8.51 10.17 -16.20
CA VAL C 339 8.36 9.02 -15.29
C VAL C 339 6.97 9.02 -14.68
N ALA C 340 6.39 10.21 -14.44
CA ALA C 340 5.07 10.29 -13.83
C ALA C 340 3.96 9.81 -14.78
N VAL C 341 4.07 10.14 -16.08
CA VAL C 341 3.15 9.59 -17.07
C VAL C 341 3.22 8.07 -17.10
N CYS C 342 4.42 7.51 -16.98
CA CYS C 342 4.56 6.06 -16.98
C CYS C 342 3.94 5.44 -15.74
N MET C 343 4.04 6.13 -14.61
CA MET C 343 3.43 5.64 -13.37
C MET C 343 1.94 5.94 -13.30
N ASP C 344 1.36 6.54 -14.34
CA ASP C 344 -0.05 6.89 -14.35
C ASP C 344 -0.43 7.87 -13.24
N LEU C 345 0.49 8.76 -12.86
CA LEU C 345 0.20 9.74 -11.81
C LEU C 345 -0.62 10.91 -12.34
N ASP C 346 -1.33 11.55 -11.43
CA ASP C 346 -2.19 12.68 -11.79
C ASP C 346 -1.33 13.94 -11.89
N THR C 347 -0.79 14.19 -13.07
CA THR C 347 -0.04 15.41 -13.29
C THR C 347 -0.92 16.61 -13.49
N ARG C 348 -2.21 16.52 -13.22
CA ARG C 348 -3.10 17.65 -13.44
C ARG C 348 -3.21 18.57 -12.24
N THR C 349 -2.79 18.13 -11.05
CA THR C 349 -2.78 18.98 -9.86
C THR C 349 -1.49 18.79 -9.08
N THR C 350 -0.94 19.90 -8.57
CA THR C 350 0.29 19.81 -7.80
C THR C 350 0.09 19.02 -6.50
N SER C 351 -1.13 18.96 -5.98
CA SER C 351 -1.39 18.42 -4.66
C SER C 351 -1.55 16.91 -4.65
N SER C 352 -1.51 16.26 -5.82
CA SER C 352 -1.30 14.82 -5.86
C SER C 352 0.11 14.43 -5.47
N LEU C 353 1.02 15.41 -5.35
CA LEU C 353 2.44 15.18 -5.07
C LEU C 353 3.04 14.21 -6.09
N TRP C 354 2.55 14.28 -7.32
CA TRP C 354 3.09 13.46 -8.38
C TRP C 354 4.59 13.69 -8.60
N LYS C 355 5.06 14.94 -8.45
CA LYS C 355 6.51 15.17 -8.60
C LYS C 355 7.29 14.41 -7.54
N ASP C 356 6.84 14.51 -6.28
CA ASP C 356 7.51 13.85 -5.17
C ASP C 356 7.51 12.34 -5.34
N LYS C 357 6.38 11.76 -5.77
CA LYS C 357 6.30 10.32 -5.96
C LYS C 357 7.25 9.86 -7.06
N ALA C 358 7.20 10.53 -8.22
CA ALA C 358 8.08 10.17 -9.30
C ALA C 358 9.54 10.35 -8.89
N ALA C 359 9.84 11.42 -8.15
CA ALA C 359 11.22 11.67 -7.78
C ALA C 359 11.76 10.54 -6.89
N VAL C 360 10.93 10.00 -6.01
CA VAL C 360 11.44 8.97 -5.11
C VAL C 360 11.75 7.71 -5.89
N GLU C 361 10.90 7.37 -6.85
CA GLU C 361 11.11 6.15 -7.62
C GLU C 361 12.35 6.24 -8.50
N ILE C 362 12.68 7.43 -9.01
CA ILE C 362 13.93 7.59 -9.74
C ILE C 362 15.12 7.32 -8.83
N ASN C 363 15.11 7.88 -7.62
CA ASN C 363 16.17 7.57 -6.67
C ASN C 363 16.18 6.11 -6.29
N VAL C 364 15.02 5.49 -6.15
CA VAL C 364 14.97 4.06 -5.88
C VAL C 364 15.69 3.29 -6.99
N ALA C 365 15.43 3.68 -8.24
CA ALA C 365 16.04 3.00 -9.38
C ALA C 365 17.53 3.23 -9.43
N VAL C 366 17.98 4.47 -9.13
CA VAL C 366 19.40 4.76 -9.13
C VAL C 366 20.13 3.85 -8.14
N LEU C 367 19.66 3.84 -6.88
CA LEU C 367 20.29 2.99 -5.88
C LEU C 367 20.25 1.52 -6.29
N HIS C 368 19.12 1.06 -6.81
CA HIS C 368 18.98 -0.34 -7.19
C HIS C 368 19.93 -0.72 -8.31
N SER C 369 20.03 0.15 -9.32
CA SER C 369 20.85 -0.10 -10.49
C SER C 369 22.34 -0.11 -10.14
N TYR C 370 22.80 0.86 -9.34
CA TYR C 370 24.21 0.86 -8.97
C TYR C 370 24.57 -0.38 -8.16
N GLN C 371 23.69 -0.78 -7.23
CA GLN C 371 23.96 -1.99 -6.45
C GLN C 371 24.01 -3.22 -7.34
N LEU C 372 23.02 -3.35 -8.22
CA LEU C 372 22.98 -4.51 -9.11
C LEU C 372 24.24 -4.59 -9.94
N ALA C 373 24.76 -3.44 -10.36
CA ALA C 373 26.03 -3.37 -11.08
C ALA C 373 27.24 -3.39 -10.17
N LYS C 374 27.06 -3.57 -8.86
CA LYS C 374 28.18 -3.60 -7.90
C LYS C 374 29.08 -2.38 -8.05
N VAL C 375 28.47 -1.21 -8.12
CA VAL C 375 29.18 0.06 -8.18
C VAL C 375 28.88 0.82 -6.88
N THR C 376 29.94 1.32 -6.25
CA THR C 376 29.80 2.02 -4.97
C THR C 376 28.86 3.22 -5.09
N ILE C 377 27.81 3.25 -4.26
CA ILE C 377 26.93 4.41 -4.16
C ILE C 377 26.40 4.49 -2.73
N VAL C 378 26.06 5.70 -2.30
CA VAL C 378 25.55 5.89 -0.95
C VAL C 378 24.27 6.74 -1.00
N ASP C 379 23.27 6.33 -0.23
CA ASP C 379 22.02 7.07 -0.19
C ASP C 379 22.16 8.27 0.74
N HIS C 380 21.24 9.24 0.58
CA HIS C 380 21.35 10.48 1.34
C HIS C 380 21.11 10.28 2.84
N HIS C 381 20.43 9.20 3.24
CA HIS C 381 20.27 8.95 4.66
C HIS C 381 21.57 8.46 5.27
N ALA C 382 22.15 7.41 4.67
CA ALA C 382 23.45 6.92 5.09
C ALA C 382 24.49 8.05 5.05
N ALA C 383 24.50 8.81 3.95
CA ALA C 383 25.51 9.87 3.80
C ALA C 383 25.38 10.90 4.92
N THR C 384 24.17 11.42 5.15
CA THR C 384 24.02 12.46 6.17
C THR C 384 24.32 11.90 7.55
N ALA C 385 23.92 10.67 7.83
CA ALA C 385 24.21 10.14 9.16
C ALA C 385 25.71 10.06 9.39
N SER C 386 26.49 9.73 8.34
CA SER C 386 27.94 9.71 8.49
CA SER C 386 27.94 9.71 8.51
C SER C 386 28.49 11.12 8.72
N PHE C 387 27.84 12.11 8.12
CA PHE C 387 28.32 13.48 8.30
C PHE C 387 28.11 13.96 9.72
N MET C 388 27.00 13.58 10.35
CA MET C 388 26.83 13.87 11.76
C MET C 388 27.97 13.27 12.57
N LYS C 389 28.31 12.01 12.29
CA LYS C 389 29.43 11.38 12.97
C LYS C 389 30.71 12.13 12.67
N HIS C 390 30.84 12.67 11.46
CA HIS C 390 32.01 13.48 11.14
C HIS C 390 32.04 14.75 11.99
N LEU C 391 30.91 15.45 12.09
CA LEU C 391 30.84 16.64 12.94
C LEU C 391 31.27 16.31 14.37
N GLU C 392 30.85 15.16 14.90
CA GLU C 392 31.26 14.78 16.24
C GLU C 392 32.78 14.61 16.32
N ASN C 393 33.37 13.84 15.39
CA ASN C 393 34.82 13.68 15.35
C ASN C 393 35.52 15.02 15.26
N GLU C 394 35.05 15.88 14.36
CA GLU C 394 35.72 17.15 14.13
C GLU C 394 35.62 18.06 15.34
N GLN C 395 34.52 17.96 16.10
CA GLN C 395 34.39 18.75 17.32
C GLN C 395 35.51 18.39 18.30
N LYS C 396 35.75 17.10 18.50
CA LYS C 396 36.87 16.67 19.35
C LYS C 396 38.20 17.08 18.74
N ALA C 397 38.40 16.81 17.46
CA ALA C 397 39.73 16.94 16.87
C ALA C 397 40.16 18.41 16.83
N ARG C 398 39.33 19.27 16.22
CA ARG C 398 39.70 20.65 15.93
C ARG C 398 38.76 21.69 16.51
N GLY C 399 37.75 21.29 17.28
CA GLY C 399 36.81 22.26 17.84
C GLY C 399 35.81 22.82 16.86
N GLY C 400 35.32 22.01 15.92
CA GLY C 400 34.33 22.47 14.97
C GLY C 400 34.61 22.07 13.53
N CYS C 401 33.75 22.50 12.64
CA CYS C 401 33.86 22.03 11.27
C CYS C 401 33.11 23.00 10.36
N PRO C 402 33.77 23.54 9.33
CA PRO C 402 33.06 24.40 8.37
C PRO C 402 32.10 23.58 7.53
N ALA C 403 30.84 24.00 7.51
CA ALA C 403 29.80 23.25 6.85
C ALA C 403 28.84 24.24 6.23
N ASP C 404 28.40 23.95 5.01
CA ASP C 404 27.51 24.81 4.26
C ASP C 404 26.13 24.15 4.26
N TRP C 405 25.25 24.65 5.13
CA TRP C 405 23.97 24.00 5.39
C TRP C 405 23.21 23.70 4.11
N ALA C 406 23.15 24.70 3.21
CA ALA C 406 22.35 24.59 2.01
C ALA C 406 22.86 23.48 1.09
N TRP C 407 24.15 23.18 1.12
CA TRP C 407 24.68 22.09 0.31
C TRP C 407 24.80 20.77 1.06
N ILE C 408 24.80 20.79 2.40
CA ILE C 408 24.88 19.53 3.14
C ILE C 408 23.52 18.81 3.16
N VAL C 409 22.45 19.56 3.40
CA VAL C 409 21.10 19.01 3.42
C VAL C 409 20.71 18.51 2.03
N PRO C 410 20.26 17.27 1.87
CA PRO C 410 20.04 16.70 0.52
C PRO C 410 18.89 17.39 -0.21
N PRO C 411 18.83 17.28 -1.54
CA PRO C 411 17.82 18.01 -2.31
C PRO C 411 16.44 17.40 -2.28
N ILE C 412 16.28 16.23 -1.67
CA ILE C 412 14.97 15.65 -1.37
C ILE C 412 15.02 15.17 0.07
N SER C 413 13.85 15.15 0.72
CA SER C 413 13.70 14.57 2.06
C SER C 413 14.57 15.27 3.11
N GLY C 414 14.92 16.54 2.90
CA GLY C 414 15.78 17.30 3.79
C GLY C 414 15.56 17.09 5.27
N SER C 415 14.40 17.50 5.80
CA SER C 415 14.11 17.39 7.22
C SER C 415 13.99 15.97 7.71
N LEU C 416 13.97 14.99 6.81
CA LEU C 416 14.07 13.58 7.23
C LEU C 416 15.49 13.18 7.56
N THR C 417 16.45 14.00 7.26
CA THR C 417 17.82 13.64 7.59
C THR C 417 18.28 14.41 8.81
N PRO C 418 19.25 13.90 9.56
CA PRO C 418 19.65 14.60 10.79
C PRO C 418 20.31 15.93 10.54
N VAL C 419 20.98 16.12 9.39
CA VAL C 419 21.71 17.37 9.18
C VAL C 419 20.78 18.57 9.12
N PHE C 420 19.52 18.33 8.76
CA PHE C 420 18.55 19.44 8.66
C PHE C 420 18.40 20.16 9.99
N HIS C 421 18.44 19.41 11.09
CA HIS C 421 18.19 19.98 12.40
C HIS C 421 19.47 20.45 13.06
N GLN C 422 20.60 20.30 12.38
CA GLN C 422 21.90 20.71 12.91
C GLN C 422 22.25 22.10 12.39
N GLU C 423 22.41 23.05 13.31
CA GLU C 423 22.96 24.34 12.95
C GLU C 423 24.43 24.19 12.55
N MET C 424 24.84 24.98 11.56
CA MET C 424 26.17 24.89 10.98
C MET C 424 26.78 26.28 10.84
N VAL C 425 28.11 26.30 10.88
CA VAL C 425 28.91 27.50 10.68
C VAL C 425 29.76 27.31 9.44
N ASN C 426 29.74 28.31 8.54
CA ASN C 426 30.44 28.25 7.28
C ASN C 426 31.54 29.31 7.26
N TYR C 427 32.77 28.87 6.98
CA TYR C 427 33.93 29.75 6.91
C TYR C 427 34.98 29.04 6.05
N PHE C 428 36.03 29.78 5.69
CA PHE C 428 37.04 29.31 4.75
C PHE C 428 38.34 29.00 5.50
N LEU C 429 38.74 27.74 5.48
CA LEU C 429 40.06 27.32 5.94
C LEU C 429 40.94 26.92 4.76
N SER C 430 42.26 27.07 4.93
CA SER C 430 43.25 26.62 3.98
C SER C 430 44.08 25.47 4.57
N PRO C 431 44.50 24.47 3.77
CA PRO C 431 44.37 24.27 2.33
C PRO C 431 42.91 24.12 1.91
N ALA C 432 42.61 24.45 0.65
CA ALA C 432 41.23 24.44 0.21
C ALA C 432 41.15 24.12 -1.27
N PHE C 433 39.98 23.67 -1.68
CA PHE C 433 39.60 23.71 -3.08
C PHE C 433 38.86 25.00 -3.36
N ARG C 434 39.22 25.65 -4.47
CA ARG C 434 38.66 26.94 -4.84
C ARG C 434 38.08 26.84 -6.24
N TYR C 435 37.01 27.59 -6.49
CA TYR C 435 36.54 27.77 -7.86
C TYR C 435 37.52 28.68 -8.61
N GLN C 436 37.52 28.56 -9.93
CA GLN C 436 38.46 29.33 -10.74
C GLN C 436 37.83 29.65 -12.08
N PRO C 437 38.29 30.70 -12.76
CA PRO C 437 37.76 31.01 -14.09
C PRO C 437 37.94 29.83 -15.04
N ASP C 438 37.06 29.75 -16.03
CA ASP C 438 37.28 28.82 -17.13
C ASP C 438 38.54 29.25 -17.89
N PRO C 439 39.34 28.28 -18.37
CA PRO C 439 40.66 28.64 -18.95
C PRO C 439 40.60 29.70 -20.02
N TRP C 440 39.56 29.67 -20.85
CA TRP C 440 39.30 30.69 -21.85
C TRP C 440 38.76 31.98 -21.21
N LYS D 27 28.15 47.15 -6.19
CA LYS D 27 27.69 47.72 -4.93
C LYS D 27 26.67 46.78 -4.28
N PHE D 28 25.73 46.31 -5.09
CA PHE D 28 24.63 45.49 -4.62
C PHE D 28 24.82 44.04 -5.05
N PRO D 29 24.29 43.11 -4.25
CA PRO D 29 24.47 41.68 -4.56
C PRO D 29 23.81 41.26 -5.86
N ARG D 30 24.55 40.52 -6.69
CA ARG D 30 23.99 39.89 -7.88
C ARG D 30 23.45 38.50 -7.54
N VAL D 31 22.22 38.25 -7.97
CA VAL D 31 21.43 37.10 -7.53
C VAL D 31 20.95 36.37 -8.77
N LYS D 32 21.25 35.08 -8.88
CA LYS D 32 20.96 34.30 -10.07
C LYS D 32 19.86 33.28 -9.79
N ASN D 33 19.00 33.06 -10.78
CA ASN D 33 18.12 31.90 -10.78
C ASN D 33 18.74 30.85 -11.69
N TRP D 34 19.05 29.70 -11.13
CA TRP D 34 19.76 28.68 -11.90
C TRP D 34 18.83 27.84 -12.76
N GLU D 35 17.55 27.76 -12.41
CA GLU D 35 16.62 27.05 -13.29
C GLU D 35 16.54 27.73 -14.66
N VAL D 36 16.50 29.06 -14.67
CA VAL D 36 16.19 29.82 -15.88
C VAL D 36 17.41 30.57 -16.43
N GLY D 37 18.30 31.06 -15.56
CA GLY D 37 19.44 31.85 -16.00
C GLY D 37 19.31 33.35 -15.79
N SER D 38 18.18 33.81 -15.27
CA SER D 38 17.99 35.25 -15.08
C SER D 38 18.84 35.79 -13.92
N ILE D 39 19.02 37.10 -13.92
CA ILE D 39 19.96 37.78 -13.04
C ILE D 39 19.32 39.07 -12.54
N THR D 40 19.39 39.30 -11.24
CA THR D 40 18.91 40.54 -10.64
C THR D 40 19.93 41.01 -9.61
N TYR D 41 19.84 42.28 -9.26
CA TYR D 41 20.65 42.86 -8.19
C TYR D 41 19.71 43.36 -7.10
N ASP D 42 20.05 43.06 -5.85
CA ASP D 42 19.19 43.37 -4.72
C ASP D 42 19.67 44.69 -4.12
N THR D 43 19.12 45.80 -4.64
CA THR D 43 19.45 47.12 -4.13
C THR D 43 18.75 47.41 -2.81
N LEU D 44 17.60 46.79 -2.56
CA LEU D 44 16.89 46.98 -1.31
C LEU D 44 17.74 46.57 -0.11
N SER D 45 18.67 45.63 -0.30
CA SER D 45 19.50 45.14 0.80
C SER D 45 20.37 46.25 1.39
N ALA D 46 20.74 47.24 0.58
CA ALA D 46 21.52 48.36 1.08
C ALA D 46 20.81 49.12 2.18
N GLN D 47 19.48 49.08 2.21
CA GLN D 47 18.71 49.81 3.21
C GLN D 47 18.48 49.02 4.49
N ALA D 48 19.12 47.85 4.64
CA ALA D 48 18.91 47.03 5.82
C ALA D 48 19.24 47.81 7.09
N GLN D 49 18.25 47.91 7.97
CA GLN D 49 18.28 48.85 9.09
C GLN D 49 18.84 48.25 10.38
N GLN D 50 18.85 46.93 10.51
CA GLN D 50 19.46 46.27 11.64
C GLN D 50 20.47 45.25 11.12
N ASP D 51 21.36 44.82 12.01
CA ASP D 51 22.45 43.93 11.63
C ASP D 51 22.17 42.50 12.08
N GLY D 52 22.62 41.55 11.26
CA GLY D 52 22.46 40.14 11.54
C GLY D 52 23.74 39.48 12.02
N PRO D 53 23.71 38.15 12.16
CA PRO D 53 24.82 37.43 12.82
C PRO D 53 26.04 37.11 11.97
N CYS D 54 25.97 37.26 10.65
CA CYS D 54 27.08 36.89 9.79
C CYS D 54 28.16 37.96 9.78
N THR D 55 29.38 37.54 9.49
CA THR D 55 30.51 38.41 9.22
C THR D 55 31.23 37.88 7.98
N PRO D 56 32.15 38.67 7.41
CA PRO D 56 33.01 38.10 6.36
C PRO D 56 33.84 36.92 6.84
N ARG D 57 33.99 36.77 8.16
CA ARG D 57 34.76 35.67 8.71
C ARG D 57 33.95 34.38 8.73
N ARG D 58 32.65 34.47 8.97
CA ARG D 58 31.85 33.25 8.94
C ARG D 58 30.38 33.57 8.78
N CYS D 59 29.66 32.64 8.16
CA CYS D 59 28.23 32.73 7.96
C CYS D 59 27.52 31.93 9.05
N LEU D 60 26.44 32.52 9.59
CA LEU D 60 25.60 31.91 10.61
C LEU D 60 24.15 31.89 10.16
N GLY D 61 23.91 31.83 8.85
CA GLY D 61 22.57 31.85 8.29
C GLY D 61 21.68 30.70 8.71
N SER D 62 22.26 29.55 9.05
CA SER D 62 21.46 28.41 9.49
C SER D 62 21.05 28.51 10.95
N LEU D 63 21.51 29.49 11.70
CA LEU D 63 21.09 29.61 13.08
C LEU D 63 19.61 29.98 13.14
N VAL D 64 18.88 29.33 14.05
CA VAL D 64 17.44 29.58 14.17
C VAL D 64 17.20 30.92 14.86
N PHE D 65 17.85 31.15 16.00
CA PHE D 65 17.72 32.42 16.68
C PHE D 65 19.02 33.20 16.56
N PRO D 66 19.10 34.14 15.62
CA PRO D 66 20.29 34.98 15.46
C PRO D 66 20.25 36.29 16.23
N ARG D 67 19.13 36.58 16.91
CA ARG D 67 18.90 37.84 17.62
C ARG D 67 18.94 39.02 16.64
N ALA D 79 17.90 57.09 24.31
CA ALA D 79 16.67 56.42 23.88
C ALA D 79 15.81 57.23 22.88
N PRO D 80 15.54 58.52 23.15
CA PRO D 80 14.62 59.26 22.26
C PRO D 80 15.16 59.46 20.85
N GLU D 81 16.46 59.72 20.71
CA GLU D 81 17.02 60.02 19.39
C GLU D 81 16.92 58.82 18.45
N GLN D 82 17.04 57.61 18.99
CA GLN D 82 16.90 56.42 18.16
C GLN D 82 15.43 56.12 17.89
N LEU D 83 14.57 56.27 18.90
CA LEU D 83 13.14 56.15 18.69
C LEU D 83 12.67 57.13 17.61
N LEU D 84 13.20 58.35 17.63
CA LEU D 84 12.83 59.35 16.62
C LEU D 84 13.27 58.92 15.22
N SER D 85 14.48 58.37 15.10
CA SER D 85 14.99 58.04 13.76
C SER D 85 14.27 56.85 13.17
N GLN D 86 13.87 55.89 14.01
CA GLN D 86 13.01 54.81 13.54
C GLN D 86 11.65 55.36 13.15
N ALA D 87 11.08 56.23 13.99
CA ALA D 87 9.79 56.84 13.69
C ALA D 87 9.83 57.54 12.34
N ARG D 88 10.88 58.34 12.12
CA ARG D 88 10.93 59.16 10.92
C ARG D 88 11.04 58.28 9.68
N ASP D 89 11.77 57.17 9.77
CA ASP D 89 11.86 56.26 8.64
C ASP D 89 10.49 55.67 8.32
N PHE D 90 9.76 55.24 9.35
CA PHE D 90 8.44 54.66 9.13
C PHE D 90 7.47 55.67 8.51
N ILE D 91 7.42 56.89 9.05
CA ILE D 91 6.53 57.93 8.51
C ILE D 91 6.88 58.21 7.05
N ASN D 92 8.18 58.22 6.73
CA ASN D 92 8.59 58.36 5.35
C ASN D 92 8.09 57.19 4.49
N GLN D 93 8.19 55.98 5.01
CA GLN D 93 7.62 54.84 4.30
C GLN D 93 6.13 55.04 4.09
N TYR D 94 5.40 55.35 5.17
CA TYR D 94 3.95 55.47 5.06
C TYR D 94 3.59 56.53 4.02
N TYR D 95 4.16 57.72 4.14
CA TYR D 95 3.83 58.77 3.20
C TYR D 95 4.32 58.47 1.79
N SER D 96 5.34 57.63 1.63
CA SER D 96 5.70 57.17 0.28
CA SER D 96 5.70 57.17 0.28
C SER D 96 4.63 56.24 -0.27
N SER D 97 4.12 55.32 0.56
CA SER D 97 3.13 54.35 0.11
C SER D 97 1.87 55.01 -0.40
N ILE D 98 1.47 56.12 0.21
CA ILE D 98 0.25 56.82 -0.20
C ILE D 98 0.54 57.88 -1.26
N LYS D 99 1.70 57.79 -1.92
CA LYS D 99 2.05 58.68 -3.02
C LYS D 99 2.00 60.16 -2.59
N ARG D 100 2.36 60.45 -1.34
CA ARG D 100 2.29 61.82 -0.84
C ARG D 100 3.57 62.23 -0.12
N SER D 101 4.71 61.66 -0.53
CA SER D 101 5.98 61.98 0.11
CA SER D 101 5.99 61.97 0.10
C SER D 101 6.28 63.46 0.01
N GLY D 102 6.68 64.05 1.13
CA GLY D 102 7.04 65.45 1.19
C GLY D 102 5.91 66.44 1.11
N SER D 103 4.66 65.99 1.22
CA SER D 103 3.51 66.87 1.12
C SER D 103 3.32 67.65 2.42
N GLN D 104 2.28 68.49 2.44
CA GLN D 104 1.87 69.16 3.67
C GLN D 104 1.69 68.15 4.80
N ALA D 105 0.84 67.14 4.57
CA ALA D 105 0.49 66.19 5.61
C ALA D 105 1.70 65.44 6.13
N HIS D 106 2.71 65.23 5.28
CA HIS D 106 3.86 64.42 5.66
C HIS D 106 4.74 65.17 6.65
N GLU D 107 5.09 66.41 6.33
CA GLU D 107 5.91 67.19 7.24
C GLU D 107 5.18 67.50 8.54
N GLN D 108 3.86 67.62 8.48
CA GLN D 108 3.06 67.78 9.69
C GLN D 108 3.29 66.60 10.63
N ARG D 109 3.14 65.38 10.10
CA ARG D 109 3.25 64.18 10.92
C ARG D 109 4.64 64.06 11.55
N LEU D 110 5.69 64.30 10.76
CA LEU D 110 7.03 64.27 11.32
C LEU D 110 7.16 65.26 12.46
N GLN D 111 6.59 66.45 12.28
CA GLN D 111 6.61 67.44 13.36
C GLN D 111 5.74 67.00 14.53
N GLU D 112 4.58 66.42 14.25
CA GLU D 112 3.73 65.93 15.33
C GLU D 112 4.44 64.85 16.15
N VAL D 113 5.15 63.93 15.49
CA VAL D 113 5.76 62.81 16.20
C VAL D 113 6.93 63.29 17.06
N GLU D 114 7.80 64.12 16.49
CA GLU D 114 8.89 64.66 17.28
C GLU D 114 8.37 65.35 18.52
N ALA D 115 7.30 66.13 18.37
CA ALA D 115 6.71 66.83 19.52
C ALA D 115 6.18 65.85 20.56
N GLU D 116 5.52 64.79 20.11
CA GLU D 116 4.94 63.83 21.04
C GLU D 116 6.02 63.06 21.78
N VAL D 117 7.11 62.70 21.09
CA VAL D 117 8.20 61.99 21.76
C VAL D 117 8.89 62.93 22.76
N ALA D 118 8.99 64.22 22.43
CA ALA D 118 9.52 65.19 23.39
C ALA D 118 8.69 65.26 24.66
N ALA D 119 7.36 65.25 24.52
CA ALA D 119 6.47 65.50 25.64
C ALA D 119 6.16 64.25 26.46
N THR D 120 6.13 63.07 25.82
CA THR D 120 5.70 61.87 26.51
C THR D 120 6.70 60.72 26.46
N GLY D 121 7.77 60.84 25.69
CA GLY D 121 8.70 59.73 25.51
C GLY D 121 8.29 58.68 24.49
N THR D 122 7.12 58.82 23.89
CA THR D 122 6.62 57.83 22.94
C THR D 122 5.66 58.53 21.98
N TYR D 123 4.93 57.76 21.18
CA TYR D 123 3.91 58.33 20.32
C TYR D 123 2.93 57.25 19.94
N GLN D 124 1.79 57.67 19.40
CA GLN D 124 0.72 56.76 19.02
C GLN D 124 0.60 56.75 17.51
N LEU D 125 0.51 55.53 16.94
CA LEU D 125 0.22 55.37 15.52
C LEU D 125 -1.23 55.76 15.22
N ARG D 126 -1.45 56.44 14.09
CA ARG D 126 -2.79 56.54 13.53
C ARG D 126 -3.21 55.19 12.97
N GLU D 127 -4.53 54.98 12.91
CA GLU D 127 -5.02 53.66 12.53
C GLU D 127 -4.50 53.24 11.15
N SER D 128 -4.45 54.19 10.20
CA SER D 128 -4.01 53.85 8.85
CA SER D 128 -4.00 53.86 8.85
C SER D 128 -2.53 53.48 8.82
N GLU D 129 -1.71 54.18 9.60
CA GLU D 129 -0.30 53.82 9.76
C GLU D 129 -0.17 52.43 10.37
N LEU D 130 -1.09 52.05 11.27
CA LEU D 130 -0.99 50.75 11.92
C LEU D 130 -1.23 49.63 10.92
N VAL D 131 -2.27 49.78 10.09
CA VAL D 131 -2.59 48.82 9.03
C VAL D 131 -1.42 48.71 8.06
N PHE D 132 -0.87 49.84 7.61
CA PHE D 132 0.30 49.81 6.76
C PHE D 132 1.47 49.10 7.44
N GLY D 133 1.72 49.44 8.70
CA GLY D 133 2.87 48.86 9.39
C GLY D 133 2.75 47.37 9.59
N ALA D 134 1.55 46.87 9.83
CA ALA D 134 1.40 45.43 10.03
C ALA D 134 1.60 44.67 8.72
N LYS D 135 1.09 45.23 7.61
CA LYS D 135 1.28 44.62 6.31
C LYS D 135 2.75 44.60 5.93
N GLN D 136 3.48 45.69 6.20
CA GLN D 136 4.91 45.72 5.86
C GLN D 136 5.68 44.68 6.65
N ALA D 137 5.37 44.56 7.94
CA ALA D 137 6.04 43.57 8.76
C ALA D 137 5.90 42.18 8.14
N TRP D 138 4.72 41.85 7.64
CA TRP D 138 4.57 40.56 6.96
C TRP D 138 5.39 40.54 5.68
N ARG D 139 5.21 41.56 4.84
CA ARG D 139 6.01 41.74 3.63
C ARG D 139 7.51 41.55 3.87
N ASN D 140 8.03 42.09 4.98
CA ASN D 140 9.46 42.08 5.28
C ASN D 140 9.94 40.79 5.96
N ALA D 141 9.07 39.83 6.25
CA ALA D 141 9.46 38.65 7.01
C ALA D 141 10.22 37.65 6.12
N PRO D 142 11.52 37.45 6.34
CA PRO D 142 12.34 36.71 5.36
C PRO D 142 12.06 35.23 5.30
N ARG D 143 11.50 34.65 6.37
CA ARG D 143 11.29 33.22 6.46
C ARG D 143 9.89 32.80 6.05
N CYS D 144 9.08 33.72 5.52
CA CYS D 144 7.68 33.44 5.18
C CYS D 144 7.58 33.20 3.67
N VAL D 145 7.09 32.03 3.30
CA VAL D 145 6.89 31.69 1.89
C VAL D 145 5.53 32.15 1.40
N GLY D 146 4.63 32.55 2.30
CA GLY D 146 3.30 32.98 1.94
C GLY D 146 3.12 34.45 1.60
N ARG D 147 4.19 35.19 1.32
CA ARG D 147 4.05 36.65 1.28
C ARG D 147 3.43 37.17 -0.01
N ILE D 148 3.12 36.31 -1.00
CA ILE D 148 2.37 36.84 -2.15
C ILE D 148 1.07 37.49 -1.67
N GLN D 149 0.54 37.03 -0.54
CA GLN D 149 -0.69 37.48 0.11
C GLN D 149 -0.54 38.74 0.98
N TRP D 150 0.65 39.36 1.05
CA TRP D 150 0.93 40.30 2.15
C TRP D 150 -0.04 41.49 2.16
N GLY D 151 -0.48 41.95 0.99
CA GLY D 151 -1.42 43.06 0.96
C GLY D 151 -2.82 42.74 1.42
N LYS D 152 -3.19 41.46 1.46
CA LYS D 152 -4.53 41.05 1.88
C LYS D 152 -4.43 40.56 3.33
N LEU D 153 -4.48 41.50 4.27
CA LEU D 153 -4.34 41.19 5.68
C LEU D 153 -5.37 41.98 6.47
N GLN D 154 -6.17 41.28 7.28
CA GLN D 154 -7.19 41.92 8.10
C GLN D 154 -6.56 42.31 9.42
N VAL D 155 -6.53 43.61 9.71
CA VAL D 155 -5.87 44.17 10.90
C VAL D 155 -6.95 44.58 11.89
N PHE D 156 -7.01 43.91 13.03
CA PHE D 156 -7.88 44.30 14.13
C PHE D 156 -7.09 45.14 15.13
N ASP D 157 -7.61 46.33 15.42
CA ASP D 157 -6.96 47.27 16.33
C ASP D 157 -7.52 47.01 17.72
N ALA D 158 -6.74 46.34 18.57
CA ALA D 158 -7.15 46.09 19.94
C ALA D 158 -6.35 46.93 20.92
N ARG D 159 -5.91 48.11 20.50
CA ARG D 159 -5.02 48.93 21.31
C ARG D 159 -5.73 49.57 22.48
N ASP D 160 -7.05 49.54 22.53
CA ASP D 160 -7.82 50.02 23.66
C ASP D 160 -8.12 48.93 24.68
N CYS D 161 -7.52 47.75 24.52
CA CYS D 161 -7.77 46.64 25.43
C CYS D 161 -7.35 46.98 26.87
N ARG D 162 -8.16 46.56 27.84
CA ARG D 162 -7.94 46.96 29.22
C ARG D 162 -7.58 45.82 30.15
N SER D 163 -8.05 44.60 29.88
CA SER D 163 -7.80 43.51 30.80
C SER D 163 -7.49 42.26 30.01
N ALA D 164 -7.10 41.22 30.75
CA ALA D 164 -6.96 39.88 30.20
C ALA D 164 -8.30 39.34 29.73
N GLN D 165 -9.39 39.67 30.42
CA GLN D 165 -10.71 39.17 30.01
C GLN D 165 -11.13 39.76 28.66
N GLU D 166 -10.92 41.07 28.47
CA GLU D 166 -11.14 41.66 27.14
C GLU D 166 -10.20 41.04 26.12
N MET D 167 -8.95 40.80 26.53
CA MET D 167 -7.98 40.23 25.61
C MET D 167 -8.46 38.89 25.08
N PHE D 168 -9.00 38.05 25.97
CA PHE D 168 -9.59 36.79 25.55
C PHE D 168 -10.68 36.98 24.50
N THR D 169 -11.55 37.99 24.68
CA THR D 169 -12.65 38.22 23.75
C THR D 169 -12.14 38.61 22.37
N TYR D 170 -11.12 39.46 22.32
CA TYR D 170 -10.53 39.86 21.05
C TYR D 170 -9.93 38.68 20.33
N ILE D 171 -9.29 37.78 21.08
CA ILE D 171 -8.64 36.62 20.49
C ILE D 171 -9.68 35.67 19.92
N CYS D 172 -10.74 35.44 20.71
CA CYS D 172 -11.82 34.58 20.25
C CYS D 172 -12.42 35.10 18.95
N ASN D 173 -12.61 36.43 18.87
CA ASN D 173 -13.10 37.03 17.65
C ASN D 173 -12.09 36.86 16.51
N HIS D 174 -10.81 36.99 16.81
CA HIS D 174 -9.79 36.75 15.80
C HIS D 174 -9.92 35.32 15.26
N ILE D 175 -9.86 34.31 16.14
CA ILE D 175 -9.99 32.91 15.73
C ILE D 175 -11.24 32.70 14.89
N LYS D 176 -12.37 33.27 15.32
CA LYS D 176 -13.60 33.03 14.58
C LYS D 176 -13.55 33.66 13.19
N TYR D 177 -13.06 34.90 13.08
CA TYR D 177 -13.01 35.56 11.78
C TYR D 177 -12.02 34.89 10.84
N ALA D 178 -10.86 34.49 11.36
CA ALA D 178 -9.82 33.90 10.52
C ALA D 178 -10.20 32.50 10.08
N THR D 179 -10.76 31.69 10.98
CA THR D 179 -11.15 30.33 10.64
C THR D 179 -12.25 30.34 9.59
N ASN D 180 -13.31 31.11 9.82
CA ASN D 180 -14.33 31.39 8.82
C ASN D 180 -14.89 30.09 8.24
N ARG D 181 -15.19 29.15 9.14
CA ARG D 181 -15.79 27.84 8.82
C ARG D 181 -14.97 27.05 7.82
N GLY D 182 -13.65 27.26 7.81
CA GLY D 182 -12.73 26.54 6.95
C GLY D 182 -12.21 27.33 5.77
N ASN D 183 -12.85 28.43 5.41
CA ASN D 183 -12.35 29.31 4.34
C ASN D 183 -11.47 30.41 4.95
N LEU D 184 -10.24 30.03 5.28
CA LEU D 184 -9.39 30.85 6.15
C LEU D 184 -9.03 32.20 5.53
N ARG D 185 -8.85 33.19 6.40
CA ARG D 185 -8.47 34.55 6.05
C ARG D 185 -7.33 35.02 6.93
N SER D 186 -6.38 35.75 6.34
CA SER D 186 -5.22 36.24 7.07
C SER D 186 -5.61 37.40 8.00
N ALA D 187 -5.11 37.35 9.22
CA ALA D 187 -5.53 38.37 10.17
C ALA D 187 -4.47 38.54 11.24
N ILE D 188 -4.42 39.74 11.79
CA ILE D 188 -3.61 40.04 12.97
C ILE D 188 -4.43 40.91 13.92
N THR D 189 -4.33 40.63 15.23
CA THR D 189 -4.88 41.51 16.24
C THR D 189 -3.73 42.18 17.01
N VAL D 190 -3.78 43.51 17.08
CA VAL D 190 -2.71 44.32 17.67
C VAL D 190 -3.17 44.83 19.03
N PHE D 191 -2.58 44.29 20.09
CA PHE D 191 -2.84 44.74 21.46
C PHE D 191 -1.97 45.93 21.80
N PRO D 192 -2.19 46.58 22.96
CA PRO D 192 -1.53 47.88 23.22
C PRO D 192 -0.01 47.78 23.20
N GLN D 193 0.63 48.86 22.79
CA GLN D 193 2.07 48.88 22.64
C GLN D 193 2.77 48.91 24.00
N ARG D 194 4.01 48.42 24.01
CA ARG D 194 4.90 48.63 25.15
C ARG D 194 4.98 50.12 25.43
N CYS D 195 4.86 50.48 26.70
N CYS D 195 4.85 50.48 26.70
CA CYS D 195 4.78 51.85 27.16
CA CYS D 195 4.86 51.88 27.11
C CYS D 195 5.56 51.96 28.47
C CYS D 195 5.56 51.97 28.45
N PRO D 196 6.19 53.11 28.74
CA PRO D 196 6.87 53.27 30.03
C PRO D 196 5.85 53.43 31.15
N GLY D 197 6.12 52.76 32.26
CA GLY D 197 5.28 52.84 33.44
C GLY D 197 4.31 51.70 33.58
N ARG D 198 4.12 50.91 32.53
CA ARG D 198 3.16 49.82 32.55
C ARG D 198 3.81 48.60 31.91
N GLY D 199 3.49 47.43 32.44
CA GLY D 199 4.02 46.20 31.88
C GLY D 199 3.46 45.91 30.50
N ASP D 200 3.82 44.75 29.96
CA ASP D 200 3.42 44.37 28.62
C ASP D 200 2.20 43.48 28.67
N PHE D 201 1.30 43.65 27.70
CA PHE D 201 0.44 42.53 27.32
C PHE D 201 1.32 41.42 26.75
N ARG D 202 1.05 40.18 27.16
CA ARG D 202 1.73 39.02 26.59
C ARG D 202 0.75 37.86 26.49
N ILE D 203 0.83 37.12 25.38
CA ILE D 203 0.27 35.79 25.24
C ILE D 203 1.39 34.79 25.51
N TRP D 204 1.22 33.93 26.52
CA TRP D 204 2.29 33.02 26.87
C TRP D 204 2.41 31.88 25.86
N ASN D 205 1.28 31.45 25.30
CA ASN D 205 1.25 30.40 24.29
C ASN D 205 1.97 30.87 23.04
N SER D 206 2.76 29.97 22.46
CA SER D 206 3.48 30.27 21.21
C SER D 206 2.53 30.35 20.03
N GLN D 207 1.44 29.59 20.04
CA GLN D 207 0.37 29.71 19.05
C GLN D 207 -0.95 29.67 19.79
N LEU D 208 -1.98 30.26 19.17
CA LEU D 208 -3.31 30.28 19.78
C LEU D 208 -3.89 28.87 19.92
N VAL D 209 -3.62 27.99 18.96
CA VAL D 209 -4.06 26.60 19.05
C VAL D 209 -2.82 25.71 19.13
N ARG D 210 -2.69 24.96 20.22
CA ARG D 210 -1.59 24.01 20.36
C ARG D 210 -2.10 22.79 21.11
N TYR D 211 -1.46 21.65 20.89
CA TYR D 211 -1.81 20.42 21.59
C TYR D 211 -0.91 20.23 22.81
N ALA D 212 -1.52 19.81 23.92
CA ALA D 212 -0.76 19.49 25.13
C ALA D 212 0.34 18.46 24.87
N GLY D 213 1.42 18.59 25.65
CA GLY D 213 2.48 17.61 25.69
C GLY D 213 2.77 17.18 27.11
N TYR D 214 2.42 15.94 27.45
CA TYR D 214 2.51 15.43 28.81
C TYR D 214 3.73 14.52 28.93
N ARG D 215 4.72 14.96 29.70
CA ARG D 215 5.81 14.06 30.04
C ARG D 215 5.28 12.89 30.85
N GLN D 216 5.61 11.68 30.42
CA GLN D 216 5.40 10.51 31.24
C GLN D 216 6.59 10.40 32.19
N GLN D 217 6.67 9.30 32.93
CA GLN D 217 7.84 9.07 33.75
C GLN D 217 8.94 8.31 33.04
N ASP D 218 8.63 7.67 31.90
CA ASP D 218 9.67 7.15 31.02
C ASP D 218 10.65 8.24 30.60
N GLY D 219 10.24 9.51 30.71
CA GLY D 219 10.83 10.59 29.95
C GLY D 219 10.16 10.82 28.61
N SER D 220 9.37 9.84 28.15
CA SER D 220 8.61 9.96 26.92
C SER D 220 7.48 10.98 27.10
N VAL D 221 6.98 11.48 25.97
CA VAL D 221 5.95 12.50 25.96
C VAL D 221 4.72 11.94 25.26
N ARG D 222 3.56 12.17 25.86
CA ARG D 222 2.28 11.93 25.21
C ARG D 222 1.79 13.25 24.63
N GLY D 223 1.54 13.28 23.32
CA GLY D 223 1.13 14.50 22.68
C GLY D 223 2.29 15.20 22.01
N ASP D 224 2.22 16.53 21.91
CA ASP D 224 3.21 17.27 21.14
C ASP D 224 4.41 17.59 22.03
N PRO D 225 5.59 17.04 21.75
CA PRO D 225 6.75 17.32 22.61
C PRO D 225 7.19 18.77 22.61
N ALA D 226 6.87 19.55 21.58
CA ALA D 226 7.26 20.95 21.53
C ALA D 226 6.55 21.79 22.60
N ASN D 227 5.50 21.25 23.22
CA ASN D 227 4.62 22.04 24.08
C ASN D 227 4.65 21.55 25.53
N VAL D 228 5.73 20.85 25.92
CA VAL D 228 5.80 20.35 27.30
C VAL D 228 5.88 21.49 28.31
N GLU D 229 6.55 22.58 27.94
CA GLU D 229 6.79 23.62 28.94
C GLU D 229 5.52 24.41 29.20
N ILE D 230 4.87 24.86 28.13
CA ILE D 230 3.58 25.55 28.25
C ILE D 230 2.55 24.64 28.92
N THR D 231 2.56 23.34 28.61
CA THR D 231 1.65 22.44 29.31
C THR D 231 1.93 22.43 30.80
N GLU D 232 3.21 22.32 31.17
CA GLU D 232 3.58 22.41 32.58
C GLU D 232 3.06 23.69 33.22
N LEU D 233 3.16 24.81 32.50
CA LEU D 233 2.71 26.09 33.04
C LEU D 233 1.20 26.11 33.22
N CYS D 234 0.45 25.69 32.20
CA CYS D 234 -1.01 25.69 32.30
C CYS D 234 -1.47 24.91 33.52
N ILE D 235 -0.90 23.72 33.72
CA ILE D 235 -1.20 22.90 34.89
C ILE D 235 -0.91 23.67 36.17
N GLN D 236 0.27 24.29 36.26
CA GLN D 236 0.61 25.08 37.43
C GLN D 236 -0.43 26.14 37.71
N HIS D 237 -1.03 26.72 36.67
CA HIS D 237 -1.98 27.81 36.82
C HIS D 237 -3.42 27.31 36.90
N GLY D 238 -3.62 26.04 37.27
CA GLY D 238 -4.94 25.53 37.60
C GLY D 238 -5.63 24.72 36.53
N TRP D 239 -4.99 24.52 35.38
CA TRP D 239 -5.65 23.75 34.32
C TRP D 239 -5.71 22.28 34.68
N THR D 240 -6.88 21.68 34.43
CA THR D 240 -7.04 20.24 34.59
C THR D 240 -6.59 19.55 33.32
N PRO D 241 -5.46 18.84 33.36
CA PRO D 241 -4.92 18.27 32.12
C PRO D 241 -5.76 17.09 31.65
N GLY D 242 -5.67 16.83 30.35
CA GLY D 242 -6.18 15.60 29.78
C GLY D 242 -5.09 14.55 29.68
N ASN D 243 -5.38 13.51 28.90
CA ASN D 243 -4.35 12.49 28.68
C ASN D 243 -4.34 12.01 27.23
N GLY D 244 -4.97 12.76 26.31
CA GLY D 244 -4.91 12.42 24.91
C GLY D 244 -3.64 12.94 24.26
N ARG D 245 -3.45 12.55 22.99
CA ARG D 245 -2.36 13.07 22.18
C ARG D 245 -2.71 14.38 21.49
N PHE D 246 -3.99 14.73 21.45
CA PHE D 246 -4.42 15.91 20.69
C PHE D 246 -5.31 16.80 21.54
N ASP D 247 -4.88 17.07 22.79
CA ASP D 247 -5.62 17.93 23.73
C ASP D 247 -5.28 19.40 23.50
N VAL D 248 -6.28 20.19 23.14
CA VAL D 248 -6.06 21.61 22.83
C VAL D 248 -5.79 22.38 24.13
N LEU D 249 -4.74 23.17 24.13
CA LEU D 249 -4.32 23.84 25.35
C LEU D 249 -5.17 25.09 25.62
N PRO D 250 -5.34 25.45 26.89
CA PRO D 250 -5.96 26.75 27.19
C PRO D 250 -4.96 27.87 26.92
N LEU D 251 -5.48 29.10 26.90
CA LEU D 251 -4.67 30.30 26.77
C LEU D 251 -4.24 30.83 28.13
N LEU D 252 -2.96 31.19 28.24
CA LEU D 252 -2.45 31.96 29.37
C LEU D 252 -2.20 33.36 28.87
N LEU D 253 -2.98 34.31 29.39
CA LEU D 253 -3.01 35.69 28.93
C LEU D 253 -2.56 36.59 30.08
N GLN D 254 -1.62 37.47 29.79
CA GLN D 254 -1.02 38.35 30.78
C GLN D 254 -1.38 39.79 30.41
N ALA D 255 -2.19 40.43 31.28
CA ALA D 255 -2.43 41.86 31.31
C ALA D 255 -1.26 42.55 32.01
N PRO D 256 -1.03 43.84 31.72
CA PRO D 256 0.06 44.57 32.38
C PRO D 256 0.02 44.42 33.89
N ASP D 257 1.14 43.96 34.45
CA ASP D 257 1.41 43.94 35.88
C ASP D 257 0.49 43.01 36.64
N GLU D 258 -0.13 42.07 35.96
CA GLU D 258 -0.89 41.00 36.56
C GLU D 258 -0.20 39.68 36.27
N PRO D 259 -0.40 38.64 37.08
CA PRO D 259 0.04 37.30 36.68
C PRO D 259 -0.77 36.81 35.49
N PRO D 260 -0.33 35.78 34.77
CA PRO D 260 -1.12 35.30 33.64
C PRO D 260 -2.42 34.68 34.12
N GLU D 261 -3.44 34.80 33.27
CA GLU D 261 -4.75 34.24 33.58
C GLU D 261 -5.09 33.18 32.53
N LEU D 262 -5.70 32.10 33.00
CA LEU D 262 -6.04 30.95 32.18
C LEU D 262 -7.43 31.13 31.57
N PHE D 263 -7.56 30.78 30.30
CA PHE D 263 -8.86 30.85 29.63
C PHE D 263 -9.02 29.62 28.74
N LEU D 264 -10.16 28.95 28.85
CA LEU D 264 -10.42 27.80 27.97
C LEU D 264 -10.97 28.27 26.64
N LEU D 265 -10.49 27.65 25.54
CA LEU D 265 -11.07 27.95 24.23
C LEU D 265 -12.32 27.12 24.00
N PRO D 266 -13.44 27.72 23.63
CA PRO D 266 -14.65 26.93 23.34
C PRO D 266 -14.35 25.93 22.23
N PRO D 267 -14.68 24.67 22.46
CA PRO D 267 -14.35 23.62 21.47
C PRO D 267 -14.87 23.94 20.07
N GLU D 268 -16.08 24.52 19.98
CA GLU D 268 -16.67 24.85 18.70
C GLU D 268 -15.98 26.02 18.01
N LEU D 269 -15.00 26.63 18.66
CA LEU D 269 -14.20 27.65 18.00
C LEU D 269 -12.95 27.09 17.36
N VAL D 270 -12.47 25.94 17.82
CA VAL D 270 -11.21 25.36 17.36
C VAL D 270 -11.54 24.32 16.29
N LEU D 271 -11.44 24.72 15.03
CA LEU D 271 -11.75 23.81 13.94
C LEU D 271 -10.57 22.86 13.72
N GLU D 272 -10.85 21.56 13.78
CA GLU D 272 -9.84 20.51 13.61
C GLU D 272 -10.18 19.64 12.41
N VAL D 273 -9.20 18.85 11.97
CA VAL D 273 -9.31 18.01 10.79
C VAL D 273 -8.79 16.62 11.15
N PRO D 274 -9.64 15.60 11.21
CA PRO D 274 -9.10 14.23 11.33
C PRO D 274 -8.40 13.85 10.04
N LEU D 275 -7.31 13.10 10.18
CA LEU D 275 -6.45 12.77 9.06
C LEU D 275 -6.76 11.37 8.54
N GLU D 276 -7.03 11.29 7.25
CA GLU D 276 -7.22 10.01 6.59
C GLU D 276 -6.46 10.04 5.28
N HIS D 277 -6.22 8.86 4.72
CA HIS D 277 -5.48 8.77 3.47
C HIS D 277 -6.41 8.33 2.34
N PRO D 278 -6.29 8.94 1.17
CA PRO D 278 -7.23 8.61 0.09
C PRO D 278 -7.24 7.15 -0.34
N THR D 279 -6.13 6.41 -0.18
CA THR D 279 -6.11 4.98 -0.48
C THR D 279 -5.70 4.09 0.68
N LEU D 280 -4.73 4.49 1.51
CA LEU D 280 -4.34 3.69 2.67
C LEU D 280 -5.41 3.78 3.77
N GLU D 281 -6.34 2.82 3.82
CA GLU D 281 -7.50 2.99 4.68
C GLU D 281 -7.17 2.75 6.15
N TRP D 282 -6.12 1.98 6.43
CA TRP D 282 -5.70 1.83 7.83
C TRP D 282 -5.21 3.14 8.41
N PHE D 283 -4.91 4.14 7.57
CA PHE D 283 -4.35 5.39 8.07
C PHE D 283 -5.32 6.10 9.00
N ALA D 284 -6.63 6.04 8.72
CA ALA D 284 -7.58 6.71 9.61
C ALA D 284 -7.56 6.16 11.02
N ALA D 285 -7.14 4.90 11.18
CA ALA D 285 -7.08 4.24 12.47
C ALA D 285 -5.89 4.67 13.33
N LEU D 286 -5.01 5.55 12.83
CA LEU D 286 -4.00 6.12 13.70
C LEU D 286 -4.58 7.19 14.61
N GLY D 287 -5.76 7.72 14.30
CA GLY D 287 -6.36 8.71 15.14
C GLY D 287 -5.70 10.05 15.07
N LEU D 288 -5.00 10.35 13.99
CA LEU D 288 -4.30 11.62 13.92
C LEU D 288 -5.28 12.73 13.54
N ARG D 289 -4.97 13.93 14.02
CA ARG D 289 -5.71 15.12 13.65
C ARG D 289 -4.75 16.29 13.60
N TRP D 290 -5.20 17.38 13.02
CA TRP D 290 -4.51 18.64 13.19
C TRP D 290 -5.55 19.75 13.10
N TYR D 291 -5.16 20.95 13.54
CA TYR D 291 -6.08 22.09 13.60
C TYR D 291 -5.99 22.95 12.33
N ALA D 292 -7.06 23.70 12.06
CA ALA D 292 -7.14 24.47 10.83
C ALA D 292 -6.25 25.72 10.84
N LEU D 293 -6.09 26.36 12.00
CA LEU D 293 -5.62 27.75 12.05
C LEU D 293 -4.21 27.82 12.60
N PRO D 294 -3.20 28.20 11.80
CA PRO D 294 -1.88 28.51 12.34
C PRO D 294 -1.84 29.97 12.78
N ALA D 295 -1.79 30.20 14.09
CA ALA D 295 -1.89 31.57 14.62
C ALA D 295 -0.75 31.79 15.58
N VAL D 296 0.29 32.47 15.15
CA VAL D 296 1.48 32.61 15.98
C VAL D 296 1.28 33.81 16.91
N SER D 297 1.55 33.60 18.18
CA SER D 297 1.09 34.50 19.22
C SER D 297 2.20 35.00 20.14
N ASN D 298 3.46 34.60 19.93
CA ASN D 298 4.56 34.99 20.82
C ASN D 298 5.59 35.89 20.15
N MET D 299 5.34 36.42 18.97
CA MET D 299 6.31 37.31 18.35
C MET D 299 5.98 38.77 18.64
N LEU D 300 7.00 39.60 18.54
CA LEU D 300 6.86 41.04 18.74
C LEU D 300 6.76 41.74 17.40
N LEU D 301 5.78 42.63 17.28
CA LEU D 301 5.60 43.44 16.08
C LEU D 301 6.23 44.81 16.35
N GLU D 302 7.17 45.20 15.50
CA GLU D 302 7.87 46.47 15.63
CA GLU D 302 7.91 46.46 15.62
C GLU D 302 7.49 47.36 14.46
N ILE D 303 6.99 48.55 14.78
CA ILE D 303 6.59 49.53 13.77
C ILE D 303 7.16 50.88 14.21
N GLY D 304 8.02 51.48 13.37
CA GLY D 304 8.53 52.82 13.60
C GLY D 304 9.09 53.08 14.99
N GLY D 305 9.76 52.08 15.57
CA GLY D 305 10.31 52.20 16.89
C GLY D 305 9.38 51.74 17.99
N LEU D 306 8.08 51.69 17.74
CA LEU D 306 7.14 51.21 18.72
C LEU D 306 7.16 49.69 18.73
N GLU D 307 6.93 49.11 19.91
CA GLU D 307 6.99 47.67 20.07
C GLU D 307 5.65 47.14 20.56
N PHE D 308 5.14 46.14 19.86
CA PHE D 308 3.87 45.50 20.25
C PHE D 308 4.19 44.07 20.67
N PRO D 309 4.36 43.81 21.97
CA PRO D 309 4.72 42.45 22.40
C PRO D 309 3.60 41.45 22.28
N ALA D 310 2.37 41.92 22.03
CA ALA D 310 1.23 41.02 21.86
C ALA D 310 0.50 41.41 20.59
N ALA D 311 0.72 40.66 19.50
CA ALA D 311 0.08 40.93 18.23
C ALA D 311 -0.01 39.62 17.44
N PRO D 312 -0.89 38.71 17.86
CA PRO D 312 -1.02 37.41 17.19
C PRO D 312 -1.52 37.54 15.77
N PHE D 313 -0.94 36.74 14.87
CA PHE D 313 -1.31 36.77 13.46
C PHE D 313 -1.47 35.34 12.94
N SER D 314 -2.34 35.18 11.95
CA SER D 314 -2.70 33.85 11.45
C SER D 314 -2.89 33.90 9.94
N GLY D 315 -2.64 32.76 9.29
CA GLY D 315 -2.89 32.61 7.87
C GLY D 315 -3.52 31.26 7.59
N TRP D 316 -2.98 30.49 6.65
CA TRP D 316 -3.40 29.10 6.51
C TRP D 316 -2.13 28.25 6.35
N TYR D 317 -2.24 26.95 6.65
CA TYR D 317 -1.09 26.04 6.64
C TYR D 317 -0.64 25.70 5.21
N MET D 318 0.68 25.53 5.07
CA MET D 318 1.29 24.76 4.00
C MET D 318 1.42 23.32 4.45
N SER D 319 1.08 22.37 3.56
CA SER D 319 0.90 20.99 4.00
C SER D 319 2.17 20.39 4.61
N THR D 320 3.36 20.80 4.15
CA THR D 320 4.56 20.21 4.73
C THR D 320 4.80 20.63 6.17
N GLU D 321 4.21 21.72 6.64
CA GLU D 321 4.40 22.05 8.06
C GLU D 321 3.76 20.98 8.93
N ILE D 322 2.57 20.56 8.55
CA ILE D 322 1.85 19.53 9.28
C ILE D 322 2.46 18.16 9.00
N GLY D 323 2.55 17.79 7.73
CA GLY D 323 2.92 16.43 7.38
C GLY D 323 4.37 16.09 7.65
N THR D 324 5.28 16.89 7.11
CA THR D 324 6.69 16.63 7.31
C THR D 324 7.14 17.03 8.70
N ARG D 325 6.94 18.28 9.09
CA ARG D 325 7.57 18.74 10.33
C ARG D 325 6.78 18.32 11.57
N ASN D 326 5.50 18.66 11.64
CA ASN D 326 4.79 18.42 12.90
C ASN D 326 4.60 16.94 13.17
N LEU D 327 4.33 16.14 12.13
CA LEU D 327 4.08 14.73 12.35
C LEU D 327 5.32 13.84 12.25
N CYS D 328 6.32 14.19 11.42
CA CYS D 328 7.45 13.31 11.19
C CYS D 328 8.75 13.72 11.89
N ASP D 329 8.88 14.95 12.36
CA ASP D 329 10.11 15.32 13.07
C ASP D 329 10.35 14.32 14.19
N PRO D 330 11.58 13.81 14.34
CA PRO D 330 11.83 12.86 15.44
C PRO D 330 11.56 13.47 16.81
N HIS D 331 11.63 14.79 16.94
CA HIS D 331 11.35 15.39 18.24
C HIS D 331 9.90 15.87 18.37
N ARG D 332 9.06 15.64 17.37
CA ARG D 332 7.65 16.01 17.42
C ARG D 332 6.81 14.72 17.53
N TYR D 333 5.78 14.54 16.71
CA TYR D 333 4.94 13.36 16.87
C TYR D 333 5.64 12.09 16.38
N ASN D 334 6.57 12.23 15.43
CA ASN D 334 7.52 11.15 15.13
C ASN D 334 6.82 9.87 14.67
N ILE D 335 5.92 10.00 13.69
CA ILE D 335 5.08 8.88 13.25
C ILE D 335 5.69 8.11 12.09
N LEU D 336 6.88 8.48 11.63
CA LEU D 336 7.35 8.05 10.30
C LEU D 336 7.56 6.55 10.25
N GLU D 337 8.28 5.99 11.24
CA GLU D 337 8.55 4.56 11.21
C GLU D 337 7.26 3.76 11.30
N ASP D 338 6.32 4.20 12.13
CA ASP D 338 5.08 3.46 12.28
C ASP D 338 4.27 3.48 10.99
N VAL D 339 4.21 4.63 10.33
CA VAL D 339 3.57 4.68 9.02
C VAL D 339 4.27 3.71 8.05
N ALA D 340 5.60 3.72 8.03
CA ALA D 340 6.35 2.92 7.06
C ALA D 340 6.15 1.42 7.29
N VAL D 341 6.16 0.99 8.55
CA VAL D 341 5.87 -0.39 8.88
C VAL D 341 4.48 -0.79 8.38
N CYS D 342 3.47 0.03 8.70
CA CYS D 342 2.13 -0.25 8.21
C CYS D 342 2.09 -0.35 6.68
N MET D 343 2.85 0.51 5.99
CA MET D 343 2.92 0.48 4.54
C MET D 343 3.64 -0.74 3.98
N ASP D 344 4.20 -1.60 4.84
CA ASP D 344 4.97 -2.77 4.44
C ASP D 344 6.26 -2.39 3.73
N LEU D 345 6.85 -1.26 4.08
CA LEU D 345 8.18 -0.95 3.57
C LEU D 345 9.24 -1.70 4.36
N ASP D 346 10.37 -1.96 3.70
CA ASP D 346 11.50 -2.61 4.34
C ASP D 346 12.24 -1.56 5.13
N THR D 347 12.01 -1.51 6.44
CA THR D 347 12.61 -0.48 7.28
C THR D 347 13.97 -0.90 7.83
N ARG D 348 14.54 -1.99 7.35
CA ARG D 348 15.82 -2.41 7.91
C ARG D 348 16.99 -1.74 7.20
N THR D 349 16.83 -1.34 5.94
CA THR D 349 17.87 -0.63 5.20
C THR D 349 17.35 0.73 4.74
N THR D 350 18.24 1.74 4.78
CA THR D 350 17.85 3.08 4.37
C THR D 350 17.77 3.22 2.86
N SER D 351 18.47 2.35 2.12
CA SER D 351 18.56 2.50 0.67
C SER D 351 17.26 2.12 -0.04
N SER D 352 16.33 1.47 0.65
CA SER D 352 14.99 1.32 0.11
C SER D 352 14.18 2.61 0.13
N LEU D 353 14.69 3.67 0.79
CA LEU D 353 14.04 4.98 0.81
C LEU D 353 12.67 4.92 1.46
N TRP D 354 12.55 4.06 2.48
CA TRP D 354 11.27 3.94 3.18
C TRP D 354 10.86 5.26 3.82
N LYS D 355 11.81 5.98 4.43
CA LYS D 355 11.52 7.27 5.05
C LYS D 355 10.89 8.22 4.05
N ASP D 356 11.51 8.37 2.88
CA ASP D 356 10.96 9.24 1.84
C ASP D 356 9.57 8.78 1.38
N LYS D 357 9.34 7.48 1.25
CA LYS D 357 8.04 7.01 0.75
C LYS D 357 6.93 7.25 1.77
N ALA D 358 7.19 6.91 3.03
CA ALA D 358 6.18 7.14 4.07
C ALA D 358 5.90 8.63 4.23
N ALA D 359 6.93 9.47 4.15
CA ALA D 359 6.71 10.90 4.33
C ALA D 359 5.86 11.48 3.21
N VAL D 360 6.10 11.05 1.96
CA VAL D 360 5.27 11.51 0.86
C VAL D 360 3.82 11.17 1.14
N GLU D 361 3.57 9.97 1.69
CA GLU D 361 2.19 9.55 1.87
C GLU D 361 1.51 10.30 3.00
N ILE D 362 2.27 10.62 4.06
CA ILE D 362 1.71 11.43 5.15
C ILE D 362 1.32 12.80 4.62
N ASN D 363 2.08 13.35 3.68
CA ASN D 363 1.72 14.64 3.10
C ASN D 363 0.47 14.54 2.23
N VAL D 364 0.38 13.50 1.37
CA VAL D 364 -0.85 13.24 0.60
C VAL D 364 -2.04 13.19 1.54
N ALA D 365 -1.88 12.51 2.67
CA ALA D 365 -2.96 12.35 3.63
C ALA D 365 -3.40 13.71 4.19
N VAL D 366 -2.45 14.59 4.47
CA VAL D 366 -2.80 15.90 5.04
C VAL D 366 -3.58 16.72 4.02
N LEU D 367 -3.12 16.72 2.77
CA LEU D 367 -3.78 17.51 1.74
C LEU D 367 -5.18 16.97 1.47
N HIS D 368 -5.28 15.65 1.30
CA HIS D 368 -6.59 15.07 1.07
C HIS D 368 -7.54 15.39 2.23
N SER D 369 -7.04 15.30 3.45
CA SER D 369 -7.91 15.47 4.59
C SER D 369 -8.43 16.90 4.69
N TYR D 370 -7.56 17.88 4.51
CA TYR D 370 -7.99 19.28 4.63
C TYR D 370 -8.94 19.64 3.49
N GLN D 371 -8.71 19.06 2.31
CA GLN D 371 -9.61 19.32 1.19
C GLN D 371 -10.98 18.69 1.43
N LEU D 372 -11.01 17.44 1.89
CA LEU D 372 -12.25 16.78 2.28
C LEU D 372 -13.02 17.60 3.31
N ALA D 373 -12.32 18.15 4.30
CA ALA D 373 -12.94 18.94 5.34
C ALA D 373 -13.23 20.37 4.91
N LYS D 374 -12.85 20.74 3.68
CA LYS D 374 -13.09 22.09 3.16
C LYS D 374 -12.44 23.13 4.06
N VAL D 375 -11.18 22.87 4.40
CA VAL D 375 -10.31 23.79 5.12
C VAL D 375 -9.15 24.16 4.21
N THR D 376 -8.98 25.46 3.96
CA THR D 376 -7.88 25.98 3.16
C THR D 376 -6.55 25.32 3.51
N ILE D 377 -5.77 24.98 2.48
CA ILE D 377 -4.41 24.47 2.64
C ILE D 377 -3.71 24.63 1.30
N VAL D 378 -2.41 24.82 1.33
CA VAL D 378 -1.62 24.97 0.10
C VAL D 378 -0.47 23.97 0.16
N ASP D 379 -0.22 23.29 -0.96
CA ASP D 379 0.93 22.39 -1.02
C ASP D 379 2.21 23.17 -1.31
N HIS D 380 3.36 22.54 -1.03
CA HIS D 380 4.63 23.22 -1.22
C HIS D 380 4.94 23.56 -2.67
N HIS D 381 4.39 22.84 -3.64
CA HIS D 381 4.61 23.23 -5.04
C HIS D 381 3.87 24.53 -5.37
N ALA D 382 2.58 24.60 -5.04
CA ALA D 382 1.85 25.84 -5.27
C ALA D 382 2.43 26.99 -4.42
N ALA D 383 2.76 26.73 -3.16
CA ALA D 383 3.27 27.80 -2.31
C ALA D 383 4.59 28.36 -2.83
N THR D 384 5.53 27.49 -3.23
CA THR D 384 6.83 28.00 -3.68
C THR D 384 6.68 28.69 -5.03
N ALA D 385 5.72 28.26 -5.84
CA ALA D 385 5.51 28.90 -7.12
C ALA D 385 4.92 30.31 -6.95
N SER D 386 4.00 30.48 -5.99
CA SER D 386 3.52 31.83 -5.75
C SER D 386 4.60 32.68 -5.08
N PHE D 387 5.54 32.08 -4.34
CA PHE D 387 6.62 32.90 -3.80
C PHE D 387 7.55 33.40 -4.90
N MET D 388 7.80 32.58 -5.95
CA MET D 388 8.55 33.08 -7.10
C MET D 388 7.85 34.27 -7.75
N LYS D 389 6.54 34.22 -7.83
CA LYS D 389 5.80 35.38 -8.35
C LYS D 389 5.98 36.58 -7.41
N HIS D 390 5.91 36.34 -6.09
CA HIS D 390 6.18 37.39 -5.12
C HIS D 390 7.52 38.05 -5.35
N LEU D 391 8.57 37.22 -5.52
CA LEU D 391 9.93 37.72 -5.74
C LEU D 391 9.97 38.64 -6.96
N GLU D 392 9.29 38.25 -8.02
CA GLU D 392 9.30 39.06 -9.23
C GLU D 392 8.53 40.37 -9.01
N ASN D 393 7.41 40.31 -8.29
CA ASN D 393 6.72 41.55 -7.95
C ASN D 393 7.62 42.46 -7.12
N GLU D 394 8.32 41.87 -6.15
CA GLU D 394 9.08 42.67 -5.20
C GLU D 394 10.29 43.32 -5.87
N GLN D 395 10.94 42.61 -6.78
CA GLN D 395 12.04 43.22 -7.52
C GLN D 395 11.57 44.43 -8.32
N LYS D 396 10.34 44.41 -8.84
CA LYS D 396 9.84 45.58 -9.57
C LYS D 396 9.46 46.70 -8.61
N ALA D 397 8.93 46.33 -7.43
CA ALA D 397 8.38 47.31 -6.50
C ALA D 397 9.45 47.99 -5.65
N ARG D 398 10.44 47.23 -5.17
CA ARG D 398 11.37 47.76 -4.20
C ARG D 398 12.82 47.49 -4.53
N GLY D 399 13.09 46.73 -5.59
CA GLY D 399 14.46 46.40 -5.94
C GLY D 399 15.02 45.23 -5.19
N GLY D 400 14.18 44.31 -4.76
CA GLY D 400 14.65 43.12 -4.09
C GLY D 400 13.64 42.66 -3.06
N CYS D 401 14.03 41.62 -2.32
CA CYS D 401 13.16 41.02 -1.33
C CYS D 401 13.99 40.18 -0.35
N PRO D 402 13.90 40.46 0.95
CA PRO D 402 14.63 39.64 1.92
C PRO D 402 14.04 38.24 2.02
N ALA D 403 14.89 37.24 1.90
CA ALA D 403 14.44 35.85 1.95
C ALA D 403 15.52 34.96 2.52
N ASP D 404 15.11 34.10 3.47
CA ASP D 404 15.97 33.13 4.15
C ASP D 404 15.80 31.78 3.44
N TRP D 405 16.75 31.47 2.55
CA TRP D 405 16.69 30.30 1.67
C TRP D 405 16.37 29.03 2.44
N ALA D 406 17.10 28.78 3.52
CA ALA D 406 16.94 27.56 4.30
C ALA D 406 15.57 27.41 4.92
N TRP D 407 14.79 28.50 5.01
CA TRP D 407 13.42 28.46 5.51
C TRP D 407 12.39 28.50 4.41
N ILE D 408 12.73 29.11 3.27
CA ILE D 408 11.81 29.18 2.13
C ILE D 408 11.75 27.84 1.38
N VAL D 409 12.87 27.12 1.27
CA VAL D 409 12.90 25.83 0.59
C VAL D 409 12.18 24.79 1.44
N PRO D 410 11.20 24.08 0.90
CA PRO D 410 10.39 23.15 1.71
C PRO D 410 11.25 22.07 2.31
N PRO D 411 10.79 21.40 3.38
CA PRO D 411 11.60 20.38 4.04
C PRO D 411 11.52 18.99 3.39
N ILE D 412 10.65 18.78 2.41
CA ILE D 412 10.79 17.65 1.49
C ILE D 412 10.76 18.20 0.07
N SER D 413 11.32 17.41 -0.86
CA SER D 413 11.27 17.69 -2.28
C SER D 413 11.86 19.06 -2.62
N GLY D 414 12.90 19.45 -1.89
CA GLY D 414 13.42 20.81 -1.99
C GLY D 414 13.70 21.23 -3.43
N SER D 415 14.48 20.42 -4.16
CA SER D 415 14.91 20.84 -5.49
C SER D 415 13.85 20.61 -6.57
N LEU D 416 12.76 19.96 -6.21
CA LEU D 416 11.61 19.88 -7.11
C LEU D 416 10.82 21.16 -7.14
N THR D 417 11.07 22.10 -6.20
CA THR D 417 10.38 23.38 -6.22
C THR D 417 11.30 24.43 -6.82
N PRO D 418 10.73 25.50 -7.40
CA PRO D 418 11.58 26.50 -8.06
C PRO D 418 12.40 27.36 -7.12
N VAL D 419 12.04 27.46 -5.83
CA VAL D 419 12.82 28.31 -4.95
C VAL D 419 14.19 27.73 -4.66
N PHE D 420 14.34 26.40 -4.74
CA PHE D 420 15.64 25.78 -4.56
C PHE D 420 16.71 26.42 -5.46
N HIS D 421 16.38 26.66 -6.72
CA HIS D 421 17.35 27.10 -7.72
C HIS D 421 17.49 28.60 -7.76
N GLN D 422 16.82 29.31 -6.86
CA GLN D 422 16.86 30.76 -6.77
C GLN D 422 17.78 31.17 -5.63
N GLU D 423 18.83 31.90 -5.95
CA GLU D 423 19.64 32.50 -4.89
C GLU D 423 18.84 33.59 -4.18
N MET D 424 19.14 33.81 -2.91
CA MET D 424 18.41 34.80 -2.12
C MET D 424 19.37 35.61 -1.26
N VAL D 425 18.88 36.77 -0.80
CA VAL D 425 19.63 37.67 0.08
C VAL D 425 18.81 37.87 1.35
N ASN D 426 19.41 37.57 2.49
CA ASN D 426 18.72 37.67 3.77
C ASN D 426 19.16 38.93 4.52
N TYR D 427 18.20 39.72 4.99
CA TYR D 427 18.49 40.94 5.73
C TYR D 427 17.21 41.40 6.43
N PHE D 428 17.38 42.34 7.36
CA PHE D 428 16.31 42.79 8.24
C PHE D 428 15.84 44.17 7.83
N LEU D 429 14.59 44.27 7.37
CA LEU D 429 13.90 45.55 7.21
C LEU D 429 12.87 45.75 8.33
N SER D 430 12.55 47.01 8.59
CA SER D 430 11.49 47.36 9.53
C SER D 430 10.39 48.12 8.81
N PRO D 431 9.11 47.93 9.19
CA PRO D 431 8.55 47.07 10.25
C PRO D 431 8.84 45.60 10.12
N ALA D 432 8.66 44.93 11.26
CA ALA D 432 9.16 43.57 11.37
C ALA D 432 8.43 42.85 12.49
N PHE D 433 8.29 41.54 12.32
CA PHE D 433 8.06 40.61 13.40
C PHE D 433 9.41 40.10 13.88
N ARG D 434 9.61 40.12 15.19
CA ARG D 434 10.84 39.73 15.84
C ARG D 434 10.50 38.66 16.87
N TYR D 435 11.49 37.82 17.19
CA TYR D 435 11.31 36.95 18.34
C TYR D 435 11.59 37.73 19.63
N GLN D 436 11.11 37.18 20.73
CA GLN D 436 11.28 37.81 22.03
C GLN D 436 11.42 36.71 23.07
N PRO D 437 11.96 37.02 24.24
CA PRO D 437 12.07 36.00 25.29
C PRO D 437 10.71 35.55 25.78
N ASP D 438 10.65 34.28 26.17
CA ASP D 438 9.48 33.76 26.84
C ASP D 438 9.26 34.55 28.13
N PRO D 439 8.04 34.99 28.40
CA PRO D 439 7.82 35.88 29.54
C PRO D 439 8.00 35.23 30.90
N TRP D 440 8.40 33.97 30.98
CA TRP D 440 8.56 33.35 32.30
C TRP D 440 10.01 33.04 32.61
CHA HEM E . -30.38 -15.81 -1.38
CHB HEM E . -30.31 -15.32 3.44
CHC HEM E . -34.95 -13.87 3.17
CHD HEM E . -35.22 -15.07 -1.55
C1A HEM E . -29.91 -15.74 -0.09
C2A HEM E . -28.56 -15.92 0.39
C3A HEM E . -28.54 -15.77 1.71
C4A HEM E . -29.89 -15.50 2.15
CMA HEM E . -27.30 -15.86 2.63
CAA HEM E . -27.30 -16.18 -0.47
CBA HEM E . -27.17 -14.95 -1.36
CGA HEM E . -25.75 -14.49 -1.45
O1A HEM E . -25.21 -14.61 -2.57
O2A HEM E . -25.15 -14.03 -0.44
C1B HEM E . -31.57 -14.89 3.81
C2B HEM E . -32.05 -14.65 5.16
C3B HEM E . -33.32 -14.26 5.10
C4B HEM E . -33.72 -14.23 3.69
CMB HEM E . -31.26 -14.82 6.48
CAB HEM E . -34.16 -13.91 6.37
CBB HEM E . -35.42 -13.49 6.34
C1C HEM E . -35.40 -14.01 1.87
C2C HEM E . -36.68 -13.53 1.35
C3C HEM E . -36.74 -13.85 0.05
C4C HEM E . -35.54 -14.57 -0.30
CMC HEM E . -37.75 -12.76 2.18
CAC HEM E . -37.89 -13.62 -0.97
CBC HEM E . -39.16 -13.84 -0.64
C1D HEM E . -33.91 -15.31 -1.93
C2D HEM E . -33.42 -15.53 -3.28
C3D HEM E . -32.12 -15.73 -3.22
C4D HEM E . -31.69 -15.66 -1.84
CMD HEM E . -34.23 -15.52 -4.59
CAD HEM E . -31.24 -16.00 -4.45
CBD HEM E . -30.42 -14.75 -4.69
CGD HEM E . -29.65 -14.98 -5.96
O1D HEM E . -29.22 -16.13 -6.22
O2D HEM E . -29.48 -13.99 -6.72
NA HEM E . -30.69 -15.51 1.02
NB HEM E . -32.61 -14.63 2.94
NC HEM E . -34.75 -14.64 0.83
ND HEM E . -32.81 -15.39 -1.08
FE HEM E . -32.80 -15.44 0.96
N1 H4B F . -22.49 -18.23 -2.45
C2 H4B F . -23.14 -17.09 -2.08
N2 H4B F . -23.95 -17.10 -0.99
N3 H4B F . -22.96 -15.95 -2.80
C4 H4B F . -22.18 -15.93 -3.89
O4 H4B F . -22.02 -14.86 -4.54
C4A H4B F . -21.52 -17.09 -4.28
C8A H4B F . -21.69 -18.25 -3.53
N5 H4B F . -20.72 -17.10 -5.36
N8 H4B F . -21.08 -19.40 -3.89
C6 H4B F . -20.57 -18.38 -6.03
C7 H4B F . -20.17 -19.47 -5.04
C9 H4B F . -19.62 -18.30 -7.22
O9 H4B F . -18.37 -17.65 -6.89
C10 H4B F . -19.30 -19.70 -7.71
C11 H4B F . -18.30 -19.63 -8.86
O10 H4B F . -20.51 -20.35 -8.11
C10 OUG G . -29.86 -11.85 0.05
C11 OUG G . -33.59 -11.51 0.62
C23 OUG G . -26.05 -12.00 -4.26
C24 OUG G . -26.50 -11.91 -5.56
C22 OUG G . -26.98 -12.00 -3.21
C21 OUG G . -28.35 -11.93 -3.45
C26 OUG G . -28.77 -11.82 -4.77
C02 OUG G . -30.27 -11.85 2.37
C03 OUG G . -31.64 -11.72 2.15
C04 OUG G . -32.11 -11.66 0.85
C06 OUG G . -31.64 -11.68 -1.54
C08 OUG G . -29.35 -11.89 -2.33
C09 OUG G . -28.94 -11.93 -1.00
C25 OUG G . -27.85 -11.81 -5.81
N28 OUG G . -23.88 -12.96 -4.95
C27 OUG G . -24.57 -12.10 -3.98
C07 OUG G . -30.71 -11.77 -2.58
C05 OUG G . -31.21 -11.73 -0.22
N02 OUG G . -29.78 -11.91 3.64
N01 OUG G . -29.43 -11.91 1.32
C1 BTB H . -2.66 0.40 12.58
O1 BTB H . -2.99 1.71 12.08
C2 BTB H . -1.75 0.42 13.81
C3 BTB H . -1.23 -1.02 13.99
O3 BTB H . 0.02 -1.14 14.68
C4 BTB H . -0.56 1.33 13.48
O4 BTB H . 0.08 1.96 14.61
N BTB H . -2.53 0.89 15.01
C5 BTB H . -3.76 0.11 15.20
C6 BTB H . -3.61 -0.79 16.42
O6 BTB H . -2.99 -0.07 17.49
C7 BTB H . -2.90 2.32 14.95
C8 BTB H . -3.43 2.81 16.29
O8 BTB H . -2.49 2.54 17.32
C1 BTB I . 0.08 -6.73 -0.71
O1 BTB I . -0.67 -5.54 -0.98
C2 BTB I . 1.53 -6.31 -0.57
C3 BTB I . 2.08 -6.05 -1.94
O3 BTB I . 1.40 -6.95 -2.83
C4 BTB I . 1.65 -5.04 0.25
O4 BTB I . 1.58 -3.92 -0.64
N BTB I . 2.27 -7.36 0.16
C5 BTB I . 3.06 -8.26 -0.70
C6 BTB I . 4.52 -8.05 -0.32
O6 BTB I . 4.61 -7.12 0.78
C7 BTB I . 1.35 -8.18 0.95
C8 BTB I . 2.06 -8.46 2.27
O8 BTB I . 3.04 -7.43 2.48
C1 BTB J . -4.07 7.71 -16.21
O1 BTB J . -3.36 7.11 -15.11
C2 BTB J . -4.26 9.12 -15.74
C3 BTB J . -5.46 9.78 -16.40
O3 BTB J . -5.33 10.06 -17.80
C4 BTB J . -4.52 9.04 -14.25
O4 BTB J . -5.75 9.71 -13.97
N BTB J . -3.07 9.93 -15.92
C5 BTB J . -3.45 11.33 -15.53
C6 BTB J . -3.37 12.47 -16.56
O6 BTB J . -4.20 12.22 -17.70
C7 BTB J . -2.44 9.75 -17.25
C8 BTB J . -0.99 10.19 -17.21
O8 BTB J . -0.85 11.41 -17.97
C1 BTB K . -44.24 8.89 -24.04
O1 BTB K . -44.82 9.16 -25.33
C2 BTB K . -44.37 10.11 -23.11
C3 BTB K . -43.27 9.98 -22.05
O3 BTB K . -43.68 10.64 -20.85
C4 BTB K . -44.01 11.39 -23.87
O4 BTB K . -42.61 11.36 -24.17
N BTB K . -45.73 10.17 -22.50
C5 BTB K . -46.29 8.81 -22.39
C6 BTB K . -47.64 8.69 -21.68
O6 BTB K . -47.60 9.38 -20.42
C7 BTB K . -46.63 11.03 -23.30
C8 BTB K . -47.45 11.98 -22.42
O8 BTB K . -48.83 11.59 -22.44
ZN ZN L . -24.39 -30.67 -11.64
C ACT M . -32.75 -17.34 10.10
O ACT M . -32.57 -16.18 10.53
OXT ACT M . -32.23 -18.35 10.64
CH3 ACT M . -33.58 -17.50 8.87
C1 GOL N . -56.92 -5.68 -1.49
O1 GOL N . -55.72 -5.10 -1.97
C2 GOL N . -56.78 -5.77 0.02
O2 GOL N . -55.46 -6.18 0.33
C3 GOL N . -57.81 -6.73 0.60
O3 GOL N . -57.20 -7.93 1.00
GD GD O . 0.05 0.40 16.79
CHA HEM P . -7.77 -34.99 -3.50
CHB HEM P . -4.15 -32.03 -2.16
CHC HEM P . -0.90 -34.75 -4.53
CHD HEM P . -4.59 -37.29 -6.39
C1A HEM P . -7.08 -33.99 -2.86
C2A HEM P . -7.59 -33.05 -1.87
C3A HEM P . -6.57 -32.24 -1.50
C4A HEM P . -5.39 -32.63 -2.23
CMA HEM P . -6.62 -31.09 -0.48
CAA HEM P . -9.04 -33.08 -1.35
CBA HEM P . -9.11 -34.33 -0.47
CGA HEM P . -10.11 -34.22 0.64
O1A HEM P . -10.36 -33.09 1.13
O2A HEM P . -10.63 -35.28 1.07
C1B HEM P . -2.96 -32.50 -2.66
C2B HEM P . -1.64 -31.92 -2.43
C3B HEM P . -0.73 -32.65 -3.08
C4B HEM P . -1.43 -33.75 -3.76
CMB HEM P . -1.31 -30.67 -1.57
CAB HEM P . 0.78 -32.32 -3.04
CBB HEM P . 1.64 -32.73 -3.97
C1C HEM P . -1.61 -35.73 -5.21
C2C HEM P . -1.03 -36.85 -5.94
C3C HEM P . -2.05 -37.58 -6.44
C4C HEM P . -3.30 -36.92 -6.06
CMC HEM P . 0.50 -37.12 -6.04
CAC HEM P . -1.99 -38.85 -7.31
CBC HEM P . -0.96 -39.08 -8.14
C1D HEM P . -5.75 -36.94 -5.72
C2D HEM P . -7.02 -37.61 -5.82
C3D HEM P . -7.90 -36.98 -5.03
C4D HEM P . -7.21 -35.87 -4.40
CMD HEM P . -7.19 -38.86 -6.75
CAD HEM P . -9.38 -37.28 -4.72
CBD HEM P . -10.12 -37.77 -5.95
CGD HEM P . -11.53 -38.15 -5.63
O1D HEM P . -11.83 -38.20 -4.39
O2D HEM P . -12.34 -38.43 -6.58
NA HEM P . -5.75 -33.69 -3.04
NB HEM P . -2.79 -33.61 -3.49
NC HEM P . -2.98 -35.82 -5.31
ND HEM P . -5.91 -35.87 -4.84
FE HEM P . -4.46 -34.54 -4.44
N1 H4B Q . -14.28 -31.15 0.01
C2 H4B Q . -13.13 -31.79 0.33
N2 H4B Q . -11.94 -31.33 -0.16
N3 H4B Q . -13.16 -32.89 1.12
C4 H4B Q . -14.32 -33.39 1.59
O4 H4B Q . -14.30 -34.41 2.32
C4A H4B Q . -15.52 -32.73 1.28
C8A H4B Q . -15.47 -31.60 0.47
N5 H4B Q . -16.73 -33.16 1.72
N8 H4B Q . -16.58 -30.93 0.10
C6 H4B Q . -17.85 -32.83 0.86
C7 H4B Q . -17.89 -31.33 0.58
C9 H4B Q . -19.18 -33.40 1.36
O9 H4B Q . -19.21 -33.45 2.80
C10 H4B Q . -20.34 -32.57 0.83
C11 H4B Q . -21.69 -33.09 1.32
O10 H4B Q . -20.31 -32.58 -0.60
C10 OUG R . -5.16 -36.05 -0.23
C11 OUG R . -2.42 -37.37 -2.47
C23 OUG R . -10.31 -38.25 1.18
C24 OUG R . -11.11 -38.69 0.13
C22 OUG R . -9.00 -37.84 0.98
C21 OUG R . -8.50 -37.86 -0.30
C26 OUG R . -9.28 -38.31 -1.37
C02 OUG R . -3.27 -34.69 0.09
C03 OUG R . -2.53 -35.43 -0.83
C04 OUG R . -3.15 -36.50 -1.46
C06 OUG R . -5.05 -37.88 -1.80
C08 OUG R . -7.09 -37.44 -0.57
C09 OUG R . -6.49 -36.37 0.08
C25 OUG R . -10.59 -38.72 -1.16
N28 OUG R . -11.99 -37.22 2.51
C27 OUG R . -10.91 -38.22 2.57
C07 OUG R . -6.37 -38.17 -1.51
C05 OUG R . -4.46 -36.81 -1.17
N02 OUG R . -2.72 -33.63 0.72
N01 OUG R . -4.55 -35.01 0.37
C ACT S . 1.43 -26.90 -3.78
O ACT S . 1.11 -25.67 -3.80
OXT ACT S . 2.19 -27.36 -2.91
CH3 ACT S . 0.71 -27.85 -4.69
C1 BTB T . 4.86 -13.89 25.57
O1 BTB T . 4.79 -12.76 24.69
C2 BTB T . 3.87 -14.97 25.15
C3 BTB T . 2.88 -14.45 24.10
O3 BTB T . 1.91 -15.46 23.74
C4 BTB T . 4.61 -16.17 24.55
O4 BTB T . 3.82 -17.35 24.78
N BTB T . 3.14 -15.43 26.36
C5 BTB T . 1.97 -14.61 26.71
C6 BTB T . 1.11 -15.39 27.70
O6 BTB T . -0.15 -15.72 27.12
C7 BTB T . 4.03 -15.66 27.52
C8 BTB T . 4.06 -17.14 27.86
O8 BTB T . 2.73 -17.68 27.85
C1 BTB U . -5.67 -71.34 -0.06
O1 BTB U . -6.45 -72.19 -0.91
C2 BTB U . -4.27 -71.10 -0.65
C3 BTB U . -3.84 -72.28 -1.51
O3 BTB U . -2.98 -71.74 -2.53
C4 BTB U . -4.37 -69.93 -1.59
O4 BTB U . -5.08 -68.93 -0.85
N BTB U . -3.28 -70.79 0.42
C5 BTB U . -1.97 -71.43 0.17
C6 BTB U . -0.90 -70.85 1.09
O6 BTB U . -0.58 -69.56 0.59
C7 BTB U . -3.76 -71.26 1.73
C8 BTB U . -4.03 -70.02 2.57
O8 BTB U . -4.19 -68.97 1.61
C1 BTB V . -15.12 -32.93 23.97
O1 BTB V . -16.26 -33.53 23.33
C2 BTB V . -15.08 -33.23 25.46
C3 BTB V . -16.24 -34.16 25.79
O3 BTB V . -16.13 -35.34 24.97
C4 BTB V . -13.76 -33.90 25.84
O4 BTB V . -13.47 -35.00 24.97
N BTB V . -15.14 -31.95 26.23
C5 BTB V . -15.13 -32.21 27.68
C6 BTB V . -13.99 -31.44 28.35
O6 BTB V . -14.37 -30.98 29.65
C7 BTB V . -16.32 -31.15 25.88
C8 BTB V . -15.88 -29.71 25.70
O8 BTB V . -15.38 -29.11 26.91
GD GD W . 1.37 -17.35 25.43
GD GD X . -0.67 1.66 -18.87
CHA HEM Y . 30.83 18.59 -2.71
CHB HEM Y . 29.66 13.93 -1.93
CHC HEM Y . 34.36 12.71 -2.00
CHD HEM Y . 35.52 17.43 -2.43
C1A HEM Y . 30.11 17.43 -2.59
C2A HEM Y . 28.69 17.28 -2.80
C3A HEM Y . 28.38 15.99 -2.59
C4A HEM Y . 29.58 15.27 -2.23
CMA HEM Y . 26.96 15.39 -2.71
CAA HEM Y . 27.66 18.35 -3.20
CBA HEM Y . 27.97 18.88 -4.60
CGA HEM Y . 26.68 19.12 -5.35
O1A HEM Y . 25.66 18.45 -5.04
O2A HEM Y . 26.69 19.98 -6.28
C1B HEM Y . 30.82 13.20 -1.83
C2B HEM Y . 30.92 11.79 -1.47
C3B HEM Y . 32.21 11.44 -1.48
C4B HEM Y . 32.99 12.61 -1.86
CMB HEM Y . 29.72 10.87 -1.14
CAB HEM Y . 32.70 9.99 -1.16
CBB HEM Y . 33.99 9.65 -1.04
C1C HEM Y . 35.09 13.87 -2.16
C2C HEM Y . 36.54 13.96 -2.36
C3C HEM Y . 36.86 15.27 -2.47
C4C HEM Y . 35.63 16.05 -2.36
CMC HEM Y . 37.49 12.73 -2.42
CAC HEM Y . 38.25 15.94 -2.68
CBC HEM Y . 39.42 15.30 -2.57
C1D HEM Y . 34.37 18.17 -2.61
C2D HEM Y . 34.26 19.58 -2.97
C3D HEM Y . 32.96 19.92 -3.04
C4D HEM Y . 32.21 18.71 -2.73
CMD HEM Y . 35.49 20.49 -3.21
CAD HEM Y . 32.26 21.28 -3.39
CBD HEM Y . 32.92 22.60 -2.94
CGD HEM Y . 32.91 22.87 -1.45
O1D HEM Y . 32.94 21.93 -0.62
O2D HEM Y . 32.88 24.07 -1.07
NA HEM Y . 30.63 16.19 -2.23
NB HEM Y . 32.10 13.66 -2.05
NC HEM Y . 34.58 15.15 -2.17
ND HEM Y . 33.08 17.68 -2.48
FE HEM Y . 32.62 15.72 -1.92
N1 H4B Z . 23.27 21.87 -2.85
C2 H4B Z . 24.03 20.99 -3.55
N2 H4B Z . 24.47 19.86 -2.93
N3 H4B Z . 24.33 21.21 -4.84
C4 H4B Z . 23.89 22.35 -5.46
O4 H4B Z . 24.17 22.57 -6.66
C4A H4B Z . 23.12 23.26 -4.74
C8A H4B Z . 22.82 23.01 -3.41
N5 H4B Z . 22.67 24.39 -5.33
N8 H4B Z . 22.09 23.88 -2.68
C6 H4B Z . 22.33 25.51 -4.49
C7 H4B Z . 21.53 25.11 -3.24
C9 H4B Z . 21.59 26.57 -5.32
O9 H4B Z . 20.46 25.99 -5.98
C10 H4B Z . 21.10 27.70 -4.42
C11 H4B Z . 20.44 28.80 -5.23
O10 H4B Z . 22.23 28.21 -3.69
C10 OUG AA . 30.70 15.66 -6.01
C11 OUG AA . 34.07 14.11 -5.27
C23 OUG AA . 28.97 20.69 -8.30
C24 OUG AA . 29.63 21.83 -7.84
C22 OUG AA . 29.41 19.43 -7.93
C21 OUG AA . 30.51 19.31 -7.08
C26 OUG AA . 31.16 20.45 -6.63
C02 OUG AA . 30.38 13.41 -5.38
C03 OUG AA . 31.75 13.22 -5.21
C04 OUG AA . 32.59 14.28 -5.43
C06 OUG AA . 32.92 16.58 -6.08
C08 OUG AA . 31.01 17.97 -6.66
C09 OUG AA . 30.16 16.89 -6.42
C25 OUG AA . 30.73 21.72 -7.00
N28 OUG AA . 26.64 21.40 -8.43
C27 OUG AA . 27.77 20.83 -9.20
C07 OUG AA . 32.38 17.80 -6.47
C05 OUG AA . 32.07 15.50 -5.83
N02 OUG AA . 29.55 12.37 -5.15
N01 OUG AA . 29.89 14.59 -5.77
C1 BTB BA . 3.47 4.34 -19.90
O1 BTB BA . 3.46 5.01 -21.16
C2 BTB BA . 2.20 3.53 -19.69
C3 BTB BA . 1.53 3.97 -18.39
O3 BTB BA . 0.13 4.24 -18.54
C4 BTB BA . 1.28 3.75 -20.89
O4 BTB BA . 0.41 2.64 -21.13
N BTB BA . 2.60 2.10 -19.61
C5 BTB BA . 3.46 1.87 -18.44
C6 BTB BA . 2.79 0.84 -17.55
O6 BTB BA . 1.65 0.35 -18.28
C7 BTB BA . 3.32 1.69 -20.83
C8 BTB BA . 3.56 0.18 -20.86
O8 BTB BA . 2.31 -0.52 -20.79
C1 BTB CA . 2.57 20.41 -17.60
O1 BTB CA . 2.86 19.30 -16.73
C2 BTB CA . 1.43 20.01 -18.54
C3 BTB CA . 1.28 21.11 -19.56
O3 BTB CA . 2.63 21.36 -19.97
C4 BTB CA . 1.87 18.82 -19.37
O4 BTB CA . 3.14 19.18 -19.92
N BTB CA . 0.17 19.76 -17.81
C5 BTB CA . 0.03 20.46 -16.51
C6 BTB CA . -0.52 21.88 -16.68
O6 BTB CA . 0.59 22.72 -17.01
C7 BTB CA . 0.02 18.34 -17.52
C8 BTB CA . -1.37 18.03 -18.01
O8 BTB CA . -1.45 18.64 -19.30
C1 BTB DA . 55.87 25.24 -28.94
O1 BTB DA . 56.17 23.86 -28.66
C2 BTB DA . 54.81 25.41 -30.04
C3 BTB DA . 54.78 26.86 -30.46
O3 BTB DA . 54.97 27.72 -29.32
C4 BTB DA . 55.26 24.58 -31.25
O4 BTB DA . 55.92 23.39 -30.82
N BTB DA . 53.43 25.05 -29.61
C5 BTB DA . 53.30 24.76 -28.15
C6 BTB DA . 52.90 26.02 -27.39
O6 BTB DA . 54.04 26.84 -27.13
C7 BTB DA . 52.82 23.96 -30.37
C8 BTB DA . 51.76 24.54 -31.30
O8 BTB DA . 52.33 25.65 -32.01
ZN ZN EA . 25.58 34.34 5.91
C ACT FA . 30.08 7.75 2.71
O ACT FA . 29.55 7.82 3.85
OXT ACT FA . 29.78 6.84 1.91
CH3 ACT FA . 31.02 8.83 2.28
C1 GOL GA . 58.54 9.03 -5.63
O1 GOL GA . 57.82 10.08 -6.25
C2 GOL GA . 57.57 8.09 -4.90
O2 GOL GA . 56.31 8.70 -4.79
C3 GOL GA . 58.06 7.82 -3.48
O3 GOL GA . 57.03 8.22 -2.61
CHA HEM HA . 6.92 31.87 8.49
CHB HEM HA . 3.68 30.18 5.33
CHC HEM HA . 0.71 33.89 6.35
CHD HEM HA . 4.27 35.94 8.99
C1A HEM HA . 6.26 31.03 7.63
C2A HEM HA . 6.62 29.66 7.32
C3A HEM HA . 5.73 29.18 6.46
C4A HEM HA . 4.77 30.25 6.18
CMA HEM HA . 5.68 27.77 5.82
CAA HEM HA . 7.83 28.94 7.95
CBA HEM HA . 7.19 28.09 9.02
CGA HEM HA . 8.17 27.07 9.53
O1A HEM HA . 8.40 26.04 8.83
O2A HEM HA . 8.70 27.31 10.63
C1B HEM HA . 2.59 31.03 5.32
C2B HEM HA . 1.39 30.86 4.52
C3B HEM HA . 0.56 31.86 4.77
C4B HEM HA . 1.20 32.74 5.77
CMB HEM HA . 1.12 29.69 3.54
CAB HEM HA . -0.83 31.96 4.09
CBB HEM HA . -1.63 33.01 4.18
C1C HEM HA . 1.40 34.75 7.21
C2C HEM HA . 0.85 35.93 7.88
C3C HEM HA . 1.84 36.50 8.62
C4C HEM HA . 3.04 35.70 8.41
CMC HEM HA . -0.62 36.39 7.74
CAC HEM HA . 1.85 37.77 9.49
CBC HEM HA . 1.05 38.81 9.29
C1D HEM HA . 5.29 35.01 9.11
C2D HEM HA . 6.50 35.12 9.90
C3D HEM HA . 7.21 34.00 9.75
C4D HEM HA . 6.50 33.12 8.87
CMD HEM HA . 6.92 36.31 10.77
CAD HEM HA . 8.56 33.68 10.40
CBD HEM HA . 8.22 32.96 11.70
CGD HEM HA . 9.54 32.70 12.37
O1D HEM HA . 10.56 33.30 11.93
O2D HEM HA . 9.58 31.93 13.35
NA HEM HA . 5.14 31.35 6.92
NB HEM HA . 2.43 32.20 6.07
NC HEM HA . 2.71 34.66 7.56
ND HEM HA . 5.33 33.77 8.50
FE HEM HA . 4.07 33.11 7.00
N1 H4B IA . 12.80 25.94 7.78
C2 H4B IA . 11.52 26.11 8.21
N2 H4B IA . 10.58 26.56 7.34
N3 H4B IA . 11.20 25.85 9.51
C4 H4B IA . 12.13 25.42 10.38
O4 H4B IA . 11.82 25.19 11.57
C4A H4B IA . 13.45 25.24 9.94
C8A H4B IA . 13.77 25.51 8.62
N5 H4B IA . 14.42 24.81 10.77
N8 H4B IA . 15.03 25.35 8.14
C6 H4B IA . 15.79 25.16 10.42
C7 H4B IA . 16.12 24.83 8.97
C9 H4B IA . 16.75 24.54 11.44
O9 H4B IA . 16.31 23.21 11.75
C10 H4B IA . 18.17 24.47 10.89
C11 H4B IA . 19.16 24.10 12.00
O10 H4B IA . 18.56 25.71 10.30
C10 OUG JA . 3.44 29.68 10.03
C11 OUG JA . 1.40 32.87 9.93
C23 OUG JA . 7.53 27.30 13.25
C24 OUG JA . 8.39 28.11 13.96
C22 OUG JA . 6.47 27.88 12.53
C21 OUG JA . 6.28 29.25 12.50
C26 OUG JA . 7.15 30.04 13.22
C02 OUG JA . 1.82 29.45 8.36
C03 OUG JA . 1.32 30.72 8.62
C04 OUG JA . 1.91 31.48 9.62
C06 OUG JA . 3.60 31.70 11.32
C08 OUG JA . 5.14 29.85 11.72
C09 OUG JA . 4.51 29.14 10.73
C25 OUG JA . 8.19 29.49 13.94
N28 OUG JA . 9.01 25.45 12.58
C27 OUG JA . 7.74 25.80 13.26
C07 OUG JA . 4.69 31.14 12.00
C05 OUG JA . 2.98 30.97 10.32
N02 OUG JA . 1.28 28.68 7.40
N01 OUG JA . 2.85 28.96 9.06
C ACT KA . -0.44 30.94 -0.65
O ACT KA . -1.28 30.04 -0.45
OXT ACT KA . 0.14 31.09 -1.74
CH3 ACT KA . -0.03 31.83 0.49
C1 BTB LA . -9.26 -0.13 -4.08
O1 BTB LA . -8.83 -1.33 -4.72
C2 BTB LA . -8.28 0.39 -3.03
C3 BTB LA . -6.98 0.90 -3.66
O3 BTB LA . -6.23 1.69 -2.71
C4 BTB LA . -8.92 1.58 -2.30
O4 BTB LA . -8.45 1.66 -0.95
N BTB LA . -7.93 -0.67 -2.02
C5 BTB LA . -6.77 -1.48 -2.43
C6 BTB LA . -6.34 -2.33 -1.23
O6 BTB LA . -5.09 -1.86 -0.72
C7 BTB LA . -9.05 -1.45 -1.47
C8 BTB LA . -9.35 -0.98 -0.03
O8 BTB LA . -8.16 -0.94 0.78
C1 BTB MA . -3.53 41.21 41.72
O1 BTB MA . -3.37 40.32 40.60
C2 BTB MA . -3.48 42.67 41.30
C3 BTB MA . -3.20 43.47 42.57
O3 BTB MA . -1.78 43.48 42.81
C4 BTB MA . -2.37 42.96 40.32
O4 BTB MA . -1.22 42.23 40.75
N BTB MA . -4.74 43.12 40.64
C5 BTB MA . -5.33 44.30 41.33
C6 BTB MA . -5.05 45.54 40.50
O6 BTB MA . -4.49 45.08 39.26
C7 BTB MA . -5.79 42.09 40.54
C8 BTB MA . -6.97 42.69 39.79
O8 BTB MA . -6.51 43.41 38.64
C1 BTB NA . 6.73 4.57 20.20
O1 BTB NA . 5.40 4.95 20.53
C2 BTB NA . 6.69 3.67 18.97
C3 BTB NA . 6.08 2.33 19.35
O3 BTB NA . 6.50 2.00 20.69
C4 BTB NA . 5.77 4.35 17.97
O4 BTB NA . 4.41 4.20 18.37
N BTB NA . 8.02 3.51 18.31
C5 BTB NA . 8.54 2.13 18.43
C6 BTB NA . 9.13 1.67 17.10
O6 BTB NA . 8.21 1.95 16.03
C7 BTB NA . 9.03 4.45 18.84
C8 BTB NA . 9.16 5.67 17.92
O8 BTB NA . 9.34 5.24 16.57
C1 BTB OA . 16.85 0.72 16.68
O1 BTB OA . 17.89 1.70 16.64
C2 BTB OA . 15.70 1.11 15.75
C3 BTB OA . 15.38 2.59 15.93
O3 BTB OA . 14.57 3.04 14.83
C4 BTB OA . 16.09 0.92 14.28
O4 BTB OA . 16.98 -0.19 14.11
N BTB OA . 14.51 0.28 16.07
C5 BTB OA . 14.01 0.62 17.42
C6 BTB OA . 12.59 1.18 17.35
O6 BTB OA . 11.90 0.59 16.24
C7 BTB OA . 14.85 -1.16 16.06
C8 BTB OA . 14.07 -1.93 14.99
O8 BTB OA . 13.61 -1.02 13.97
GD GD PA . -6.22 0.66 -0.26
#